data_3J05
# 
_entry.id   3J05 
# 
_audit_conform.dict_name       mmcif_pdbx.dic 
_audit_conform.dict_version    5.387 
_audit_conform.dict_location   http://mmcif.pdb.org/dictionaries/ascii/mmcif_pdbx.dic 
# 
loop_
_database_2.database_id 
_database_2.database_code 
_database_2.pdbx_database_accession 
_database_2.pdbx_DOI 
PDB   3J05         pdb_00003j05 10.2210/pdb3j05/pdb 
RCSB  RCSB160083   ?            ?                   
WWPDB D_1000160083 ?            ?                   
# 
loop_
_pdbx_audit_revision_history.ordinal 
_pdbx_audit_revision_history.data_content_type 
_pdbx_audit_revision_history.major_revision 
_pdbx_audit_revision_history.minor_revision 
_pdbx_audit_revision_history.revision_date 
1 'Structure model' 1 0 2012-07-04 
2 'Structure model' 1 1 2018-07-18 
3 'Structure model' 1 2 2024-02-21 
# 
_pdbx_audit_revision_details.ordinal             1 
_pdbx_audit_revision_details.revision_ordinal    1 
_pdbx_audit_revision_details.data_content_type   'Structure model' 
_pdbx_audit_revision_details.provider            repository 
_pdbx_audit_revision_details.type                'Initial release' 
_pdbx_audit_revision_details.description         ? 
_pdbx_audit_revision_details.details             ? 
# 
loop_
_pdbx_audit_revision_group.ordinal 
_pdbx_audit_revision_group.revision_ordinal 
_pdbx_audit_revision_group.data_content_type 
_pdbx_audit_revision_group.group 
1 2 'Structure model' 'Data collection'        
2 3 'Structure model' 'Data collection'        
3 3 'Structure model' 'Database references'    
4 3 'Structure model' 'Derived calculations'   
5 3 'Structure model' 'Refinement description' 
# 
loop_
_pdbx_audit_revision_category.ordinal 
_pdbx_audit_revision_category.revision_ordinal 
_pdbx_audit_revision_category.data_content_type 
_pdbx_audit_revision_category.category 
1 2 'Structure model' em_image_scans                
2 2 'Structure model' em_software                   
3 3 'Structure model' chem_comp_atom                
4 3 'Structure model' chem_comp_bond                
5 3 'Structure model' database_2                    
6 3 'Structure model' em_3d_fitting_list            
7 3 'Structure model' pdbx_initial_refinement_model 
8 3 'Structure model' pdbx_struct_oper_list         
# 
loop_
_pdbx_audit_revision_item.ordinal 
_pdbx_audit_revision_item.revision_ordinal 
_pdbx_audit_revision_item.data_content_type 
_pdbx_audit_revision_item.item 
1  2 'Structure model' '_em_software.image_processing_id'                
2  3 'Structure model' '_database_2.pdbx_DOI'                            
3  3 'Structure model' '_database_2.pdbx_database_accession'             
4  3 'Structure model' '_em_3d_fitting_list.accession_code'              
5  3 'Structure model' '_em_3d_fitting_list.initial_refinement_model_id' 
6  3 'Structure model' '_em_3d_fitting_list.source_name'                 
7  3 'Structure model' '_em_3d_fitting_list.type'                        
8  3 'Structure model' '_pdbx_struct_oper_list.name'                     
9  3 'Structure model' '_pdbx_struct_oper_list.symmetry_operation'       
10 3 'Structure model' '_pdbx_struct_oper_list.type'                     
# 
_pdbx_database_status.status_code                     REL 
_pdbx_database_status.entry_id                        3J05 
_pdbx_database_status.recvd_initial_deposition_date   2011-04-01 
_pdbx_database_status.deposit_site                    RCSB 
_pdbx_database_status.process_site                    RCSB 
_pdbx_database_status.status_code_sf                  ? 
_pdbx_database_status.status_code_mr                  ? 
_pdbx_database_status.SG_entry                        ? 
_pdbx_database_status.status_code_cs                  ? 
_pdbx_database_status.methods_development_category    ? 
_pdbx_database_status.pdb_format_compatible           Y 
_pdbx_database_status.status_code_nmr_data            ? 
# 
_pdbx_database_related.db_name        EMDB 
_pdbx_database_related.db_id          EMD-5268 
_pdbx_database_related.content_type   'associated EM volume' 
_pdbx_database_related.details        . 
# 
loop_
_audit_author.name 
_audit_author.pdbx_ordinal 
'Teoh, E.P.'    1  
'Kukkaro, P.'   2  
'Teo, E.W.'     3  
'Lim, A.'       4  
'Tan, T.T.'     5  
'Shi, P.Y.'     6  
'Yip, A.'       7  
'Schul, W.'     8  
'Leo, Y.S.'     9  
'Chan, S.H.'    10 
'Smith, K.G.C.' 11 
'Ooi, E.E.'     12 
'Kemeny, D.M.'  13 
'Ng, G.'        14 
'Ng, M.L.'      15 
'Alonso, S.'    16 
'Fisher, D.'    17 
'Hanson, B.'    18 
'Lok, S.M.'     19 
'MacAry, P.A.'  20 
# 
_citation.id                        primary 
_citation.title                     
'The structural basis for serotype-specific neutralization of dengue virus by a human antibody.' 
_citation.journal_abbrev            'Sci Transl Med' 
_citation.journal_volume            4 
_citation.page_first                139ra83 
_citation.page_last                 139ra83 
_citation.year                      2012 
_citation.journal_id_ASTM           ? 
_citation.country                   US 
_citation.journal_id_ISSN           1946-6234 
_citation.journal_id_CSD            ? 
_citation.book_publisher            ? 
_citation.pdbx_database_id_PubMed   22723463 
_citation.pdbx_database_id_DOI      10.1126/scitranslmed.3003888 
# 
loop_
_citation_author.citation_id 
_citation_author.name 
_citation_author.ordinal 
_citation_author.identifier_ORCID 
primary 'Teoh, E.P.'         1  ? 
primary 'Kukkaro, P.'        2  ? 
primary 'Teo, E.W.'          3  ? 
primary 'Lim, A.P.'          4  ? 
primary 'Tan, T.T.'          5  ? 
primary 'Yip, A.'            6  ? 
primary 'Schul, W.'          7  ? 
primary 'Aung, M.'           8  ? 
primary 'Kostyuchenko, V.A.' 9  ? 
primary 'Leo, Y.S.'          10 ? 
primary 'Chan, S.H.'         11 ? 
primary 'Smith, K.G.'        12 ? 
primary 'Chan, A.H.'         13 ? 
primary 'Zou, G.'            14 ? 
primary 'Ooi, E.E.'          15 ? 
primary 'Kemeny, D.M.'       16 ? 
primary 'Tan, G.K.'          17 ? 
primary 'Ng, J.K.'           18 ? 
primary 'Ng, M.L.'           19 ? 
primary 'Alonso, S.'         20 ? 
primary 'Fisher, D.'         21 ? 
primary 'Shi, P.Y.'          22 ? 
primary 'Hanson, B.J.'       23 ? 
primary 'Lok, S.M.'          24 ? 
primary 'Macary, P.A.'       25 ? 
# 
_entity.id                         1 
_entity.type                       polymer 
_entity.src_method                 man 
_entity.pdbx_description           'envelope protein' 
_entity.formula_weight             43750.883 
_entity.pdbx_number_of_molecules   3 
_entity.pdbx_ec                    ? 
_entity.pdbx_mutation              ? 
_entity.pdbx_fragment              ? 
_entity.details                    ? 
# 
_entity_poly.entity_id                      1 
_entity_poly.type                           'polypeptide(L)' 
_entity_poly.nstd_linkage                   no 
_entity_poly.nstd_monomer                   no 
_entity_poly.pdbx_seq_one_letter_code       
;MRCVGIGNRDFVEGLSGATWVDVVLEHGSCVTTMAKDKPTLDIELLKTEVTNPAVLRKLCIEAKISNTTTDSRCPTQGEA
TLVEEQDANFVCRRTFVDRGWGNGCGLFGKGSLLTCAKFKCVTKLEGKIVQYENLKYSVIVTVHTGDQHQVGNETTEHGT
IATITPQAPTSEIQLTDYGALTLDCSPRTGLDFNEMVLLTMKEKSWLVHKQWFLDLPLPWTSGASTSQETWNRQDLLVTF
KTAHAKKQEAVVLGSQEGAMHTALTGATEIQTSGTTTIFAGHLKCRLKMDKLTLKGISYVMCTGSFKLEKEVAETQHGTV
LVQVKYEGTDAPCKIPFSSQDEKGVTQNGRLVTANPIVTDKEKPVNIEAEPPFGESYIVVGAGEKALKLSWFKKGSSIGK
;
_entity_poly.pdbx_seq_one_letter_code_can   
;MRCVGIGNRDFVEGLSGATWVDVVLEHGSCVTTMAKDKPTLDIELLKTEVTNPAVLRKLCIEAKISNTTTDSRCPTQGEA
TLVEEQDANFVCRRTFVDRGWGNGCGLFGKGSLLTCAKFKCVTKLEGKIVQYENLKYSVIVTVHTGDQHQVGNETTEHGT
IATITPQAPTSEIQLTDYGALTLDCSPRTGLDFNEMVLLTMKEKSWLVHKQWFLDLPLPWTSGASTSQETWNRQDLLVTF
KTAHAKKQEAVVLGSQEGAMHTALTGATEIQTSGTTTIFAGHLKCRLKMDKLTLKGISYVMCTGSFKLEKEVAETQHGTV
LVQVKYEGTDAPCKIPFSSQDEKGVTQNGRLVTANPIVTDKEKPVNIEAEPPFGESYIVVGAGEKALKLSWFKKGSSIGK
;
_entity_poly.pdbx_strand_id                 A,B,C 
_entity_poly.pdbx_target_identifier         ? 
# 
loop_
_entity_poly_seq.entity_id 
_entity_poly_seq.num 
_entity_poly_seq.mon_id 
_entity_poly_seq.hetero 
1 1   MET n 
1 2   ARG n 
1 3   CYS n 
1 4   VAL n 
1 5   GLY n 
1 6   ILE n 
1 7   GLY n 
1 8   ASN n 
1 9   ARG n 
1 10  ASP n 
1 11  PHE n 
1 12  VAL n 
1 13  GLU n 
1 14  GLY n 
1 15  LEU n 
1 16  SER n 
1 17  GLY n 
1 18  ALA n 
1 19  THR n 
1 20  TRP n 
1 21  VAL n 
1 22  ASP n 
1 23  VAL n 
1 24  VAL n 
1 25  LEU n 
1 26  GLU n 
1 27  HIS n 
1 28  GLY n 
1 29  SER n 
1 30  CYS n 
1 31  VAL n 
1 32  THR n 
1 33  THR n 
1 34  MET n 
1 35  ALA n 
1 36  LYS n 
1 37  ASP n 
1 38  LYS n 
1 39  PRO n 
1 40  THR n 
1 41  LEU n 
1 42  ASP n 
1 43  ILE n 
1 44  GLU n 
1 45  LEU n 
1 46  LEU n 
1 47  LYS n 
1 48  THR n 
1 49  GLU n 
1 50  VAL n 
1 51  THR n 
1 52  ASN n 
1 53  PRO n 
1 54  ALA n 
1 55  VAL n 
1 56  LEU n 
1 57  ARG n 
1 58  LYS n 
1 59  LEU n 
1 60  CYS n 
1 61  ILE n 
1 62  GLU n 
1 63  ALA n 
1 64  LYS n 
1 65  ILE n 
1 66  SER n 
1 67  ASN n 
1 68  THR n 
1 69  THR n 
1 70  THR n 
1 71  ASP n 
1 72  SER n 
1 73  ARG n 
1 74  CYS n 
1 75  PRO n 
1 76  THR n 
1 77  GLN n 
1 78  GLY n 
1 79  GLU n 
1 80  ALA n 
1 81  THR n 
1 82  LEU n 
1 83  VAL n 
1 84  GLU n 
1 85  GLU n 
1 86  GLN n 
1 87  ASP n 
1 88  ALA n 
1 89  ASN n 
1 90  PHE n 
1 91  VAL n 
1 92  CYS n 
1 93  ARG n 
1 94  ARG n 
1 95  THR n 
1 96  PHE n 
1 97  VAL n 
1 98  ASP n 
1 99  ARG n 
1 100 GLY n 
1 101 TRP n 
1 102 GLY n 
1 103 ASN n 
1 104 GLY n 
1 105 CYS n 
1 106 GLY n 
1 107 LEU n 
1 108 PHE n 
1 109 GLY n 
1 110 LYS n 
1 111 GLY n 
1 112 SER n 
1 113 LEU n 
1 114 LEU n 
1 115 THR n 
1 116 CYS n 
1 117 ALA n 
1 118 LYS n 
1 119 PHE n 
1 120 LYS n 
1 121 CYS n 
1 122 VAL n 
1 123 THR n 
1 124 LYS n 
1 125 LEU n 
1 126 GLU n 
1 127 GLY n 
1 128 LYS n 
1 129 ILE n 
1 130 VAL n 
1 131 GLN n 
1 132 TYR n 
1 133 GLU n 
1 134 ASN n 
1 135 LEU n 
1 136 LYS n 
1 137 TYR n 
1 138 SER n 
1 139 VAL n 
1 140 ILE n 
1 141 VAL n 
1 142 THR n 
1 143 VAL n 
1 144 HIS n 
1 145 THR n 
1 146 GLY n 
1 147 ASP n 
1 148 GLN n 
1 149 HIS n 
1 150 GLN n 
1 151 VAL n 
1 152 GLY n 
1 153 ASN n 
1 154 GLU n 
1 155 THR n 
1 156 THR n 
1 157 GLU n 
1 158 HIS n 
1 159 GLY n 
1 160 THR n 
1 161 ILE n 
1 162 ALA n 
1 163 THR n 
1 164 ILE n 
1 165 THR n 
1 166 PRO n 
1 167 GLN n 
1 168 ALA n 
1 169 PRO n 
1 170 THR n 
1 171 SER n 
1 172 GLU n 
1 173 ILE n 
1 174 GLN n 
1 175 LEU n 
1 176 THR n 
1 177 ASP n 
1 178 TYR n 
1 179 GLY n 
1 180 ALA n 
1 181 LEU n 
1 182 THR n 
1 183 LEU n 
1 184 ASP n 
1 185 CYS n 
1 186 SER n 
1 187 PRO n 
1 188 ARG n 
1 189 THR n 
1 190 GLY n 
1 191 LEU n 
1 192 ASP n 
1 193 PHE n 
1 194 ASN n 
1 195 GLU n 
1 196 MET n 
1 197 VAL n 
1 198 LEU n 
1 199 LEU n 
1 200 THR n 
1 201 MET n 
1 202 LYS n 
1 203 GLU n 
1 204 LYS n 
1 205 SER n 
1 206 TRP n 
1 207 LEU n 
1 208 VAL n 
1 209 HIS n 
1 210 LYS n 
1 211 GLN n 
1 212 TRP n 
1 213 PHE n 
1 214 LEU n 
1 215 ASP n 
1 216 LEU n 
1 217 PRO n 
1 218 LEU n 
1 219 PRO n 
1 220 TRP n 
1 221 THR n 
1 222 SER n 
1 223 GLY n 
1 224 ALA n 
1 225 SER n 
1 226 THR n 
1 227 SER n 
1 228 GLN n 
1 229 GLU n 
1 230 THR n 
1 231 TRP n 
1 232 ASN n 
1 233 ARG n 
1 234 GLN n 
1 235 ASP n 
1 236 LEU n 
1 237 LEU n 
1 238 VAL n 
1 239 THR n 
1 240 PHE n 
1 241 LYS n 
1 242 THR n 
1 243 ALA n 
1 244 HIS n 
1 245 ALA n 
1 246 LYS n 
1 247 LYS n 
1 248 GLN n 
1 249 GLU n 
1 250 ALA n 
1 251 VAL n 
1 252 VAL n 
1 253 LEU n 
1 254 GLY n 
1 255 SER n 
1 256 GLN n 
1 257 GLU n 
1 258 GLY n 
1 259 ALA n 
1 260 MET n 
1 261 HIS n 
1 262 THR n 
1 263 ALA n 
1 264 LEU n 
1 265 THR n 
1 266 GLY n 
1 267 ALA n 
1 268 THR n 
1 269 GLU n 
1 270 ILE n 
1 271 GLN n 
1 272 THR n 
1 273 SER n 
1 274 GLY n 
1 275 THR n 
1 276 THR n 
1 277 THR n 
1 278 ILE n 
1 279 PHE n 
1 280 ALA n 
1 281 GLY n 
1 282 HIS n 
1 283 LEU n 
1 284 LYS n 
1 285 CYS n 
1 286 ARG n 
1 287 LEU n 
1 288 LYS n 
1 289 MET n 
1 290 ASP n 
1 291 LYS n 
1 292 LEU n 
1 293 THR n 
1 294 LEU n 
1 295 LYS n 
1 296 GLY n 
1 297 ILE n 
1 298 SER n 
1 299 TYR n 
1 300 VAL n 
1 301 MET n 
1 302 CYS n 
1 303 THR n 
1 304 GLY n 
1 305 SER n 
1 306 PHE n 
1 307 LYS n 
1 308 LEU n 
1 309 GLU n 
1 310 LYS n 
1 311 GLU n 
1 312 VAL n 
1 313 ALA n 
1 314 GLU n 
1 315 THR n 
1 316 GLN n 
1 317 HIS n 
1 318 GLY n 
1 319 THR n 
1 320 VAL n 
1 321 LEU n 
1 322 VAL n 
1 323 GLN n 
1 324 VAL n 
1 325 LYS n 
1 326 TYR n 
1 327 GLU n 
1 328 GLY n 
1 329 THR n 
1 330 ASP n 
1 331 ALA n 
1 332 PRO n 
1 333 CYS n 
1 334 LYS n 
1 335 ILE n 
1 336 PRO n 
1 337 PHE n 
1 338 SER n 
1 339 SER n 
1 340 GLN n 
1 341 ASP n 
1 342 GLU n 
1 343 LYS n 
1 344 GLY n 
1 345 VAL n 
1 346 THR n 
1 347 GLN n 
1 348 ASN n 
1 349 GLY n 
1 350 ARG n 
1 351 LEU n 
1 352 VAL n 
1 353 THR n 
1 354 ALA n 
1 355 ASN n 
1 356 PRO n 
1 357 ILE n 
1 358 VAL n 
1 359 THR n 
1 360 ASP n 
1 361 LYS n 
1 362 GLU n 
1 363 LYS n 
1 364 PRO n 
1 365 VAL n 
1 366 ASN n 
1 367 ILE n 
1 368 GLU n 
1 369 ALA n 
1 370 GLU n 
1 371 PRO n 
1 372 PRO n 
1 373 PHE n 
1 374 GLY n 
1 375 GLU n 
1 376 SER n 
1 377 TYR n 
1 378 ILE n 
1 379 VAL n 
1 380 VAL n 
1 381 GLY n 
1 382 ALA n 
1 383 GLY n 
1 384 GLU n 
1 385 LYS n 
1 386 ALA n 
1 387 LEU n 
1 388 LYS n 
1 389 LEU n 
1 390 SER n 
1 391 TRP n 
1 392 PHE n 
1 393 LYS n 
1 394 LYS n 
1 395 GLY n 
1 396 SER n 
1 397 SER n 
1 398 ILE n 
1 399 GLY n 
1 400 LYS n 
# 
_entity_src_gen.entity_id                          1 
_entity_src_gen.pdbx_src_id                        1 
_entity_src_gen.pdbx_alt_source_flag               sample 
_entity_src_gen.pdbx_seq_type                      ? 
_entity_src_gen.pdbx_beg_seq_num                   ? 
_entity_src_gen.pdbx_end_seq_num                   ? 
_entity_src_gen.gene_src_common_name               ? 
_entity_src_gen.gene_src_genus                     ? 
_entity_src_gen.pdbx_gene_src_gene                 ? 
_entity_src_gen.gene_src_species                   ? 
_entity_src_gen.gene_src_strain                    ? 
_entity_src_gen.gene_src_tissue                    ? 
_entity_src_gen.gene_src_tissue_fraction           ? 
_entity_src_gen.gene_src_details                   ? 
_entity_src_gen.pdbx_gene_src_fragment             ? 
_entity_src_gen.pdbx_gene_src_scientific_name      'Dengue virus 1' 
_entity_src_gen.pdbx_gene_src_ncbi_taxonomy_id     11053 
_entity_src_gen.pdbx_gene_src_variant              ? 
_entity_src_gen.pdbx_gene_src_cell_line            ? 
_entity_src_gen.pdbx_gene_src_atcc                 ? 
_entity_src_gen.pdbx_gene_src_organ                ? 
_entity_src_gen.pdbx_gene_src_organelle            ? 
_entity_src_gen.pdbx_gene_src_cell                 ? 
_entity_src_gen.pdbx_gene_src_cellular_location    ? 
_entity_src_gen.host_org_common_name               'fruit fly' 
_entity_src_gen.pdbx_host_org_scientific_name      'Drosophila melanogaster' 
_entity_src_gen.pdbx_host_org_ncbi_taxonomy_id     7227 
_entity_src_gen.host_org_genus                     ? 
_entity_src_gen.pdbx_host_org_gene                 ? 
_entity_src_gen.pdbx_host_org_organ                ? 
_entity_src_gen.host_org_species                   ? 
_entity_src_gen.pdbx_host_org_tissue               ? 
_entity_src_gen.pdbx_host_org_tissue_fraction      ? 
_entity_src_gen.pdbx_host_org_strain               ? 
_entity_src_gen.pdbx_host_org_variant              ? 
_entity_src_gen.pdbx_host_org_cell_line            S2 
_entity_src_gen.pdbx_host_org_atcc                 ? 
_entity_src_gen.pdbx_host_org_culture_collection   ? 
_entity_src_gen.pdbx_host_org_cell                 ? 
_entity_src_gen.pdbx_host_org_organelle            ? 
_entity_src_gen.pdbx_host_org_cellular_location    ? 
_entity_src_gen.pdbx_host_org_vector_type          plasmid 
_entity_src_gen.pdbx_host_org_vector               ? 
_entity_src_gen.host_org_details                   ? 
_entity_src_gen.expression_system_id               ? 
_entity_src_gen.plasmid_name                       pMTBip/V5-His 
_entity_src_gen.plasmid_details                    ? 
_entity_src_gen.pdbx_description                   ? 
# 
loop_
_chem_comp.id 
_chem_comp.type 
_chem_comp.mon_nstd_flag 
_chem_comp.name 
_chem_comp.pdbx_synonyms 
_chem_comp.formula 
_chem_comp.formula_weight 
ALA 'L-peptide linking' y ALANINE         ? 'C3 H7 N O2'     89.093  
ARG 'L-peptide linking' y ARGININE        ? 'C6 H15 N4 O2 1' 175.209 
ASN 'L-peptide linking' y ASPARAGINE      ? 'C4 H8 N2 O3'    132.118 
ASP 'L-peptide linking' y 'ASPARTIC ACID' ? 'C4 H7 N O4'     133.103 
CYS 'L-peptide linking' y CYSTEINE        ? 'C3 H7 N O2 S'   121.158 
GLN 'L-peptide linking' y GLUTAMINE       ? 'C5 H10 N2 O3'   146.144 
GLU 'L-peptide linking' y 'GLUTAMIC ACID' ? 'C5 H9 N O4'     147.129 
GLY 'peptide linking'   y GLYCINE         ? 'C2 H5 N O2'     75.067  
HIS 'L-peptide linking' y HISTIDINE       ? 'C6 H10 N3 O2 1' 156.162 
ILE 'L-peptide linking' y ISOLEUCINE      ? 'C6 H13 N O2'    131.173 
LEU 'L-peptide linking' y LEUCINE         ? 'C6 H13 N O2'    131.173 
LYS 'L-peptide linking' y LYSINE          ? 'C6 H15 N2 O2 1' 147.195 
MET 'L-peptide linking' y METHIONINE      ? 'C5 H11 N O2 S'  149.211 
PHE 'L-peptide linking' y PHENYLALANINE   ? 'C9 H11 N O2'    165.189 
PRO 'L-peptide linking' y PROLINE         ? 'C5 H9 N O2'     115.130 
SER 'L-peptide linking' y SERINE          ? 'C3 H7 N O3'     105.093 
THR 'L-peptide linking' y THREONINE       ? 'C4 H9 N O3'     119.119 
TRP 'L-peptide linking' y TRYPTOPHAN      ? 'C11 H12 N2 O2'  204.225 
TYR 'L-peptide linking' y TYROSINE        ? 'C9 H11 N O3'    181.189 
VAL 'L-peptide linking' y VALINE          ? 'C5 H11 N O2'    117.146 
# 
loop_
_pdbx_poly_seq_scheme.asym_id 
_pdbx_poly_seq_scheme.entity_id 
_pdbx_poly_seq_scheme.seq_id 
_pdbx_poly_seq_scheme.mon_id 
_pdbx_poly_seq_scheme.ndb_seq_num 
_pdbx_poly_seq_scheme.pdb_seq_num 
_pdbx_poly_seq_scheme.auth_seq_num 
_pdbx_poly_seq_scheme.pdb_mon_id 
_pdbx_poly_seq_scheme.auth_mon_id 
_pdbx_poly_seq_scheme.pdb_strand_id 
_pdbx_poly_seq_scheme.pdb_ins_code 
_pdbx_poly_seq_scheme.hetero 
A 1 1   MET 1   1   1   MET MET A . n 
A 1 2   ARG 2   2   2   ARG ARG A . n 
A 1 3   CYS 3   3   3   CYS CYS A . n 
A 1 4   VAL 4   4   4   VAL VAL A . n 
A 1 5   GLY 5   5   5   GLY GLY A . n 
A 1 6   ILE 6   6   6   ILE ILE A . n 
A 1 7   GLY 7   7   7   GLY GLY A . n 
A 1 8   ASN 8   8   8   ASN ASN A . n 
A 1 9   ARG 9   9   9   ARG ARG A . n 
A 1 10  ASP 10  10  10  ASP ASP A . n 
A 1 11  PHE 11  11  11  PHE PHE A . n 
A 1 12  VAL 12  12  12  VAL VAL A . n 
A 1 13  GLU 13  13  13  GLU GLU A . n 
A 1 14  GLY 14  14  14  GLY GLY A . n 
A 1 15  LEU 15  15  15  LEU LEU A . n 
A 1 16  SER 16  16  16  SER SER A . n 
A 1 17  GLY 17  17  17  GLY GLY A . n 
A 1 18  ALA 18  18  18  ALA ALA A . n 
A 1 19  THR 19  19  19  THR THR A . n 
A 1 20  TRP 20  20  20  TRP TRP A . n 
A 1 21  VAL 21  21  21  VAL VAL A . n 
A 1 22  ASP 22  22  22  ASP ASP A . n 
A 1 23  VAL 23  23  23  VAL VAL A . n 
A 1 24  VAL 24  24  24  VAL VAL A . n 
A 1 25  LEU 25  25  25  LEU LEU A . n 
A 1 26  GLU 26  26  26  GLU GLU A . n 
A 1 27  HIS 27  27  27  HIS HIS A . n 
A 1 28  GLY 28  28  28  GLY GLY A . n 
A 1 29  SER 29  29  29  SER SER A . n 
A 1 30  CYS 30  30  30  CYS CYS A . n 
A 1 31  VAL 31  31  31  VAL VAL A . n 
A 1 32  THR 32  32  32  THR THR A . n 
A 1 33  THR 33  33  33  THR THR A . n 
A 1 34  MET 34  34  34  MET MET A . n 
A 1 35  ALA 35  35  35  ALA ALA A . n 
A 1 36  LYS 36  36  36  LYS LYS A . n 
A 1 37  ASP 37  37  37  ASP ASP A . n 
A 1 38  LYS 38  38  38  LYS LYS A . n 
A 1 39  PRO 39  39  39  PRO PRO A . n 
A 1 40  THR 40  40  40  THR THR A . n 
A 1 41  LEU 41  41  41  LEU LEU A . n 
A 1 42  ASP 42  42  42  ASP ASP A . n 
A 1 43  ILE 43  43  43  ILE ILE A . n 
A 1 44  GLU 44  44  44  GLU GLU A . n 
A 1 45  LEU 45  45  45  LEU LEU A . n 
A 1 46  LEU 46  46  46  LEU LEU A . n 
A 1 47  LYS 47  47  47  LYS LYS A . n 
A 1 48  THR 48  48  48  THR THR A . n 
A 1 49  GLU 49  49  49  GLU GLU A . n 
A 1 50  VAL 50  50  50  VAL VAL A . n 
A 1 51  THR 51  51  51  THR THR A . n 
A 1 52  ASN 52  52  52  ASN ASN A . n 
A 1 53  PRO 53  53  53  PRO PRO A . n 
A 1 54  ALA 54  54  54  ALA ALA A . n 
A 1 55  VAL 55  55  55  VAL VAL A . n 
A 1 56  LEU 56  56  56  LEU LEU A . n 
A 1 57  ARG 57  57  57  ARG ARG A . n 
A 1 58  LYS 58  58  58  LYS LYS A . n 
A 1 59  LEU 59  59  59  LEU LEU A . n 
A 1 60  CYS 60  60  60  CYS CYS A . n 
A 1 61  ILE 61  61  61  ILE ILE A . n 
A 1 62  GLU 62  62  62  GLU GLU A . n 
A 1 63  ALA 63  63  63  ALA ALA A . n 
A 1 64  LYS 64  64  64  LYS LYS A . n 
A 1 65  ILE 65  65  65  ILE ILE A . n 
A 1 66  SER 66  66  66  SER SER A . n 
A 1 67  ASN 67  67  67  ASN ASN A . n 
A 1 68  THR 68  68  68  THR THR A . n 
A 1 69  THR 69  69  69  THR THR A . n 
A 1 70  THR 70  70  70  THR THR A . n 
A 1 71  ASP 71  71  71  ASP ASP A . n 
A 1 72  SER 72  72  72  SER SER A . n 
A 1 73  ARG 73  73  73  ARG ARG A . n 
A 1 74  CYS 74  74  74  CYS CYS A . n 
A 1 75  PRO 75  75  75  PRO PRO A . n 
A 1 76  THR 76  76  76  THR THR A . n 
A 1 77  GLN 77  77  77  GLN GLN A . n 
A 1 78  GLY 78  78  78  GLY GLY A . n 
A 1 79  GLU 79  79  79  GLU GLU A . n 
A 1 80  ALA 80  80  80  ALA ALA A . n 
A 1 81  THR 81  81  81  THR THR A . n 
A 1 82  LEU 82  82  82  LEU LEU A . n 
A 1 83  VAL 83  83  83  VAL VAL A . n 
A 1 84  GLU 84  84  84  GLU GLU A . n 
A 1 85  GLU 85  85  85  GLU GLU A . n 
A 1 86  GLN 86  86  86  GLN GLN A . n 
A 1 87  ASP 87  87  87  ASP ASP A . n 
A 1 88  ALA 88  88  88  ALA ALA A . n 
A 1 89  ASN 89  89  89  ASN ASN A . n 
A 1 90  PHE 90  90  90  PHE PHE A . n 
A 1 91  VAL 91  91  91  VAL VAL A . n 
A 1 92  CYS 92  92  92  CYS CYS A . n 
A 1 93  ARG 93  93  93  ARG ARG A . n 
A 1 94  ARG 94  94  94  ARG ARG A . n 
A 1 95  THR 95  95  95  THR THR A . n 
A 1 96  PHE 96  96  96  PHE PHE A . n 
A 1 97  VAL 97  97  97  VAL VAL A . n 
A 1 98  ASP 98  98  98  ASP ASP A . n 
A 1 99  ARG 99  99  99  ARG ARG A . n 
A 1 100 GLY 100 100 100 GLY GLY A . n 
A 1 101 TRP 101 101 101 TRP TRP A . n 
A 1 102 GLY 102 102 102 GLY GLY A . n 
A 1 103 ASN 103 103 103 ASN ASN A . n 
A 1 104 GLY 104 104 104 GLY GLY A . n 
A 1 105 CYS 105 105 105 CYS CYS A . n 
A 1 106 GLY 106 106 106 GLY GLY A . n 
A 1 107 LEU 107 107 107 LEU LEU A . n 
A 1 108 PHE 108 108 108 PHE PHE A . n 
A 1 109 GLY 109 109 109 GLY GLY A . n 
A 1 110 LYS 110 110 110 LYS LYS A . n 
A 1 111 GLY 111 111 111 GLY GLY A . n 
A 1 112 SER 112 112 112 SER SER A . n 
A 1 113 LEU 113 113 113 LEU LEU A . n 
A 1 114 LEU 114 114 114 LEU LEU A . n 
A 1 115 THR 115 115 115 THR THR A . n 
A 1 116 CYS 116 116 116 CYS CYS A . n 
A 1 117 ALA 117 117 117 ALA ALA A . n 
A 1 118 LYS 118 118 118 LYS LYS A . n 
A 1 119 PHE 119 119 119 PHE PHE A . n 
A 1 120 LYS 120 120 120 LYS LYS A . n 
A 1 121 CYS 121 121 121 CYS CYS A . n 
A 1 122 VAL 122 122 122 VAL VAL A . n 
A 1 123 THR 123 123 123 THR THR A . n 
A 1 124 LYS 124 124 124 LYS LYS A . n 
A 1 125 LEU 125 125 125 LEU LEU A . n 
A 1 126 GLU 126 126 126 GLU GLU A . n 
A 1 127 GLY 127 127 127 GLY GLY A . n 
A 1 128 LYS 128 128 128 LYS LYS A . n 
A 1 129 ILE 129 129 129 ILE ILE A . n 
A 1 130 VAL 130 130 130 VAL VAL A . n 
A 1 131 GLN 131 131 131 GLN GLN A . n 
A 1 132 TYR 132 132 132 TYR TYR A . n 
A 1 133 GLU 133 133 133 GLU GLU A . n 
A 1 134 ASN 134 134 134 ASN ASN A . n 
A 1 135 LEU 135 135 135 LEU LEU A . n 
A 1 136 LYS 136 136 136 LYS LYS A . n 
A 1 137 TYR 137 137 137 TYR TYR A . n 
A 1 138 SER 138 138 138 SER SER A . n 
A 1 139 VAL 139 139 139 VAL VAL A . n 
A 1 140 ILE 140 140 140 ILE ILE A . n 
A 1 141 VAL 141 141 141 VAL VAL A . n 
A 1 142 THR 142 142 142 THR THR A . n 
A 1 143 VAL 143 143 143 VAL VAL A . n 
A 1 144 HIS 144 144 ?   ?   ?   A . n 
A 1 145 THR 145 145 ?   ?   ?   A . n 
A 1 146 GLY 146 146 ?   ?   ?   A . n 
A 1 147 ASP 147 147 ?   ?   ?   A . n 
A 1 148 GLN 148 148 ?   ?   ?   A . n 
A 1 149 HIS 149 149 ?   ?   ?   A . n 
A 1 150 GLN 150 150 ?   ?   ?   A . n 
A 1 151 VAL 151 151 ?   ?   ?   A . n 
A 1 152 GLY 152 152 ?   ?   ?   A . n 
A 1 153 ASN 153 153 ?   ?   ?   A . n 
A 1 154 GLU 154 154 ?   ?   ?   A . n 
A 1 155 THR 155 155 155 THR THR A . n 
A 1 156 THR 156 156 156 THR THR A . n 
A 1 157 GLU 157 157 157 GLU GLU A . n 
A 1 158 HIS 158 158 158 HIS HIS A . n 
A 1 159 GLY 159 159 159 GLY GLY A . n 
A 1 160 THR 160 160 160 THR THR A . n 
A 1 161 ILE 161 161 161 ILE ILE A . n 
A 1 162 ALA 162 162 162 ALA ALA A . n 
A 1 163 THR 163 163 163 THR THR A . n 
A 1 164 ILE 164 164 164 ILE ILE A . n 
A 1 165 THR 165 165 165 THR THR A . n 
A 1 166 PRO 166 166 166 PRO PRO A . n 
A 1 167 GLN 167 167 167 GLN GLN A . n 
A 1 168 ALA 168 168 168 ALA ALA A . n 
A 1 169 PRO 169 169 169 PRO PRO A . n 
A 1 170 THR 170 170 170 THR THR A . n 
A 1 171 SER 171 171 171 SER SER A . n 
A 1 172 GLU 172 172 172 GLU GLU A . n 
A 1 173 ILE 173 173 173 ILE ILE A . n 
A 1 174 GLN 174 174 174 GLN GLN A . n 
A 1 175 LEU 175 175 175 LEU LEU A . n 
A 1 176 THR 176 176 176 THR THR A . n 
A 1 177 ASP 177 177 177 ASP ASP A . n 
A 1 178 TYR 178 178 178 TYR TYR A . n 
A 1 179 GLY 179 179 179 GLY GLY A . n 
A 1 180 ALA 180 180 180 ALA ALA A . n 
A 1 181 LEU 181 181 181 LEU LEU A . n 
A 1 182 THR 182 182 182 THR THR A . n 
A 1 183 LEU 183 183 183 LEU LEU A . n 
A 1 184 ASP 184 184 184 ASP ASP A . n 
A 1 185 CYS 185 185 185 CYS CYS A . n 
A 1 186 SER 186 186 186 SER SER A . n 
A 1 187 PRO 187 187 187 PRO PRO A . n 
A 1 188 ARG 188 188 188 ARG ARG A . n 
A 1 189 THR 189 189 189 THR THR A . n 
A 1 190 GLY 190 190 190 GLY GLY A . n 
A 1 191 LEU 191 191 191 LEU LEU A . n 
A 1 192 ASP 192 192 192 ASP ASP A . n 
A 1 193 PHE 193 193 193 PHE PHE A . n 
A 1 194 ASN 194 194 194 ASN ASN A . n 
A 1 195 GLU 195 195 195 GLU GLU A . n 
A 1 196 MET 196 196 196 MET MET A . n 
A 1 197 VAL 197 197 197 VAL VAL A . n 
A 1 198 LEU 198 198 198 LEU LEU A . n 
A 1 199 LEU 199 199 199 LEU LEU A . n 
A 1 200 THR 200 200 200 THR THR A . n 
A 1 201 MET 201 201 201 MET MET A . n 
A 1 202 LYS 202 202 202 LYS LYS A . n 
A 1 203 GLU 203 203 203 GLU GLU A . n 
A 1 204 LYS 204 204 204 LYS LYS A . n 
A 1 205 SER 205 205 205 SER SER A . n 
A 1 206 TRP 206 206 206 TRP TRP A . n 
A 1 207 LEU 207 207 207 LEU LEU A . n 
A 1 208 VAL 208 208 208 VAL VAL A . n 
A 1 209 HIS 209 209 209 HIS HIS A . n 
A 1 210 LYS 210 210 210 LYS LYS A . n 
A 1 211 GLN 211 211 211 GLN GLN A . n 
A 1 212 TRP 212 212 212 TRP TRP A . n 
A 1 213 PHE 213 213 213 PHE PHE A . n 
A 1 214 LEU 214 214 214 LEU LEU A . n 
A 1 215 ASP 215 215 215 ASP ASP A . n 
A 1 216 LEU 216 216 216 LEU LEU A . n 
A 1 217 PRO 217 217 217 PRO PRO A . n 
A 1 218 LEU 218 218 218 LEU LEU A . n 
A 1 219 PRO 219 219 219 PRO PRO A . n 
A 1 220 TRP 220 220 220 TRP TRP A . n 
A 1 221 THR 221 221 221 THR THR A . n 
A 1 222 SER 222 222 222 SER SER A . n 
A 1 223 GLY 223 223 223 GLY GLY A . n 
A 1 224 ALA 224 224 ?   ?   ?   A . n 
A 1 225 SER 225 225 ?   ?   ?   A . n 
A 1 226 THR 226 226 ?   ?   ?   A . n 
A 1 227 SER 227 227 ?   ?   ?   A . n 
A 1 228 GLN 228 228 ?   ?   ?   A . n 
A 1 229 GLU 229 229 229 GLU GLU A . n 
A 1 230 THR 230 230 230 THR THR A . n 
A 1 231 TRP 231 231 231 TRP TRP A . n 
A 1 232 ASN 232 232 232 ASN ASN A . n 
A 1 233 ARG 233 233 233 ARG ARG A . n 
A 1 234 GLN 234 234 234 GLN GLN A . n 
A 1 235 ASP 235 235 235 ASP ASP A . n 
A 1 236 LEU 236 236 236 LEU LEU A . n 
A 1 237 LEU 237 237 237 LEU LEU A . n 
A 1 238 VAL 238 238 238 VAL VAL A . n 
A 1 239 THR 239 239 239 THR THR A . n 
A 1 240 PHE 240 240 240 PHE PHE A . n 
A 1 241 LYS 241 241 241 LYS LYS A . n 
A 1 242 THR 242 242 242 THR THR A . n 
A 1 243 ALA 243 243 243 ALA ALA A . n 
A 1 244 HIS 244 244 244 HIS HIS A . n 
A 1 245 ALA 245 245 245 ALA ALA A . n 
A 1 246 LYS 246 246 ?   ?   ?   A . n 
A 1 247 LYS 247 247 ?   ?   ?   A . n 
A 1 248 GLN 248 248 248 GLN GLN A . n 
A 1 249 GLU 249 249 249 GLU GLU A . n 
A 1 250 ALA 250 250 250 ALA ALA A . n 
A 1 251 VAL 251 251 251 VAL VAL A . n 
A 1 252 VAL 252 252 252 VAL VAL A . n 
A 1 253 LEU 253 253 253 LEU LEU A . n 
A 1 254 GLY 254 254 254 GLY GLY A . n 
A 1 255 SER 255 255 255 SER SER A . n 
A 1 256 GLN 256 256 256 GLN GLN A . n 
A 1 257 GLU 257 257 257 GLU GLU A . n 
A 1 258 GLY 258 258 258 GLY GLY A . n 
A 1 259 ALA 259 259 259 ALA ALA A . n 
A 1 260 MET 260 260 260 MET MET A . n 
A 1 261 HIS 261 261 261 HIS HIS A . n 
A 1 262 THR 262 262 262 THR THR A . n 
A 1 263 ALA 263 263 263 ALA ALA A . n 
A 1 264 LEU 264 264 264 LEU LEU A . n 
A 1 265 THR 265 265 265 THR THR A . n 
A 1 266 GLY 266 266 266 GLY GLY A . n 
A 1 267 ALA 267 267 267 ALA ALA A . n 
A 1 268 THR 268 268 268 THR THR A . n 
A 1 269 GLU 269 269 269 GLU GLU A . n 
A 1 270 ILE 270 270 270 ILE ILE A . n 
A 1 271 GLN 271 271 271 GLN GLN A . n 
A 1 272 THR 272 272 272 THR THR A . n 
A 1 273 SER 273 273 273 SER SER A . n 
A 1 274 GLY 274 274 274 GLY GLY A . n 
A 1 275 THR 275 275 275 THR THR A . n 
A 1 276 THR 276 276 276 THR THR A . n 
A 1 277 THR 277 277 277 THR THR A . n 
A 1 278 ILE 278 278 278 ILE ILE A . n 
A 1 279 PHE 279 279 279 PHE PHE A . n 
A 1 280 ALA 280 280 280 ALA ALA A . n 
A 1 281 GLY 281 281 281 GLY GLY A . n 
A 1 282 HIS 282 282 282 HIS HIS A . n 
A 1 283 LEU 283 283 283 LEU LEU A . n 
A 1 284 LYS 284 284 284 LYS LYS A . n 
A 1 285 CYS 285 285 285 CYS CYS A . n 
A 1 286 ARG 286 286 286 ARG ARG A . n 
A 1 287 LEU 287 287 287 LEU LEU A . n 
A 1 288 LYS 288 288 288 LYS LYS A . n 
A 1 289 MET 289 289 289 MET MET A . n 
A 1 290 ASP 290 290 290 ASP ASP A . n 
A 1 291 LYS 291 291 291 LYS LYS A . n 
A 1 292 LEU 292 292 292 LEU LEU A . n 
A 1 293 THR 293 293 293 THR THR A . n 
A 1 294 LEU 294 294 294 LEU LEU A . n 
A 1 295 LYS 295 295 295 LYS LYS A . n 
A 1 296 GLY 296 296 296 GLY GLY A . n 
A 1 297 ILE 297 297 297 ILE ILE A . n 
A 1 298 SER 298 298 298 SER SER A . n 
A 1 299 TYR 299 299 299 TYR TYR A . n 
A 1 300 VAL 300 300 300 VAL VAL A . n 
A 1 301 MET 301 301 301 MET MET A . n 
A 1 302 CYS 302 302 302 CYS CYS A . n 
A 1 303 THR 303 303 303 THR THR A . n 
A 1 304 GLY 304 304 304 GLY GLY A . n 
A 1 305 SER 305 305 305 SER SER A . n 
A 1 306 PHE 306 306 306 PHE PHE A . n 
A 1 307 LYS 307 307 307 LYS LYS A . n 
A 1 308 LEU 308 308 308 LEU LEU A . n 
A 1 309 GLU 309 309 309 GLU GLU A . n 
A 1 310 LYS 310 310 310 LYS LYS A . n 
A 1 311 GLU 311 311 311 GLU GLU A . n 
A 1 312 VAL 312 312 312 VAL VAL A . n 
A 1 313 ALA 313 313 313 ALA ALA A . n 
A 1 314 GLU 314 314 314 GLU GLU A . n 
A 1 315 THR 315 315 315 THR THR A . n 
A 1 316 GLN 316 316 316 GLN GLN A . n 
A 1 317 HIS 317 317 317 HIS HIS A . n 
A 1 318 GLY 318 318 318 GLY GLY A . n 
A 1 319 THR 319 319 319 THR THR A . n 
A 1 320 VAL 320 320 320 VAL VAL A . n 
A 1 321 LEU 321 321 321 LEU LEU A . n 
A 1 322 VAL 322 322 322 VAL VAL A . n 
A 1 323 GLN 323 323 323 GLN GLN A . n 
A 1 324 VAL 324 324 324 VAL VAL A . n 
A 1 325 LYS 325 325 325 LYS LYS A . n 
A 1 326 TYR 326 326 326 TYR TYR A . n 
A 1 327 GLU 327 327 327 GLU GLU A . n 
A 1 328 GLY 328 328 328 GLY GLY A . n 
A 1 329 THR 329 329 329 THR THR A . n 
A 1 330 ASP 330 330 330 ASP ASP A . n 
A 1 331 ALA 331 331 331 ALA ALA A . n 
A 1 332 PRO 332 332 332 PRO PRO A . n 
A 1 333 CYS 333 333 333 CYS CYS A . n 
A 1 334 LYS 334 334 334 LYS LYS A . n 
A 1 335 ILE 335 335 335 ILE ILE A . n 
A 1 336 PRO 336 336 336 PRO PRO A . n 
A 1 337 PHE 337 337 337 PHE PHE A . n 
A 1 338 SER 338 338 338 SER SER A . n 
A 1 339 SER 339 339 339 SER SER A . n 
A 1 340 GLN 340 340 340 GLN GLN A . n 
A 1 341 ASP 341 341 341 ASP ASP A . n 
A 1 342 GLU 342 342 342 GLU GLU A . n 
A 1 343 LYS 343 343 343 LYS LYS A . n 
A 1 344 GLY 344 344 344 GLY GLY A . n 
A 1 345 VAL 345 345 345 VAL VAL A . n 
A 1 346 THR 346 346 346 THR THR A . n 
A 1 347 GLN 347 347 347 GLN GLN A . n 
A 1 348 ASN 348 348 348 ASN ASN A . n 
A 1 349 GLY 349 349 349 GLY GLY A . n 
A 1 350 ARG 350 350 350 ARG ARG A . n 
A 1 351 LEU 351 351 351 LEU LEU A . n 
A 1 352 VAL 352 352 352 VAL VAL A . n 
A 1 353 THR 353 353 353 THR THR A . n 
A 1 354 ALA 354 354 354 ALA ALA A . n 
A 1 355 ASN 355 355 355 ASN ASN A . n 
A 1 356 PRO 356 356 356 PRO PRO A . n 
A 1 357 ILE 357 357 357 ILE ILE A . n 
A 1 358 VAL 358 358 358 VAL VAL A . n 
A 1 359 THR 359 359 359 THR THR A . n 
A 1 360 ASP 360 360 360 ASP ASP A . n 
A 1 361 LYS 361 361 361 LYS LYS A . n 
A 1 362 GLU 362 362 362 GLU GLU A . n 
A 1 363 LYS 363 363 363 LYS LYS A . n 
A 1 364 PRO 364 364 364 PRO PRO A . n 
A 1 365 VAL 365 365 365 VAL VAL A . n 
A 1 366 ASN 366 366 366 ASN ASN A . n 
A 1 367 ILE 367 367 367 ILE ILE A . n 
A 1 368 GLU 368 368 368 GLU GLU A . n 
A 1 369 ALA 369 369 369 ALA ALA A . n 
A 1 370 GLU 370 370 370 GLU GLU A . n 
A 1 371 PRO 371 371 371 PRO PRO A . n 
A 1 372 PRO 372 372 372 PRO PRO A . n 
A 1 373 PHE 373 373 373 PHE PHE A . n 
A 1 374 GLY 374 374 374 GLY GLY A . n 
A 1 375 GLU 375 375 375 GLU GLU A . n 
A 1 376 SER 376 376 376 SER SER A . n 
A 1 377 TYR 377 377 377 TYR TYR A . n 
A 1 378 ILE 378 378 378 ILE ILE A . n 
A 1 379 VAL 379 379 379 VAL VAL A . n 
A 1 380 VAL 380 380 380 VAL VAL A . n 
A 1 381 GLY 381 381 381 GLY GLY A . n 
A 1 382 ALA 382 382 382 ALA ALA A . n 
A 1 383 GLY 383 383 383 GLY GLY A . n 
A 1 384 GLU 384 384 384 GLU GLU A . n 
A 1 385 LYS 385 385 385 LYS LYS A . n 
A 1 386 ALA 386 386 386 ALA ALA A . n 
A 1 387 LEU 387 387 387 LEU LEU A . n 
A 1 388 LYS 388 388 388 LYS LYS A . n 
A 1 389 LEU 389 389 389 LEU LEU A . n 
A 1 390 SER 390 390 390 SER SER A . n 
A 1 391 TRP 391 391 391 TRP TRP A . n 
A 1 392 PHE 392 392 392 PHE PHE A . n 
A 1 393 LYS 393 393 393 LYS LYS A . n 
A 1 394 LYS 394 394 394 LYS LYS A . n 
A 1 395 GLY 395 395 ?   ?   ?   A . n 
A 1 396 SER 396 396 ?   ?   ?   A . n 
A 1 397 SER 397 397 ?   ?   ?   A . n 
A 1 398 ILE 398 398 ?   ?   ?   A . n 
A 1 399 GLY 399 399 ?   ?   ?   A . n 
A 1 400 LYS 400 400 ?   ?   ?   A . n 
B 1 1   MET 1   1   1   MET MET B . n 
B 1 2   ARG 2   2   2   ARG ARG B . n 
B 1 3   CYS 3   3   3   CYS CYS B . n 
B 1 4   VAL 4   4   4   VAL VAL B . n 
B 1 5   GLY 5   5   5   GLY GLY B . n 
B 1 6   ILE 6   6   6   ILE ILE B . n 
B 1 7   GLY 7   7   7   GLY GLY B . n 
B 1 8   ASN 8   8   8   ASN ASN B . n 
B 1 9   ARG 9   9   9   ARG ARG B . n 
B 1 10  ASP 10  10  10  ASP ASP B . n 
B 1 11  PHE 11  11  11  PHE PHE B . n 
B 1 12  VAL 12  12  12  VAL VAL B . n 
B 1 13  GLU 13  13  13  GLU GLU B . n 
B 1 14  GLY 14  14  14  GLY GLY B . n 
B 1 15  LEU 15  15  15  LEU LEU B . n 
B 1 16  SER 16  16  16  SER SER B . n 
B 1 17  GLY 17  17  17  GLY GLY B . n 
B 1 18  ALA 18  18  18  ALA ALA B . n 
B 1 19  THR 19  19  19  THR THR B . n 
B 1 20  TRP 20  20  20  TRP TRP B . n 
B 1 21  VAL 21  21  21  VAL VAL B . n 
B 1 22  ASP 22  22  22  ASP ASP B . n 
B 1 23  VAL 23  23  23  VAL VAL B . n 
B 1 24  VAL 24  24  24  VAL VAL B . n 
B 1 25  LEU 25  25  25  LEU LEU B . n 
B 1 26  GLU 26  26  26  GLU GLU B . n 
B 1 27  HIS 27  27  27  HIS HIS B . n 
B 1 28  GLY 28  28  28  GLY GLY B . n 
B 1 29  SER 29  29  29  SER SER B . n 
B 1 30  CYS 30  30  30  CYS CYS B . n 
B 1 31  VAL 31  31  31  VAL VAL B . n 
B 1 32  THR 32  32  32  THR THR B . n 
B 1 33  THR 33  33  33  THR THR B . n 
B 1 34  MET 34  34  34  MET MET B . n 
B 1 35  ALA 35  35  35  ALA ALA B . n 
B 1 36  LYS 36  36  36  LYS LYS B . n 
B 1 37  ASP 37  37  37  ASP ASP B . n 
B 1 38  LYS 38  38  38  LYS LYS B . n 
B 1 39  PRO 39  39  39  PRO PRO B . n 
B 1 40  THR 40  40  40  THR THR B . n 
B 1 41  LEU 41  41  41  LEU LEU B . n 
B 1 42  ASP 42  42  42  ASP ASP B . n 
B 1 43  ILE 43  43  43  ILE ILE B . n 
B 1 44  GLU 44  44  44  GLU GLU B . n 
B 1 45  LEU 45  45  45  LEU LEU B . n 
B 1 46  LEU 46  46  46  LEU LEU B . n 
B 1 47  LYS 47  47  47  LYS LYS B . n 
B 1 48  THR 48  48  48  THR THR B . n 
B 1 49  GLU 49  49  49  GLU GLU B . n 
B 1 50  VAL 50  50  50  VAL VAL B . n 
B 1 51  THR 51  51  51  THR THR B . n 
B 1 52  ASN 52  52  52  ASN ASN B . n 
B 1 53  PRO 53  53  53  PRO PRO B . n 
B 1 54  ALA 54  54  54  ALA ALA B . n 
B 1 55  VAL 55  55  55  VAL VAL B . n 
B 1 56  LEU 56  56  56  LEU LEU B . n 
B 1 57  ARG 57  57  57  ARG ARG B . n 
B 1 58  LYS 58  58  58  LYS LYS B . n 
B 1 59  LEU 59  59  59  LEU LEU B . n 
B 1 60  CYS 60  60  60  CYS CYS B . n 
B 1 61  ILE 61  61  61  ILE ILE B . n 
B 1 62  GLU 62  62  62  GLU GLU B . n 
B 1 63  ALA 63  63  63  ALA ALA B . n 
B 1 64  LYS 64  64  64  LYS LYS B . n 
B 1 65  ILE 65  65  65  ILE ILE B . n 
B 1 66  SER 66  66  66  SER SER B . n 
B 1 67  ASN 67  67  67  ASN ASN B . n 
B 1 68  THR 68  68  68  THR THR B . n 
B 1 69  THR 69  69  69  THR THR B . n 
B 1 70  THR 70  70  70  THR THR B . n 
B 1 71  ASP 71  71  71  ASP ASP B . n 
B 1 72  SER 72  72  72  SER SER B . n 
B 1 73  ARG 73  73  73  ARG ARG B . n 
B 1 74  CYS 74  74  74  CYS CYS B . n 
B 1 75  PRO 75  75  75  PRO PRO B . n 
B 1 76  THR 76  76  76  THR THR B . n 
B 1 77  GLN 77  77  77  GLN GLN B . n 
B 1 78  GLY 78  78  78  GLY GLY B . n 
B 1 79  GLU 79  79  79  GLU GLU B . n 
B 1 80  ALA 80  80  80  ALA ALA B . n 
B 1 81  THR 81  81  81  THR THR B . n 
B 1 82  LEU 82  82  82  LEU LEU B . n 
B 1 83  VAL 83  83  83  VAL VAL B . n 
B 1 84  GLU 84  84  84  GLU GLU B . n 
B 1 85  GLU 85  85  85  GLU GLU B . n 
B 1 86  GLN 86  86  86  GLN GLN B . n 
B 1 87  ASP 87  87  87  ASP ASP B . n 
B 1 88  ALA 88  88  88  ALA ALA B . n 
B 1 89  ASN 89  89  89  ASN ASN B . n 
B 1 90  PHE 90  90  90  PHE PHE B . n 
B 1 91  VAL 91  91  91  VAL VAL B . n 
B 1 92  CYS 92  92  92  CYS CYS B . n 
B 1 93  ARG 93  93  93  ARG ARG B . n 
B 1 94  ARG 94  94  94  ARG ARG B . n 
B 1 95  THR 95  95  95  THR THR B . n 
B 1 96  PHE 96  96  96  PHE PHE B . n 
B 1 97  VAL 97  97  97  VAL VAL B . n 
B 1 98  ASP 98  98  98  ASP ASP B . n 
B 1 99  ARG 99  99  99  ARG ARG B . n 
B 1 100 GLY 100 100 100 GLY GLY B . n 
B 1 101 TRP 101 101 101 TRP TRP B . n 
B 1 102 GLY 102 102 102 GLY GLY B . n 
B 1 103 ASN 103 103 103 ASN ASN B . n 
B 1 104 GLY 104 104 104 GLY GLY B . n 
B 1 105 CYS 105 105 105 CYS CYS B . n 
B 1 106 GLY 106 106 106 GLY GLY B . n 
B 1 107 LEU 107 107 107 LEU LEU B . n 
B 1 108 PHE 108 108 108 PHE PHE B . n 
B 1 109 GLY 109 109 109 GLY GLY B . n 
B 1 110 LYS 110 110 110 LYS LYS B . n 
B 1 111 GLY 111 111 111 GLY GLY B . n 
B 1 112 SER 112 112 112 SER SER B . n 
B 1 113 LEU 113 113 113 LEU LEU B . n 
B 1 114 LEU 114 114 114 LEU LEU B . n 
B 1 115 THR 115 115 115 THR THR B . n 
B 1 116 CYS 116 116 116 CYS CYS B . n 
B 1 117 ALA 117 117 117 ALA ALA B . n 
B 1 118 LYS 118 118 118 LYS LYS B . n 
B 1 119 PHE 119 119 119 PHE PHE B . n 
B 1 120 LYS 120 120 120 LYS LYS B . n 
B 1 121 CYS 121 121 121 CYS CYS B . n 
B 1 122 VAL 122 122 122 VAL VAL B . n 
B 1 123 THR 123 123 123 THR THR B . n 
B 1 124 LYS 124 124 124 LYS LYS B . n 
B 1 125 LEU 125 125 125 LEU LEU B . n 
B 1 126 GLU 126 126 126 GLU GLU B . n 
B 1 127 GLY 127 127 127 GLY GLY B . n 
B 1 128 LYS 128 128 128 LYS LYS B . n 
B 1 129 ILE 129 129 129 ILE ILE B . n 
B 1 130 VAL 130 130 130 VAL VAL B . n 
B 1 131 GLN 131 131 131 GLN GLN B . n 
B 1 132 TYR 132 132 132 TYR TYR B . n 
B 1 133 GLU 133 133 133 GLU GLU B . n 
B 1 134 ASN 134 134 134 ASN ASN B . n 
B 1 135 LEU 135 135 135 LEU LEU B . n 
B 1 136 LYS 136 136 136 LYS LYS B . n 
B 1 137 TYR 137 137 137 TYR TYR B . n 
B 1 138 SER 138 138 138 SER SER B . n 
B 1 139 VAL 139 139 139 VAL VAL B . n 
B 1 140 ILE 140 140 140 ILE ILE B . n 
B 1 141 VAL 141 141 141 VAL VAL B . n 
B 1 142 THR 142 142 142 THR THR B . n 
B 1 143 VAL 143 143 143 VAL VAL B . n 
B 1 144 HIS 144 144 ?   ?   ?   B . n 
B 1 145 THR 145 145 ?   ?   ?   B . n 
B 1 146 GLY 146 146 ?   ?   ?   B . n 
B 1 147 ASP 147 147 ?   ?   ?   B . n 
B 1 148 GLN 148 148 ?   ?   ?   B . n 
B 1 149 HIS 149 149 ?   ?   ?   B . n 
B 1 150 GLN 150 150 ?   ?   ?   B . n 
B 1 151 VAL 151 151 ?   ?   ?   B . n 
B 1 152 GLY 152 152 ?   ?   ?   B . n 
B 1 153 ASN 153 153 ?   ?   ?   B . n 
B 1 154 GLU 154 154 ?   ?   ?   B . n 
B 1 155 THR 155 155 155 THR THR B . n 
B 1 156 THR 156 156 156 THR THR B . n 
B 1 157 GLU 157 157 157 GLU GLU B . n 
B 1 158 HIS 158 158 158 HIS HIS B . n 
B 1 159 GLY 159 159 159 GLY GLY B . n 
B 1 160 THR 160 160 160 THR THR B . n 
B 1 161 ILE 161 161 161 ILE ILE B . n 
B 1 162 ALA 162 162 162 ALA ALA B . n 
B 1 163 THR 163 163 163 THR THR B . n 
B 1 164 ILE 164 164 164 ILE ILE B . n 
B 1 165 THR 165 165 165 THR THR B . n 
B 1 166 PRO 166 166 166 PRO PRO B . n 
B 1 167 GLN 167 167 167 GLN GLN B . n 
B 1 168 ALA 168 168 168 ALA ALA B . n 
B 1 169 PRO 169 169 169 PRO PRO B . n 
B 1 170 THR 170 170 170 THR THR B . n 
B 1 171 SER 171 171 171 SER SER B . n 
B 1 172 GLU 172 172 172 GLU GLU B . n 
B 1 173 ILE 173 173 173 ILE ILE B . n 
B 1 174 GLN 174 174 174 GLN GLN B . n 
B 1 175 LEU 175 175 175 LEU LEU B . n 
B 1 176 THR 176 176 176 THR THR B . n 
B 1 177 ASP 177 177 177 ASP ASP B . n 
B 1 178 TYR 178 178 178 TYR TYR B . n 
B 1 179 GLY 179 179 179 GLY GLY B . n 
B 1 180 ALA 180 180 180 ALA ALA B . n 
B 1 181 LEU 181 181 181 LEU LEU B . n 
B 1 182 THR 182 182 182 THR THR B . n 
B 1 183 LEU 183 183 183 LEU LEU B . n 
B 1 184 ASP 184 184 184 ASP ASP B . n 
B 1 185 CYS 185 185 185 CYS CYS B . n 
B 1 186 SER 186 186 186 SER SER B . n 
B 1 187 PRO 187 187 187 PRO PRO B . n 
B 1 188 ARG 188 188 188 ARG ARG B . n 
B 1 189 THR 189 189 189 THR THR B . n 
B 1 190 GLY 190 190 190 GLY GLY B . n 
B 1 191 LEU 191 191 191 LEU LEU B . n 
B 1 192 ASP 192 192 192 ASP ASP B . n 
B 1 193 PHE 193 193 193 PHE PHE B . n 
B 1 194 ASN 194 194 194 ASN ASN B . n 
B 1 195 GLU 195 195 195 GLU GLU B . n 
B 1 196 MET 196 196 196 MET MET B . n 
B 1 197 VAL 197 197 197 VAL VAL B . n 
B 1 198 LEU 198 198 198 LEU LEU B . n 
B 1 199 LEU 199 199 199 LEU LEU B . n 
B 1 200 THR 200 200 200 THR THR B . n 
B 1 201 MET 201 201 201 MET MET B . n 
B 1 202 LYS 202 202 202 LYS LYS B . n 
B 1 203 GLU 203 203 203 GLU GLU B . n 
B 1 204 LYS 204 204 204 LYS LYS B . n 
B 1 205 SER 205 205 205 SER SER B . n 
B 1 206 TRP 206 206 206 TRP TRP B . n 
B 1 207 LEU 207 207 207 LEU LEU B . n 
B 1 208 VAL 208 208 208 VAL VAL B . n 
B 1 209 HIS 209 209 209 HIS HIS B . n 
B 1 210 LYS 210 210 210 LYS LYS B . n 
B 1 211 GLN 211 211 211 GLN GLN B . n 
B 1 212 TRP 212 212 212 TRP TRP B . n 
B 1 213 PHE 213 213 213 PHE PHE B . n 
B 1 214 LEU 214 214 214 LEU LEU B . n 
B 1 215 ASP 215 215 215 ASP ASP B . n 
B 1 216 LEU 216 216 216 LEU LEU B . n 
B 1 217 PRO 217 217 217 PRO PRO B . n 
B 1 218 LEU 218 218 218 LEU LEU B . n 
B 1 219 PRO 219 219 219 PRO PRO B . n 
B 1 220 TRP 220 220 220 TRP TRP B . n 
B 1 221 THR 221 221 221 THR THR B . n 
B 1 222 SER 222 222 222 SER SER B . n 
B 1 223 GLY 223 223 223 GLY GLY B . n 
B 1 224 ALA 224 224 ?   ?   ?   B . n 
B 1 225 SER 225 225 ?   ?   ?   B . n 
B 1 226 THR 226 226 ?   ?   ?   B . n 
B 1 227 SER 227 227 ?   ?   ?   B . n 
B 1 228 GLN 228 228 ?   ?   ?   B . n 
B 1 229 GLU 229 229 229 GLU GLU B . n 
B 1 230 THR 230 230 230 THR THR B . n 
B 1 231 TRP 231 231 231 TRP TRP B . n 
B 1 232 ASN 232 232 232 ASN ASN B . n 
B 1 233 ARG 233 233 233 ARG ARG B . n 
B 1 234 GLN 234 234 234 GLN GLN B . n 
B 1 235 ASP 235 235 235 ASP ASP B . n 
B 1 236 LEU 236 236 236 LEU LEU B . n 
B 1 237 LEU 237 237 237 LEU LEU B . n 
B 1 238 VAL 238 238 238 VAL VAL B . n 
B 1 239 THR 239 239 239 THR THR B . n 
B 1 240 PHE 240 240 240 PHE PHE B . n 
B 1 241 LYS 241 241 241 LYS LYS B . n 
B 1 242 THR 242 242 242 THR THR B . n 
B 1 243 ALA 243 243 243 ALA ALA B . n 
B 1 244 HIS 244 244 244 HIS HIS B . n 
B 1 245 ALA 245 245 245 ALA ALA B . n 
B 1 246 LYS 246 246 ?   ?   ?   B . n 
B 1 247 LYS 247 247 ?   ?   ?   B . n 
B 1 248 GLN 248 248 248 GLN GLN B . n 
B 1 249 GLU 249 249 249 GLU GLU B . n 
B 1 250 ALA 250 250 250 ALA ALA B . n 
B 1 251 VAL 251 251 251 VAL VAL B . n 
B 1 252 VAL 252 252 252 VAL VAL B . n 
B 1 253 LEU 253 253 253 LEU LEU B . n 
B 1 254 GLY 254 254 254 GLY GLY B . n 
B 1 255 SER 255 255 255 SER SER B . n 
B 1 256 GLN 256 256 256 GLN GLN B . n 
B 1 257 GLU 257 257 257 GLU GLU B . n 
B 1 258 GLY 258 258 258 GLY GLY B . n 
B 1 259 ALA 259 259 259 ALA ALA B . n 
B 1 260 MET 260 260 260 MET MET B . n 
B 1 261 HIS 261 261 261 HIS HIS B . n 
B 1 262 THR 262 262 262 THR THR B . n 
B 1 263 ALA 263 263 263 ALA ALA B . n 
B 1 264 LEU 264 264 264 LEU LEU B . n 
B 1 265 THR 265 265 265 THR THR B . n 
B 1 266 GLY 266 266 266 GLY GLY B . n 
B 1 267 ALA 267 267 267 ALA ALA B . n 
B 1 268 THR 268 268 268 THR THR B . n 
B 1 269 GLU 269 269 269 GLU GLU B . n 
B 1 270 ILE 270 270 270 ILE ILE B . n 
B 1 271 GLN 271 271 271 GLN GLN B . n 
B 1 272 THR 272 272 272 THR THR B . n 
B 1 273 SER 273 273 273 SER SER B . n 
B 1 274 GLY 274 274 274 GLY GLY B . n 
B 1 275 THR 275 275 275 THR THR B . n 
B 1 276 THR 276 276 276 THR THR B . n 
B 1 277 THR 277 277 277 THR THR B . n 
B 1 278 ILE 278 278 278 ILE ILE B . n 
B 1 279 PHE 279 279 279 PHE PHE B . n 
B 1 280 ALA 280 280 280 ALA ALA B . n 
B 1 281 GLY 281 281 281 GLY GLY B . n 
B 1 282 HIS 282 282 282 HIS HIS B . n 
B 1 283 LEU 283 283 283 LEU LEU B . n 
B 1 284 LYS 284 284 284 LYS LYS B . n 
B 1 285 CYS 285 285 285 CYS CYS B . n 
B 1 286 ARG 286 286 286 ARG ARG B . n 
B 1 287 LEU 287 287 287 LEU LEU B . n 
B 1 288 LYS 288 288 288 LYS LYS B . n 
B 1 289 MET 289 289 289 MET MET B . n 
B 1 290 ASP 290 290 290 ASP ASP B . n 
B 1 291 LYS 291 291 291 LYS LYS B . n 
B 1 292 LEU 292 292 292 LEU LEU B . n 
B 1 293 THR 293 293 293 THR THR B . n 
B 1 294 LEU 294 294 294 LEU LEU B . n 
B 1 295 LYS 295 295 295 LYS LYS B . n 
B 1 296 GLY 296 296 296 GLY GLY B . n 
B 1 297 ILE 297 297 297 ILE ILE B . n 
B 1 298 SER 298 298 298 SER SER B . n 
B 1 299 TYR 299 299 299 TYR TYR B . n 
B 1 300 VAL 300 300 300 VAL VAL B . n 
B 1 301 MET 301 301 301 MET MET B . n 
B 1 302 CYS 302 302 302 CYS CYS B . n 
B 1 303 THR 303 303 303 THR THR B . n 
B 1 304 GLY 304 304 304 GLY GLY B . n 
B 1 305 SER 305 305 305 SER SER B . n 
B 1 306 PHE 306 306 306 PHE PHE B . n 
B 1 307 LYS 307 307 307 LYS LYS B . n 
B 1 308 LEU 308 308 308 LEU LEU B . n 
B 1 309 GLU 309 309 309 GLU GLU B . n 
B 1 310 LYS 310 310 310 LYS LYS B . n 
B 1 311 GLU 311 311 311 GLU GLU B . n 
B 1 312 VAL 312 312 312 VAL VAL B . n 
B 1 313 ALA 313 313 313 ALA ALA B . n 
B 1 314 GLU 314 314 314 GLU GLU B . n 
B 1 315 THR 315 315 315 THR THR B . n 
B 1 316 GLN 316 316 316 GLN GLN B . n 
B 1 317 HIS 317 317 317 HIS HIS B . n 
B 1 318 GLY 318 318 318 GLY GLY B . n 
B 1 319 THR 319 319 319 THR THR B . n 
B 1 320 VAL 320 320 320 VAL VAL B . n 
B 1 321 LEU 321 321 321 LEU LEU B . n 
B 1 322 VAL 322 322 322 VAL VAL B . n 
B 1 323 GLN 323 323 323 GLN GLN B . n 
B 1 324 VAL 324 324 324 VAL VAL B . n 
B 1 325 LYS 325 325 325 LYS LYS B . n 
B 1 326 TYR 326 326 326 TYR TYR B . n 
B 1 327 GLU 327 327 327 GLU GLU B . n 
B 1 328 GLY 328 328 328 GLY GLY B . n 
B 1 329 THR 329 329 329 THR THR B . n 
B 1 330 ASP 330 330 330 ASP ASP B . n 
B 1 331 ALA 331 331 331 ALA ALA B . n 
B 1 332 PRO 332 332 332 PRO PRO B . n 
B 1 333 CYS 333 333 333 CYS CYS B . n 
B 1 334 LYS 334 334 334 LYS LYS B . n 
B 1 335 ILE 335 335 335 ILE ILE B . n 
B 1 336 PRO 336 336 336 PRO PRO B . n 
B 1 337 PHE 337 337 337 PHE PHE B . n 
B 1 338 SER 338 338 338 SER SER B . n 
B 1 339 SER 339 339 339 SER SER B . n 
B 1 340 GLN 340 340 340 GLN GLN B . n 
B 1 341 ASP 341 341 341 ASP ASP B . n 
B 1 342 GLU 342 342 342 GLU GLU B . n 
B 1 343 LYS 343 343 343 LYS LYS B . n 
B 1 344 GLY 344 344 344 GLY GLY B . n 
B 1 345 VAL 345 345 345 VAL VAL B . n 
B 1 346 THR 346 346 346 THR THR B . n 
B 1 347 GLN 347 347 347 GLN GLN B . n 
B 1 348 ASN 348 348 348 ASN ASN B . n 
B 1 349 GLY 349 349 349 GLY GLY B . n 
B 1 350 ARG 350 350 350 ARG ARG B . n 
B 1 351 LEU 351 351 351 LEU LEU B . n 
B 1 352 VAL 352 352 352 VAL VAL B . n 
B 1 353 THR 353 353 353 THR THR B . n 
B 1 354 ALA 354 354 354 ALA ALA B . n 
B 1 355 ASN 355 355 355 ASN ASN B . n 
B 1 356 PRO 356 356 356 PRO PRO B . n 
B 1 357 ILE 357 357 357 ILE ILE B . n 
B 1 358 VAL 358 358 358 VAL VAL B . n 
B 1 359 THR 359 359 359 THR THR B . n 
B 1 360 ASP 360 360 360 ASP ASP B . n 
B 1 361 LYS 361 361 361 LYS LYS B . n 
B 1 362 GLU 362 362 362 GLU GLU B . n 
B 1 363 LYS 363 363 363 LYS LYS B . n 
B 1 364 PRO 364 364 364 PRO PRO B . n 
B 1 365 VAL 365 365 365 VAL VAL B . n 
B 1 366 ASN 366 366 366 ASN ASN B . n 
B 1 367 ILE 367 367 367 ILE ILE B . n 
B 1 368 GLU 368 368 368 GLU GLU B . n 
B 1 369 ALA 369 369 369 ALA ALA B . n 
B 1 370 GLU 370 370 370 GLU GLU B . n 
B 1 371 PRO 371 371 371 PRO PRO B . n 
B 1 372 PRO 372 372 372 PRO PRO B . n 
B 1 373 PHE 373 373 373 PHE PHE B . n 
B 1 374 GLY 374 374 374 GLY GLY B . n 
B 1 375 GLU 375 375 375 GLU GLU B . n 
B 1 376 SER 376 376 376 SER SER B . n 
B 1 377 TYR 377 377 377 TYR TYR B . n 
B 1 378 ILE 378 378 378 ILE ILE B . n 
B 1 379 VAL 379 379 379 VAL VAL B . n 
B 1 380 VAL 380 380 380 VAL VAL B . n 
B 1 381 GLY 381 381 381 GLY GLY B . n 
B 1 382 ALA 382 382 382 ALA ALA B . n 
B 1 383 GLY 383 383 383 GLY GLY B . n 
B 1 384 GLU 384 384 384 GLU GLU B . n 
B 1 385 LYS 385 385 385 LYS LYS B . n 
B 1 386 ALA 386 386 386 ALA ALA B . n 
B 1 387 LEU 387 387 387 LEU LEU B . n 
B 1 388 LYS 388 388 388 LYS LYS B . n 
B 1 389 LEU 389 389 389 LEU LEU B . n 
B 1 390 SER 390 390 390 SER SER B . n 
B 1 391 TRP 391 391 391 TRP TRP B . n 
B 1 392 PHE 392 392 392 PHE PHE B . n 
B 1 393 LYS 393 393 393 LYS LYS B . n 
B 1 394 LYS 394 394 394 LYS LYS B . n 
B 1 395 GLY 395 395 ?   ?   ?   B . n 
B 1 396 SER 396 396 ?   ?   ?   B . n 
B 1 397 SER 397 397 ?   ?   ?   B . n 
B 1 398 ILE 398 398 ?   ?   ?   B . n 
B 1 399 GLY 399 399 ?   ?   ?   B . n 
B 1 400 LYS 400 400 ?   ?   ?   B . n 
C 1 1   MET 1   1   1   MET MET C . n 
C 1 2   ARG 2   2   2   ARG ARG C . n 
C 1 3   CYS 3   3   3   CYS CYS C . n 
C 1 4   VAL 4   4   4   VAL VAL C . n 
C 1 5   GLY 5   5   5   GLY GLY C . n 
C 1 6   ILE 6   6   6   ILE ILE C . n 
C 1 7   GLY 7   7   7   GLY GLY C . n 
C 1 8   ASN 8   8   8   ASN ASN C . n 
C 1 9   ARG 9   9   9   ARG ARG C . n 
C 1 10  ASP 10  10  10  ASP ASP C . n 
C 1 11  PHE 11  11  11  PHE PHE C . n 
C 1 12  VAL 12  12  12  VAL VAL C . n 
C 1 13  GLU 13  13  13  GLU GLU C . n 
C 1 14  GLY 14  14  14  GLY GLY C . n 
C 1 15  LEU 15  15  15  LEU LEU C . n 
C 1 16  SER 16  16  16  SER SER C . n 
C 1 17  GLY 17  17  17  GLY GLY C . n 
C 1 18  ALA 18  18  18  ALA ALA C . n 
C 1 19  THR 19  19  19  THR THR C . n 
C 1 20  TRP 20  20  20  TRP TRP C . n 
C 1 21  VAL 21  21  21  VAL VAL C . n 
C 1 22  ASP 22  22  22  ASP ASP C . n 
C 1 23  VAL 23  23  23  VAL VAL C . n 
C 1 24  VAL 24  24  24  VAL VAL C . n 
C 1 25  LEU 25  25  25  LEU LEU C . n 
C 1 26  GLU 26  26  26  GLU GLU C . n 
C 1 27  HIS 27  27  27  HIS HIS C . n 
C 1 28  GLY 28  28  28  GLY GLY C . n 
C 1 29  SER 29  29  29  SER SER C . n 
C 1 30  CYS 30  30  30  CYS CYS C . n 
C 1 31  VAL 31  31  31  VAL VAL C . n 
C 1 32  THR 32  32  32  THR THR C . n 
C 1 33  THR 33  33  33  THR THR C . n 
C 1 34  MET 34  34  34  MET MET C . n 
C 1 35  ALA 35  35  35  ALA ALA C . n 
C 1 36  LYS 36  36  36  LYS LYS C . n 
C 1 37  ASP 37  37  37  ASP ASP C . n 
C 1 38  LYS 38  38  38  LYS LYS C . n 
C 1 39  PRO 39  39  39  PRO PRO C . n 
C 1 40  THR 40  40  40  THR THR C . n 
C 1 41  LEU 41  41  41  LEU LEU C . n 
C 1 42  ASP 42  42  42  ASP ASP C . n 
C 1 43  ILE 43  43  43  ILE ILE C . n 
C 1 44  GLU 44  44  44  GLU GLU C . n 
C 1 45  LEU 45  45  45  LEU LEU C . n 
C 1 46  LEU 46  46  46  LEU LEU C . n 
C 1 47  LYS 47  47  47  LYS LYS C . n 
C 1 48  THR 48  48  48  THR THR C . n 
C 1 49  GLU 49  49  49  GLU GLU C . n 
C 1 50  VAL 50  50  50  VAL VAL C . n 
C 1 51  THR 51  51  51  THR THR C . n 
C 1 52  ASN 52  52  52  ASN ASN C . n 
C 1 53  PRO 53  53  53  PRO PRO C . n 
C 1 54  ALA 54  54  54  ALA ALA C . n 
C 1 55  VAL 55  55  55  VAL VAL C . n 
C 1 56  LEU 56  56  56  LEU LEU C . n 
C 1 57  ARG 57  57  57  ARG ARG C . n 
C 1 58  LYS 58  58  58  LYS LYS C . n 
C 1 59  LEU 59  59  59  LEU LEU C . n 
C 1 60  CYS 60  60  60  CYS CYS C . n 
C 1 61  ILE 61  61  61  ILE ILE C . n 
C 1 62  GLU 62  62  62  GLU GLU C . n 
C 1 63  ALA 63  63  63  ALA ALA C . n 
C 1 64  LYS 64  64  64  LYS LYS C . n 
C 1 65  ILE 65  65  65  ILE ILE C . n 
C 1 66  SER 66  66  66  SER SER C . n 
C 1 67  ASN 67  67  67  ASN ASN C . n 
C 1 68  THR 68  68  68  THR THR C . n 
C 1 69  THR 69  69  69  THR THR C . n 
C 1 70  THR 70  70  70  THR THR C . n 
C 1 71  ASP 71  71  71  ASP ASP C . n 
C 1 72  SER 72  72  72  SER SER C . n 
C 1 73  ARG 73  73  73  ARG ARG C . n 
C 1 74  CYS 74  74  74  CYS CYS C . n 
C 1 75  PRO 75  75  75  PRO PRO C . n 
C 1 76  THR 76  76  76  THR THR C . n 
C 1 77  GLN 77  77  77  GLN GLN C . n 
C 1 78  GLY 78  78  78  GLY GLY C . n 
C 1 79  GLU 79  79  79  GLU GLU C . n 
C 1 80  ALA 80  80  80  ALA ALA C . n 
C 1 81  THR 81  81  81  THR THR C . n 
C 1 82  LEU 82  82  82  LEU LEU C . n 
C 1 83  VAL 83  83  83  VAL VAL C . n 
C 1 84  GLU 84  84  84  GLU GLU C . n 
C 1 85  GLU 85  85  85  GLU GLU C . n 
C 1 86  GLN 86  86  86  GLN GLN C . n 
C 1 87  ASP 87  87  87  ASP ASP C . n 
C 1 88  ALA 88  88  88  ALA ALA C . n 
C 1 89  ASN 89  89  89  ASN ASN C . n 
C 1 90  PHE 90  90  90  PHE PHE C . n 
C 1 91  VAL 91  91  91  VAL VAL C . n 
C 1 92  CYS 92  92  92  CYS CYS C . n 
C 1 93  ARG 93  93  93  ARG ARG C . n 
C 1 94  ARG 94  94  94  ARG ARG C . n 
C 1 95  THR 95  95  95  THR THR C . n 
C 1 96  PHE 96  96  96  PHE PHE C . n 
C 1 97  VAL 97  97  97  VAL VAL C . n 
C 1 98  ASP 98  98  98  ASP ASP C . n 
C 1 99  ARG 99  99  99  ARG ARG C . n 
C 1 100 GLY 100 100 100 GLY GLY C . n 
C 1 101 TRP 101 101 101 TRP TRP C . n 
C 1 102 GLY 102 102 102 GLY GLY C . n 
C 1 103 ASN 103 103 103 ASN ASN C . n 
C 1 104 GLY 104 104 104 GLY GLY C . n 
C 1 105 CYS 105 105 105 CYS CYS C . n 
C 1 106 GLY 106 106 106 GLY GLY C . n 
C 1 107 LEU 107 107 107 LEU LEU C . n 
C 1 108 PHE 108 108 108 PHE PHE C . n 
C 1 109 GLY 109 109 109 GLY GLY C . n 
C 1 110 LYS 110 110 110 LYS LYS C . n 
C 1 111 GLY 111 111 111 GLY GLY C . n 
C 1 112 SER 112 112 112 SER SER C . n 
C 1 113 LEU 113 113 113 LEU LEU C . n 
C 1 114 LEU 114 114 114 LEU LEU C . n 
C 1 115 THR 115 115 115 THR THR C . n 
C 1 116 CYS 116 116 116 CYS CYS C . n 
C 1 117 ALA 117 117 117 ALA ALA C . n 
C 1 118 LYS 118 118 118 LYS LYS C . n 
C 1 119 PHE 119 119 119 PHE PHE C . n 
C 1 120 LYS 120 120 120 LYS LYS C . n 
C 1 121 CYS 121 121 121 CYS CYS C . n 
C 1 122 VAL 122 122 122 VAL VAL C . n 
C 1 123 THR 123 123 123 THR THR C . n 
C 1 124 LYS 124 124 124 LYS LYS C . n 
C 1 125 LEU 125 125 125 LEU LEU C . n 
C 1 126 GLU 126 126 126 GLU GLU C . n 
C 1 127 GLY 127 127 127 GLY GLY C . n 
C 1 128 LYS 128 128 128 LYS LYS C . n 
C 1 129 ILE 129 129 129 ILE ILE C . n 
C 1 130 VAL 130 130 130 VAL VAL C . n 
C 1 131 GLN 131 131 131 GLN GLN C . n 
C 1 132 TYR 132 132 132 TYR TYR C . n 
C 1 133 GLU 133 133 133 GLU GLU C . n 
C 1 134 ASN 134 134 134 ASN ASN C . n 
C 1 135 LEU 135 135 135 LEU LEU C . n 
C 1 136 LYS 136 136 136 LYS LYS C . n 
C 1 137 TYR 137 137 137 TYR TYR C . n 
C 1 138 SER 138 138 138 SER SER C . n 
C 1 139 VAL 139 139 139 VAL VAL C . n 
C 1 140 ILE 140 140 140 ILE ILE C . n 
C 1 141 VAL 141 141 141 VAL VAL C . n 
C 1 142 THR 142 142 142 THR THR C . n 
C 1 143 VAL 143 143 143 VAL VAL C . n 
C 1 144 HIS 144 144 ?   ?   ?   C . n 
C 1 145 THR 145 145 ?   ?   ?   C . n 
C 1 146 GLY 146 146 ?   ?   ?   C . n 
C 1 147 ASP 147 147 ?   ?   ?   C . n 
C 1 148 GLN 148 148 ?   ?   ?   C . n 
C 1 149 HIS 149 149 ?   ?   ?   C . n 
C 1 150 GLN 150 150 ?   ?   ?   C . n 
C 1 151 VAL 151 151 ?   ?   ?   C . n 
C 1 152 GLY 152 152 ?   ?   ?   C . n 
C 1 153 ASN 153 153 ?   ?   ?   C . n 
C 1 154 GLU 154 154 ?   ?   ?   C . n 
C 1 155 THR 155 155 155 THR THR C . n 
C 1 156 THR 156 156 156 THR THR C . n 
C 1 157 GLU 157 157 157 GLU GLU C . n 
C 1 158 HIS 158 158 158 HIS HIS C . n 
C 1 159 GLY 159 159 159 GLY GLY C . n 
C 1 160 THR 160 160 160 THR THR C . n 
C 1 161 ILE 161 161 161 ILE ILE C . n 
C 1 162 ALA 162 162 162 ALA ALA C . n 
C 1 163 THR 163 163 163 THR THR C . n 
C 1 164 ILE 164 164 164 ILE ILE C . n 
C 1 165 THR 165 165 165 THR THR C . n 
C 1 166 PRO 166 166 166 PRO PRO C . n 
C 1 167 GLN 167 167 167 GLN GLN C . n 
C 1 168 ALA 168 168 168 ALA ALA C . n 
C 1 169 PRO 169 169 169 PRO PRO C . n 
C 1 170 THR 170 170 170 THR THR C . n 
C 1 171 SER 171 171 171 SER SER C . n 
C 1 172 GLU 172 172 172 GLU GLU C . n 
C 1 173 ILE 173 173 173 ILE ILE C . n 
C 1 174 GLN 174 174 174 GLN GLN C . n 
C 1 175 LEU 175 175 175 LEU LEU C . n 
C 1 176 THR 176 176 176 THR THR C . n 
C 1 177 ASP 177 177 177 ASP ASP C . n 
C 1 178 TYR 178 178 178 TYR TYR C . n 
C 1 179 GLY 179 179 179 GLY GLY C . n 
C 1 180 ALA 180 180 180 ALA ALA C . n 
C 1 181 LEU 181 181 181 LEU LEU C . n 
C 1 182 THR 182 182 182 THR THR C . n 
C 1 183 LEU 183 183 183 LEU LEU C . n 
C 1 184 ASP 184 184 184 ASP ASP C . n 
C 1 185 CYS 185 185 185 CYS CYS C . n 
C 1 186 SER 186 186 186 SER SER C . n 
C 1 187 PRO 187 187 187 PRO PRO C . n 
C 1 188 ARG 188 188 188 ARG ARG C . n 
C 1 189 THR 189 189 189 THR THR C . n 
C 1 190 GLY 190 190 190 GLY GLY C . n 
C 1 191 LEU 191 191 191 LEU LEU C . n 
C 1 192 ASP 192 192 192 ASP ASP C . n 
C 1 193 PHE 193 193 193 PHE PHE C . n 
C 1 194 ASN 194 194 194 ASN ASN C . n 
C 1 195 GLU 195 195 195 GLU GLU C . n 
C 1 196 MET 196 196 196 MET MET C . n 
C 1 197 VAL 197 197 197 VAL VAL C . n 
C 1 198 LEU 198 198 198 LEU LEU C . n 
C 1 199 LEU 199 199 199 LEU LEU C . n 
C 1 200 THR 200 200 200 THR THR C . n 
C 1 201 MET 201 201 201 MET MET C . n 
C 1 202 LYS 202 202 202 LYS LYS C . n 
C 1 203 GLU 203 203 203 GLU GLU C . n 
C 1 204 LYS 204 204 204 LYS LYS C . n 
C 1 205 SER 205 205 205 SER SER C . n 
C 1 206 TRP 206 206 206 TRP TRP C . n 
C 1 207 LEU 207 207 207 LEU LEU C . n 
C 1 208 VAL 208 208 208 VAL VAL C . n 
C 1 209 HIS 209 209 209 HIS HIS C . n 
C 1 210 LYS 210 210 210 LYS LYS C . n 
C 1 211 GLN 211 211 211 GLN GLN C . n 
C 1 212 TRP 212 212 212 TRP TRP C . n 
C 1 213 PHE 213 213 213 PHE PHE C . n 
C 1 214 LEU 214 214 214 LEU LEU C . n 
C 1 215 ASP 215 215 215 ASP ASP C . n 
C 1 216 LEU 216 216 216 LEU LEU C . n 
C 1 217 PRO 217 217 217 PRO PRO C . n 
C 1 218 LEU 218 218 218 LEU LEU C . n 
C 1 219 PRO 219 219 219 PRO PRO C . n 
C 1 220 TRP 220 220 220 TRP TRP C . n 
C 1 221 THR 221 221 221 THR THR C . n 
C 1 222 SER 222 222 222 SER SER C . n 
C 1 223 GLY 223 223 223 GLY GLY C . n 
C 1 224 ALA 224 224 ?   ?   ?   C . n 
C 1 225 SER 225 225 ?   ?   ?   C . n 
C 1 226 THR 226 226 ?   ?   ?   C . n 
C 1 227 SER 227 227 ?   ?   ?   C . n 
C 1 228 GLN 228 228 ?   ?   ?   C . n 
C 1 229 GLU 229 229 229 GLU GLU C . n 
C 1 230 THR 230 230 230 THR THR C . n 
C 1 231 TRP 231 231 231 TRP TRP C . n 
C 1 232 ASN 232 232 232 ASN ASN C . n 
C 1 233 ARG 233 233 233 ARG ARG C . n 
C 1 234 GLN 234 234 234 GLN GLN C . n 
C 1 235 ASP 235 235 235 ASP ASP C . n 
C 1 236 LEU 236 236 236 LEU LEU C . n 
C 1 237 LEU 237 237 237 LEU LEU C . n 
C 1 238 VAL 238 238 238 VAL VAL C . n 
C 1 239 THR 239 239 239 THR THR C . n 
C 1 240 PHE 240 240 240 PHE PHE C . n 
C 1 241 LYS 241 241 241 LYS LYS C . n 
C 1 242 THR 242 242 242 THR THR C . n 
C 1 243 ALA 243 243 243 ALA ALA C . n 
C 1 244 HIS 244 244 244 HIS HIS C . n 
C 1 245 ALA 245 245 245 ALA ALA C . n 
C 1 246 LYS 246 246 ?   ?   ?   C . n 
C 1 247 LYS 247 247 ?   ?   ?   C . n 
C 1 248 GLN 248 248 248 GLN GLN C . n 
C 1 249 GLU 249 249 249 GLU GLU C . n 
C 1 250 ALA 250 250 250 ALA ALA C . n 
C 1 251 VAL 251 251 251 VAL VAL C . n 
C 1 252 VAL 252 252 252 VAL VAL C . n 
C 1 253 LEU 253 253 253 LEU LEU C . n 
C 1 254 GLY 254 254 254 GLY GLY C . n 
C 1 255 SER 255 255 255 SER SER C . n 
C 1 256 GLN 256 256 256 GLN GLN C . n 
C 1 257 GLU 257 257 257 GLU GLU C . n 
C 1 258 GLY 258 258 258 GLY GLY C . n 
C 1 259 ALA 259 259 259 ALA ALA C . n 
C 1 260 MET 260 260 260 MET MET C . n 
C 1 261 HIS 261 261 261 HIS HIS C . n 
C 1 262 THR 262 262 262 THR THR C . n 
C 1 263 ALA 263 263 263 ALA ALA C . n 
C 1 264 LEU 264 264 264 LEU LEU C . n 
C 1 265 THR 265 265 265 THR THR C . n 
C 1 266 GLY 266 266 266 GLY GLY C . n 
C 1 267 ALA 267 267 267 ALA ALA C . n 
C 1 268 THR 268 268 268 THR THR C . n 
C 1 269 GLU 269 269 269 GLU GLU C . n 
C 1 270 ILE 270 270 270 ILE ILE C . n 
C 1 271 GLN 271 271 271 GLN GLN C . n 
C 1 272 THR 272 272 272 THR THR C . n 
C 1 273 SER 273 273 273 SER SER C . n 
C 1 274 GLY 274 274 274 GLY GLY C . n 
C 1 275 THR 275 275 275 THR THR C . n 
C 1 276 THR 276 276 276 THR THR C . n 
C 1 277 THR 277 277 277 THR THR C . n 
C 1 278 ILE 278 278 278 ILE ILE C . n 
C 1 279 PHE 279 279 279 PHE PHE C . n 
C 1 280 ALA 280 280 280 ALA ALA C . n 
C 1 281 GLY 281 281 281 GLY GLY C . n 
C 1 282 HIS 282 282 282 HIS HIS C . n 
C 1 283 LEU 283 283 283 LEU LEU C . n 
C 1 284 LYS 284 284 284 LYS LYS C . n 
C 1 285 CYS 285 285 285 CYS CYS C . n 
C 1 286 ARG 286 286 286 ARG ARG C . n 
C 1 287 LEU 287 287 287 LEU LEU C . n 
C 1 288 LYS 288 288 288 LYS LYS C . n 
C 1 289 MET 289 289 289 MET MET C . n 
C 1 290 ASP 290 290 290 ASP ASP C . n 
C 1 291 LYS 291 291 291 LYS LYS C . n 
C 1 292 LEU 292 292 292 LEU LEU C . n 
C 1 293 THR 293 293 293 THR THR C . n 
C 1 294 LEU 294 294 294 LEU LEU C . n 
C 1 295 LYS 295 295 295 LYS LYS C . n 
C 1 296 GLY 296 296 296 GLY GLY C . n 
C 1 297 ILE 297 297 297 ILE ILE C . n 
C 1 298 SER 298 298 298 SER SER C . n 
C 1 299 TYR 299 299 299 TYR TYR C . n 
C 1 300 VAL 300 300 300 VAL VAL C . n 
C 1 301 MET 301 301 301 MET MET C . n 
C 1 302 CYS 302 302 302 CYS CYS C . n 
C 1 303 THR 303 303 303 THR THR C . n 
C 1 304 GLY 304 304 304 GLY GLY C . n 
C 1 305 SER 305 305 305 SER SER C . n 
C 1 306 PHE 306 306 306 PHE PHE C . n 
C 1 307 LYS 307 307 307 LYS LYS C . n 
C 1 308 LEU 308 308 308 LEU LEU C . n 
C 1 309 GLU 309 309 309 GLU GLU C . n 
C 1 310 LYS 310 310 310 LYS LYS C . n 
C 1 311 GLU 311 311 311 GLU GLU C . n 
C 1 312 VAL 312 312 312 VAL VAL C . n 
C 1 313 ALA 313 313 313 ALA ALA C . n 
C 1 314 GLU 314 314 314 GLU GLU C . n 
C 1 315 THR 315 315 315 THR THR C . n 
C 1 316 GLN 316 316 316 GLN GLN C . n 
C 1 317 HIS 317 317 317 HIS HIS C . n 
C 1 318 GLY 318 318 318 GLY GLY C . n 
C 1 319 THR 319 319 319 THR THR C . n 
C 1 320 VAL 320 320 320 VAL VAL C . n 
C 1 321 LEU 321 321 321 LEU LEU C . n 
C 1 322 VAL 322 322 322 VAL VAL C . n 
C 1 323 GLN 323 323 323 GLN GLN C . n 
C 1 324 VAL 324 324 324 VAL VAL C . n 
C 1 325 LYS 325 325 325 LYS LYS C . n 
C 1 326 TYR 326 326 326 TYR TYR C . n 
C 1 327 GLU 327 327 327 GLU GLU C . n 
C 1 328 GLY 328 328 328 GLY GLY C . n 
C 1 329 THR 329 329 329 THR THR C . n 
C 1 330 ASP 330 330 330 ASP ASP C . n 
C 1 331 ALA 331 331 331 ALA ALA C . n 
C 1 332 PRO 332 332 332 PRO PRO C . n 
C 1 333 CYS 333 333 333 CYS CYS C . n 
C 1 334 LYS 334 334 334 LYS LYS C . n 
C 1 335 ILE 335 335 335 ILE ILE C . n 
C 1 336 PRO 336 336 336 PRO PRO C . n 
C 1 337 PHE 337 337 337 PHE PHE C . n 
C 1 338 SER 338 338 338 SER SER C . n 
C 1 339 SER 339 339 339 SER SER C . n 
C 1 340 GLN 340 340 340 GLN GLN C . n 
C 1 341 ASP 341 341 341 ASP ASP C . n 
C 1 342 GLU 342 342 342 GLU GLU C . n 
C 1 343 LYS 343 343 343 LYS LYS C . n 
C 1 344 GLY 344 344 344 GLY GLY C . n 
C 1 345 VAL 345 345 345 VAL VAL C . n 
C 1 346 THR 346 346 346 THR THR C . n 
C 1 347 GLN 347 347 347 GLN GLN C . n 
C 1 348 ASN 348 348 348 ASN ASN C . n 
C 1 349 GLY 349 349 349 GLY GLY C . n 
C 1 350 ARG 350 350 350 ARG ARG C . n 
C 1 351 LEU 351 351 351 LEU LEU C . n 
C 1 352 VAL 352 352 352 VAL VAL C . n 
C 1 353 THR 353 353 353 THR THR C . n 
C 1 354 ALA 354 354 354 ALA ALA C . n 
C 1 355 ASN 355 355 355 ASN ASN C . n 
C 1 356 PRO 356 356 356 PRO PRO C . n 
C 1 357 ILE 357 357 357 ILE ILE C . n 
C 1 358 VAL 358 358 358 VAL VAL C . n 
C 1 359 THR 359 359 359 THR THR C . n 
C 1 360 ASP 360 360 360 ASP ASP C . n 
C 1 361 LYS 361 361 361 LYS LYS C . n 
C 1 362 GLU 362 362 362 GLU GLU C . n 
C 1 363 LYS 363 363 363 LYS LYS C . n 
C 1 364 PRO 364 364 364 PRO PRO C . n 
C 1 365 VAL 365 365 365 VAL VAL C . n 
C 1 366 ASN 366 366 366 ASN ASN C . n 
C 1 367 ILE 367 367 367 ILE ILE C . n 
C 1 368 GLU 368 368 368 GLU GLU C . n 
C 1 369 ALA 369 369 369 ALA ALA C . n 
C 1 370 GLU 370 370 370 GLU GLU C . n 
C 1 371 PRO 371 371 371 PRO PRO C . n 
C 1 372 PRO 372 372 372 PRO PRO C . n 
C 1 373 PHE 373 373 373 PHE PHE C . n 
C 1 374 GLY 374 374 374 GLY GLY C . n 
C 1 375 GLU 375 375 375 GLU GLU C . n 
C 1 376 SER 376 376 376 SER SER C . n 
C 1 377 TYR 377 377 377 TYR TYR C . n 
C 1 378 ILE 378 378 378 ILE ILE C . n 
C 1 379 VAL 379 379 379 VAL VAL C . n 
C 1 380 VAL 380 380 380 VAL VAL C . n 
C 1 381 GLY 381 381 381 GLY GLY C . n 
C 1 382 ALA 382 382 382 ALA ALA C . n 
C 1 383 GLY 383 383 383 GLY GLY C . n 
C 1 384 GLU 384 384 384 GLU GLU C . n 
C 1 385 LYS 385 385 385 LYS LYS C . n 
C 1 386 ALA 386 386 386 ALA ALA C . n 
C 1 387 LEU 387 387 387 LEU LEU C . n 
C 1 388 LYS 388 388 388 LYS LYS C . n 
C 1 389 LEU 389 389 389 LEU LEU C . n 
C 1 390 SER 390 390 390 SER SER C . n 
C 1 391 TRP 391 391 391 TRP TRP C . n 
C 1 392 PHE 392 392 392 PHE PHE C . n 
C 1 393 LYS 393 393 393 LYS LYS C . n 
C 1 394 LYS 394 394 394 LYS LYS C . n 
C 1 395 GLY 395 395 ?   ?   ?   C . n 
C 1 396 SER 396 396 ?   ?   ?   C . n 
C 1 397 SER 397 397 ?   ?   ?   C . n 
C 1 398 ILE 398 398 ?   ?   ?   C . n 
C 1 399 GLY 399 399 ?   ?   ?   C . n 
C 1 400 LYS 400 400 ?   ?   ?   C . n 
# 
_cell.entry_id           3J05 
_cell.length_a           1.000 
_cell.length_b           1.000 
_cell.length_c           1.000 
_cell.angle_alpha        90.00 
_cell.angle_beta         90.00 
_cell.angle_gamma        90.00 
_cell.Z_PDB              1 
_cell.pdbx_unique_axis   ? 
_cell.length_a_esd       ? 
_cell.length_b_esd       ? 
_cell.length_c_esd       ? 
_cell.angle_alpha_esd    ? 
_cell.angle_beta_esd     ? 
_cell.angle_gamma_esd    ? 
# 
_symmetry.entry_id                         3J05 
_symmetry.space_group_name_H-M             'P 1' 
_symmetry.pdbx_full_space_group_name_H-M   ? 
_symmetry.cell_setting                     ? 
_symmetry.Int_Tables_number                1 
# 
_exptl.entry_id          3J05 
_exptl.method            'ELECTRON MICROSCOPY' 
_exptl.crystals_number   ? 
# 
_exptl_crystal.id                    1 
_exptl_crystal.density_meas          ? 
_exptl_crystal.density_Matthews      ? 
_exptl_crystal.density_percent_sol   ? 
_exptl_crystal.description           ? 
# 
_diffrn.id                     1 
_diffrn.ambient_temp           ? 
_diffrn.ambient_temp_details   ? 
_diffrn.crystal_id             1 
# 
_diffrn_radiation.diffrn_id                        1 
_diffrn_radiation.wavelength_id                    1 
_diffrn_radiation.pdbx_monochromatic_or_laue_m_l   M 
_diffrn_radiation.monochromator                    ? 
_diffrn_radiation.pdbx_diffrn_protocol             'SINGLE WAVELENGTH' 
_diffrn_radiation.pdbx_scattering_type             x-ray 
# 
_diffrn_radiation_wavelength.id           1 
_diffrn_radiation_wavelength.wavelength   . 
_diffrn_radiation_wavelength.wt           1.0 
# 
_refine_hist.pdbx_refine_id                   'ELECTRON MICROSCOPY' 
_refine_hist.cycle_id                         LAST 
_refine_hist.pdbx_number_atoms_protein        1128 
_refine_hist.pdbx_number_atoms_nucleic_acid   0 
_refine_hist.pdbx_number_atoms_ligand         0 
_refine_hist.number_atoms_solvent             0 
_refine_hist.number_atoms_total               1128 
_refine_hist.d_res_high                       . 
_refine_hist.d_res_low                        . 
# 
_struct.entry_id                  3J05 
_struct.title                     'Three-dimensional structure of Dengue virus serotype 1 complexed with HMAb 14c10 Fab' 
_struct.pdbx_model_details        ? 
_struct.pdbx_CASP_flag            ? 
_struct.pdbx_model_type_details   ? 
# 
_struct_keywords.entry_id        3J05 
_struct_keywords.pdbx_keywords   VIRUS 
_struct_keywords.text            'flavivirus, dengue, serotype 1, envelope protein, E protein, mature virus, VIRUS' 
# 
loop_
_struct_asym.id 
_struct_asym.pdbx_blank_PDB_chainid_flag 
_struct_asym.pdbx_modified 
_struct_asym.entity_id 
_struct_asym.details 
A N N 1 ? 
B N N 1 ? 
C N N 1 ? 
# 
_struct_ref.id                         1 
_struct_ref.db_name                    UNP 
_struct_ref.db_code                    Q689G3_9FLAV 
_struct_ref.pdbx_db_accession          Q689G3 
_struct_ref.entity_id                  1 
_struct_ref.pdbx_seq_one_letter_code   
;MRCVGIGNRDFVEGLSGATWVDVVLEHGSCVTTMAKDKPTLDIELLKTEVTNPAVLRKLCIEAKISNTTTDSRCPTQGEA
TLVEEQDANFVCRRTFVDRGWGNGCGLFGKGSLITCAKFKCVTKLEGKIVQYENLKYSVIVTVHTGDQHQVGNETTEHGT
IATITPQAPTSEIQLTDYGALTLDCSPRTGLDFNEMVLLTMKEKSWLVHKQWFLDLPLPWTSGASTSQETWNRQDLLVTF
KTAHAKKQEAVVLGSQEGAMHTALTGATEIQTSGTTTIFAGHLKCRLKMDKLTLKGISYVMCTGSFKLEKEVAETQHGTV
LVQVKYEGTDAPCKIPFSSQDEKGVTQNGRLVTANPIVTDKEKPVNIEAEPPFGESYIVVGAGEKALKLSWFKKGSSIGK

;
_struct_ref.pdbx_align_begin           281 
_struct_ref.pdbx_db_isoform            ? 
# 
loop_
_struct_ref_seq.align_id 
_struct_ref_seq.ref_id 
_struct_ref_seq.pdbx_PDB_id_code 
_struct_ref_seq.pdbx_strand_id 
_struct_ref_seq.seq_align_beg 
_struct_ref_seq.pdbx_seq_align_beg_ins_code 
_struct_ref_seq.seq_align_end 
_struct_ref_seq.pdbx_seq_align_end_ins_code 
_struct_ref_seq.pdbx_db_accession 
_struct_ref_seq.db_align_beg 
_struct_ref_seq.pdbx_db_align_beg_ins_code 
_struct_ref_seq.db_align_end 
_struct_ref_seq.pdbx_db_align_end_ins_code 
_struct_ref_seq.pdbx_auth_seq_align_beg 
_struct_ref_seq.pdbx_auth_seq_align_end 
1 1 3J05 A 1 ? 400 ? Q689G3 281 ? 680 ? 1 400 
2 1 3J05 B 1 ? 400 ? Q689G3 281 ? 680 ? 1 400 
3 1 3J05 C 1 ? 400 ? Q689G3 281 ? 680 ? 1 400 
# 
loop_
_struct_ref_seq_dif.align_id 
_struct_ref_seq_dif.pdbx_pdb_id_code 
_struct_ref_seq_dif.mon_id 
_struct_ref_seq_dif.pdbx_pdb_strand_id 
_struct_ref_seq_dif.seq_num 
_struct_ref_seq_dif.pdbx_pdb_ins_code 
_struct_ref_seq_dif.pdbx_seq_db_name 
_struct_ref_seq_dif.pdbx_seq_db_accession_code 
_struct_ref_seq_dif.db_mon_id 
_struct_ref_seq_dif.pdbx_seq_db_seq_num 
_struct_ref_seq_dif.details 
_struct_ref_seq_dif.pdbx_auth_seq_num 
_struct_ref_seq_dif.pdbx_ordinal 
1 3J05 LEU A 114 ? UNP Q689G3 ILE 394 'SEE REMARK 999' 114 1 
2 3J05 LEU B 114 ? UNP Q689G3 ILE 394 'SEE REMARK 999' 114 2 
3 3J05 LEU C 114 ? UNP Q689G3 ILE 394 'SEE REMARK 999' 114 3 
# 
loop_
_pdbx_struct_assembly.id 
_pdbx_struct_assembly.details 
_pdbx_struct_assembly.method_details 
_pdbx_struct_assembly.oligomeric_details 
_pdbx_struct_assembly.oligomeric_count 
1 'complete icosahedral assembly'                ? 180-meric      180 
2 'icosahedral asymmetric unit'                  ? trimeric       3   
3 'icosahedral pentamer'                         ? pentadecameric 15  
4 'icosahedral 23 hexamer'                       ? octadecameric  18  
5 'icosahedral asymmetric unit, std point frame' ? trimeric       3   
# 
loop_
_pdbx_struct_assembly_gen.assembly_id 
_pdbx_struct_assembly_gen.oper_expression 
_pdbx_struct_assembly_gen.asym_id_list 
1 '(1-60)'           A,B,C 
2 1                  A,B,C 
3 '(1-5)'            A,B,C 
4 '(1,2,6,10,23,24)' A,B,C 
5 P                  A,B,C 
# 
loop_
_pdbx_struct_oper_list.id 
_pdbx_struct_oper_list.type 
_pdbx_struct_oper_list.name 
_pdbx_struct_oper_list.symmetry_operation 
_pdbx_struct_oper_list.matrix[1][1] 
_pdbx_struct_oper_list.matrix[1][2] 
_pdbx_struct_oper_list.matrix[1][3] 
_pdbx_struct_oper_list.vector[1] 
_pdbx_struct_oper_list.matrix[2][1] 
_pdbx_struct_oper_list.matrix[2][2] 
_pdbx_struct_oper_list.matrix[2][3] 
_pdbx_struct_oper_list.vector[2] 
_pdbx_struct_oper_list.matrix[3][1] 
_pdbx_struct_oper_list.matrix[3][2] 
_pdbx_struct_oper_list.matrix[3][3] 
_pdbx_struct_oper_list.vector[3] 
P  'transform to point frame' ?     ?     -0.30740493 0.91146472  0.27337571  27.01267  -0.69368338 -0.01798866 -0.72005540 22.32418   -0.65138743 -0.41098476 0.63779773  213.96259  
1  'identity operation'       1_555 x,y,z 1.00000000  0.00000000  0.00000000  0.00000   0.00000000  1.00000000  0.00000000  0.00000    0.00000000  0.00000000  1.00000000  0.00000    
2  'point symmetry operation' ?     ?     0.89233291  0.07199643  -0.44559900 -43.95644 0.38391943  0.39810219  0.83313894  82.16343   0.23737697  -0.91451143 0.32759887  -66.37803  
3  'point symmetry operation' ?     ?     0.71812392  0.50041210  -0.48361736 -47.68676 0.69319112  -0.57578890 0.43353570  42.69503   -0.06151500 -0.64657162 -0.76036901 -173.69704 
4  'point symmetry operation' ?     ?     0.71812392  0.69319112  -0.06151500 -6.03578  0.50041210  -0.57578890 -0.64657162 -63.86122  -0.48361736 0.43353570  -0.76036901 -173.64581 
5  'point symmetry operation' ?     ?     0.89233291  0.38391943  0.23737697  23.43625  0.07199643  0.39810219  -0.91451143 -90.24820  -0.44559900 0.83313894  0.32759887  -66.29514  
6  'point symmetry operation' ?     ?     -0.15138884 0.53542061  -0.83090685 47.57948  0.53542061  -0.66218305 -0.52425030 -48.43903  -0.83090685 -0.52425030 -0.18642811 17.38008   
7  'point symmetry operation' ?     ?     -0.12676902 0.96212647  0.24133433  153.37995 0.09910355  0.25436473  -0.96201718 -91.58275  -0.98696914 -0.09803688 -0.12759571 23.20431   
8  'point symmetry operation' ?     ?     0.31354610  0.15319474  0.93713404  221.98458 -0.04227181 0.98817397  -0.14739502 -11.18270  -0.94863161 0.00660079  0.31631391  67.00246   
9  'point symmetry operation' ?     ?     0.56105598  -0.77345843 0.29492072  158.58411 0.30667049  0.52514524  0.79383605  81.65097   -0.76887540 -0.35494299 0.53183275  88.24698   
10 'point symmetry operation' ?     ?     0.27371039  -0.53722985 -0.79778864 50.79583  0.66370403  -0.49483149 0.56092669  58.62530   -0.69611750 -0.68302699 0.22112110  57.57866   
11 'point symmetry operation' ?     ?     -0.03760674 0.02495688  0.99898092  295.35274 0.02495688  -0.99935282 0.02590567  126.62854  0.99898092  0.02590567  0.03695955  -287.69893 
12 'point symmetry operation' ?     ?     0.21315877  -0.90635164 0.36481509  232.74596 -0.35525171 -0.41973877 -0.83523384 41.70169   0.91014260  0.04843623  -0.41145397 -331.93537 
13 'point symmetry operation' ?     ?     -0.07115872 -0.67910148 -0.73058717 124.69159 -0.67641396 0.57115511  -0.46502257 78.27129   0.73307612  0.46108894  -0.49999639 -340.65081 
14 'point symmetry operation' ?     ?     -0.49764210 0.39265535  -0.77341716 120.51710 -0.49469454 0.60394717  0.62492008  185.79938  0.71248133  0.69359180  -0.10630508 -301.80080 
15 'point symmetry operation' ?     ?     -0.47690583 0.82778734  0.29551470  225.99149 -0.06122353 -0.36668010 0.92833043  215.68581  0.87681954  0.42463374  0.22555194  -269.07474 
16 'point symmetry operation' ?     ?     -0.81100442 -0.56037749 -0.16807408 309.71691 -0.56037749 0.66153587  0.49834463  176.67389  -0.16807408 0.49834463  -0.85053144 -240.78042 
17 'point symmetry operation' ?     ?     -0.97872266 -0.12777126 -0.16055042 310.47966 -0.12777126 -0.23272815 0.96411208  222.58102  -0.16055042 0.96411208  0.21145082  -135.99017 
18 'point symmetry operation' ?     ?     -0.96051130 0.02549464  0.27707049  353.65972 0.02549464  -0.98354018 0.17888189  145.07979  0.27707049  0.17888189  0.94405148  -63.75388  
19 'point symmetry operation' ?     ?     -0.78153781 -0.31238805 0.54001144  379.58371 -0.31238805 -0.55330352 -0.77218451 51.27427   0.54001144  -0.77218451 0.33484133  -123.89963 
20 'point symmetry operation' ?     ?     -0.68913748 -0.67447693 0.26489696  352.42556 -0.67447693 0.46340939  -0.57474568 70.80050   0.26489696  -0.57474568 -0.77427191 -233.30805 
21 'point symmetry operation' ?     ?     0.86533802  -0.49421160 0.08333668  64.10920  -0.30309356 -0.38360108 0.87234426  249.07438  -0.39915461 -0.78013147 -0.48173695 -74.49495  
22 'point symmetry operation' ?     ?     0.60221437  -0.21065782 -0.77003968 -20.06583 -0.21065782 -0.97230288 0.10124419  172.97482  -0.77003968 0.10124419  -0.62991149 -89.07107  
23 'point symmetry operation' ?     ?     0.27371039  0.66370403  -0.69611750 -12.73168 -0.53722985 -0.49483149 -0.68302699 95.62646   -0.79778864 0.56092669  0.22112110  -5.09201   
24 'point symmetry operation' ?     ?     0.33380741  0.92053562  0.20294530  75.97609  -0.83149818 0.38896386  -0.39663317 123.92210  -0.44405335 -0.03634956 0.89526271  61.38601   
25 'point symmetry operation' ?     ?     0.69945339  0.20490440  0.68467448  123.46637 -0.68679400 0.45770804  0.56463913  218.75813  -0.19768397 -0.86516907 0.46087255  18.49264   
26 'point symmetry operation' ?     ?     -0.46485862 0.74688908  -0.47546101 130.66906 -0.88433976 -0.36559514 0.29031600  268.39602  0.04300761  0.55542497  0.83045376  -64.07033  
27 'point symmetry operation' ?     ?     -0.24092691 0.69868455  0.67364242  244.02973 -0.86057022 -0.47471083 0.18457656  257.95929  0.44874614  -0.53524716 0.71563774  -75.44905  
28 'point symmetry operation' ?     ?     0.21315877  -0.35525171 0.91014260  267.31128 -0.90635164 -0.41973877 0.04843623  244.53120  0.36481509  -0.83523384 -0.41145397 -186.65470 
29 'point symmetry operation' ?     ?     0.26986744  -0.95841563 -0.09279569 168.33941 -0.95841563 -0.27664850 0.07003632  246.66891  -0.09279569 0.07003632  -0.99321894 -244.00485 
30 'point symmetry operation' ?     ?     -0.14917035 -0.27725516 -0.94914582 83.88987  -0.94481154 -0.24318588 0.21952624  261.41818  -0.29168365 0.92951073  -0.22567775 -168.24355 
31 'point symmetry operation' ?     ?     0.03837524  0.51764678  0.85473338  233.13199 0.87328015  0.39838721  -0.28048067 -139.99248 -0.48570476 0.75718521  -0.43676245 -152.57806 
32 'point symmetry operation' ?     ?     0.43587217  -0.57282425 0.69418141  217.24127 0.86562556  0.47797465  -0.14910602 -127.02815 -0.24638958 0.66589234  0.70418716  -40.02384  
33 'point symmetry operation' ?     ?     0.33380741  -0.83149818 -0.44405335 104.93828 0.92053562  0.38896386  -0.03634956 -115.90856 0.20294530  -0.39663317 0.89526271  -21.22399  
34 'point symmetry operation' ?     ?     -0.12676902 0.09910355  -0.98696914 51.42194  0.96212647  0.25436473  -0.09803688 -122.00061 0.24133433  -0.96201718 -0.12759571 -122.15925 
35 'point symmetry operation' ?     ?     -0.30935613 0.93292099  -0.18427480 130.65000 0.93292099  0.26018867  -0.24891821 -136.88529 -0.18427480 -0.24891821 -0.95083254 -203.34054 
36 'point symmetry operation' ?     ?     -0.43885465 -0.77032426 -0.46260905 224.73889 0.31415316  0.35080901  -0.88217959 -122.61453 0.84185176  -0.53247871 0.08804564  -219.95592 
37 'point symmetry operation' ?     ?     -0.79715963 0.08479752  -0.59778415 211.44397 0.20560248  0.96903906  -0.13671473 -49.04257  0.56768312  -0.23188937 -0.78991340 -306.55530 
38 'point symmetry operation' ?     ?     -0.82067656 0.52304587  0.23002825  293.13125 0.52304587  0.52560640  0.67094032  30.61431   0.23002825  0.67094032  -0.70492984 -298.12856 
39 'point symmetry operation' ?     ?     -0.47690583 -0.06122353 0.87681954  356.91169 0.82778734  -0.36668010 0.42463374  6.27301    0.29551470  0.92833043  0.22555194  -206.32117 
40 'point symmetry operation' ?     ?     -0.24092691 -0.86057022 0.44874614  314.64289 0.69868455  -0.47471083 -0.53524716 -88.42762  0.67364242  0.18457656  0.71563774  -158.00782 
41 'point symmetry operation' ?     ?     0.86533802  -0.30309356 -0.39915461 -9.71829  -0.49421160 -0.38360108 -0.78013147 69.11286   0.08333668  0.87234426  -0.48173695 -258.50823 
42 'point symmetry operation' ?     ?     0.56105598  0.30667049  -0.76887540 -46.16358 -0.77345843 0.52514524  -0.35494299 111.10224  0.29492072  0.79383605  0.53183275  -158.51986 
43 'point symmetry operation' ?     ?     0.43587217  0.86562556  -0.24638958 5.40793   -0.57282425 0.47797465  0.66589234  211.80887  0.69418141  -0.14910602 0.70418716  -141.56124 
44 'point symmetry operation' ?     ?     0.66278636  0.60131477  0.44624522  73.72617  -0.16957866 -0.45992470 0.87161479  232.05961  0.72935404  -0.65336806 -0.20286166 -231.06860 
45 'point symmetry operation' ?     ?     0.92821084  -0.12099338 0.35183124  64.37765  -0.12099338 -0.99240778 -0.02207707 143.86862  0.35183124  -0.02207707 -0.93580307 -303.34581 
46 'point symmetry operation' ?     ?     0.03837524  0.87328015  -0.48570476 39.19827  0.51764678  0.39838721  0.75718521  50.62104   0.85473338  -0.28048067 -0.43676245 -305.17125 
47 'point symmetry operation' ?     ?     0.25421758  0.79460018  0.55134740  141.50325 0.79460018  -0.49658699 0.34930203  10.33954   0.55134740  0.34930203  -0.75763060 -336.79610 
48 'point symmetry operation' ?     ?     0.66278636  -0.16957866 0.72935404  159.01848 0.60131477  -0.45992470 -0.65336806 -88.57553  0.44624522  0.87161479  -0.20286166 -282.04149 
49 'point symmetry operation' ?     ?     0.69945339  -0.68679400 -0.19768397 67.53850  0.20490440  0.45770804  -0.86516907 -109.42690 0.68467448  0.56463913  0.46087255  -216.57642 
50 'point symmetry operation' ?     ?     0.31354610  -0.04227181 -0.94863161 -6.51446  0.15319474  0.98817397  0.00660079  -23.39868  0.93713404  -0.14739502 0.31631391  -230.87140 
51 'point symmetry operation' ?     ?     -0.43885465 0.31415316  0.84185176  322.31773 -0.77032426 0.35080901  -0.53247871 99.01425   -0.46260905 -0.88217959 0.08804564  15.16437   
52 'point symmetry operation' ?     ?     -0.07115872 -0.67641396 0.73307612  311.53966 -0.67910148 0.57115511  0.46108894  197.04352  -0.73058717 -0.46502257 -0.49999639 -42.82818  
53 'point symmetry operation' ?     ?     -0.14917035 -0.94481154 -0.29168365 210.43091 -0.27725516 -0.24318588 0.92951073  243.21629  -0.94914582 0.21952624  -0.22567775 -15.73325  
54 'point symmetry operation' ?     ?     -0.56508011 -0.12012326 -0.81624437 158.72033 -0.12012326 -0.96682240 0.22544365  173.72337  -0.81624437 0.22544365  0.53190251  59.00489   
55 'point symmetry operation' ?     ?     -0.74411485 0.65795972  -0.11568096 227.87019 -0.42485671 -0.59971337 -0.67811551 84.60160   -0.51554811 -0.45544799 0.72579423  78.10067   
56 'point symmetry operation' ?     ?     -0.46485862 -0.88433976 0.04300761  300.85143 0.74688908  -0.36559514 0.55542497  36.11525   -0.47546101 0.29031600  0.83045376  37.41583   
57 'point symmetry operation' ?     ?     -0.74411485 -0.42485671 -0.51554811 245.76980 0.65795972  -0.59971337 -0.45544799 -63.62190  -0.11568096 -0.67811551 0.72579423  27.04488   
58 'point symmetry operation' ?     ?     -0.94948818 0.24876464  -0.19128082 277.79182 0.24876464  0.22513593  -0.94203501 -111.58623 -0.19128082 -0.94203501 -0.27564775 -71.76328  
59 'point symmetry operation' ?     ?     -0.79715963 0.20560248  0.56768312  352.66414 0.08479752  0.96903906  -0.23188937 -41.49268  -0.59778415 -0.13671473 -0.78991340 -122.45913 
60 'point symmetry operation' ?     ?     -0.49764210 -0.49469454 0.71248133  366.91576 0.39265535  0.60394717  0.69359180  49.79186   -0.77341716 0.62492008  -0.10630508 -54.98273 
# 
_struct_biol.id        1 
_struct_biol.details   ? 
# 
loop_
_pdbx_validate_close_contact.id 
_pdbx_validate_close_contact.PDB_model_num 
_pdbx_validate_close_contact.auth_atom_id_1 
_pdbx_validate_close_contact.auth_asym_id_1 
_pdbx_validate_close_contact.auth_comp_id_1 
_pdbx_validate_close_contact.auth_seq_id_1 
_pdbx_validate_close_contact.PDB_ins_code_1 
_pdbx_validate_close_contact.label_alt_id_1 
_pdbx_validate_close_contact.auth_atom_id_2 
_pdbx_validate_close_contact.auth_asym_id_2 
_pdbx_validate_close_contact.auth_comp_id_2 
_pdbx_validate_close_contact.auth_seq_id_2 
_pdbx_validate_close_contact.PDB_ins_code_2 
_pdbx_validate_close_contact.label_alt_id_2 
_pdbx_validate_close_contact.dist 
1  1 CA C GLU 49  ? ? CA C PHE 279 ? ? 1.21 
2  1 CA B GLN 131 ? ? CA B TYR 132 ? ? 1.29 
3  1 CA B THR 293 ? ? CA B LEU 294 ? ? 1.29 
4  1 CA C THR 293 ? ? CA C LEU 294 ? ? 1.29 
5  1 CA A THR 293 ? ? CA A LEU 294 ? ? 1.29 
6  1 CA A THR 189 ? ? CA A LEU 191 ? ? 1.66 
7  1 CA C THR 189 ? ? CA C LEU 191 ? ? 1.66 
8  1 CA B THR 189 ? ? CA B LEU 191 ? ? 1.66 
9  1 CA B ASP 37  ? ? CA B ASN 355 ? ? 1.99 
10 1 CA A MET 289 ? ? CA A LYS 291 ? ? 2.03 
11 1 CA C MET 289 ? ? CA C LYS 291 ? ? 2.03 
12 1 CA B MET 289 ? ? CA B LYS 291 ? ? 2.03 
13 1 CA A GLU 49  ? ? CA A PHE 279 ? ? 2.08 
14 1 CA C VAL 130 ? ? CA C ASP 192 ? ? 2.16 
# 
_pdbx_point_symmetry.entry_id             3J05 
_pdbx_point_symmetry.Schoenflies_symbol   I 
_pdbx_point_symmetry.circular_symmetry    ? 
_pdbx_point_symmetry.H-M_notation         ? 
# 
_pdbx_entry_details.entry_id                 3J05 
_pdbx_entry_details.nonpolymer_details       ? 
_pdbx_entry_details.sequence_details         
;THE AUTHORS STATE THAT THERE ARE NO SEQUENCE CONFLICTS BETWEEN THE SEQUENCE IN THE PDB FILE AND SEQUENCE DATABASE REFERENCE NCBI BAD42413.
;
_pdbx_entry_details.compound_details         ? 
_pdbx_entry_details.source_details           ? 
_pdbx_entry_details.has_ligand_of_interest   ? 
# 
_em_3d_fitting.id                1 
_em_3d_fitting.entry_id          3J05 
_em_3d_fitting.ref_protocol      'RIGID BODY FIT' 
_em_3d_fitting.ref_space         REAL 
_em_3d_fitting.overall_b_value   ? 
_em_3d_fitting.target_criteria   correlation 
_em_3d_fitting.details           
;REFINEMENT PROTOCOL--rigid body DETAILS--The domains were fitted separately 
using Fit In Map feature in Chimera
;
_em_3d_fitting.method            ? 
# 
_em_3d_fitting_list.3d_fitting_id                 1 
_em_3d_fitting_list.id                            1 
_em_3d_fitting_list.pdb_entry_id                  3G7T 
_em_3d_fitting_list.pdb_chain_id                  ? 
_em_3d_fitting_list.details                       ? 
_em_3d_fitting_list.initial_refinement_model_id   1 
_em_3d_fitting_list.chain_id                      ? 
_em_3d_fitting_list.chain_residue_range           ? 
_em_3d_fitting_list.pdb_chain_residue_range       ? 
_em_3d_fitting_list.source_name                   PDB 
_em_3d_fitting_list.type                          'experimental model' 
_em_3d_fitting_list.accession_code                3G7T 
# 
_em_3d_reconstruction.entry_id                    3J05 
_em_3d_reconstruction.id                          1 
_em_3d_reconstruction.resolution_method           'FSC 0.5 CUT-OFF' 
_em_3d_reconstruction.symmetry_type               POINT 
_em_3d_reconstruction.image_processing_id         1 
_em_3d_reconstruction.method                      'Cross-common lines' 
_em_3d_reconstruction.nominal_pixel_size          1.9 
_em_3d_reconstruction.actual_pixel_size           1.9 
_em_3d_reconstruction.resolution                  7 
_em_3d_reconstruction.magnification_calibration   ? 
_em_3d_reconstruction.details                     'particles were selected manually' 
_em_3d_reconstruction.num_particles               2129 
_em_3d_reconstruction.num_class_averages          ? 
_em_3d_reconstruction.algorithm                   ? 
# 
_em_buffer.id            1 
_em_buffer.specimen_id   1 
_em_buffer.name          ? 
_em_buffer.pH            8 
_em_buffer.details       '120 mM NaCl, 12 mM Tris-HCl, pH 8.0, 1 mM EDTA' 
# 
_em_entity_assembly.id                   1 
_em_entity_assembly.name                 'Dengue virus serotype 1 with Fab fragment of human monoclonal antibody 14c10' 
_em_entity_assembly.type                 COMPLEX 
_em_entity_assembly.parent_id            0 
_em_entity_assembly.synonym              ? 
_em_entity_assembly.details              '120 Fab molecules bind to one dengue virion' 
_em_entity_assembly.oligomeric_details   ? 
# 
_em_imaging.entry_id                        3J05 
_em_imaging.id                              1 
_em_imaging.date                            2010-09-27 
_em_imaging.specimen_id                     1 
_em_imaging.temperature                     100 
_em_imaging.microscope_model                'FEI TITAN KRIOS' 
_em_imaging.nominal_defocus_min             760 
_em_imaging.nominal_defocus_max             4900 
_em_imaging.tilt_angle_min                  0.0 
_em_imaging.tilt_angle_max                  0.0 
_em_imaging.nominal_cs                      2.7 
_em_imaging.mode                            'BRIGHT FIELD' 
_em_imaging.illumination_mode               'SPOT SCAN' 
_em_imaging.nominal_magnification           47000 
_em_imaging.calibrated_magnification        ? 
_em_imaging.electron_source                 'FIELD EMISSION GUN' 
_em_imaging.accelerating_voltage            300 
_em_imaging.details                         ? 
_em_imaging.specimen_holder_type            'Titan krios cryoholder' 
_em_imaging.specimen_holder_model           OTHER 
_em_imaging.recording_temperature_minimum   ? 
_em_imaging.recording_temperature_maximum   ? 
_em_imaging.detector_distance               0.0 
_em_imaging.electron_beam_tilt_params       ? 
_em_imaging.astigmatism                     ? 
_em_imaging.citation_id                     ? 
# 
_em_virus_entity.id                    1 
_em_virus_entity.virus_host_category   INVERTERBRATES 
_em_virus_entity.entity_assembly_id    1 
_em_virus_entity.virus_type            VIRION 
_em_virus_entity.virus_isolate         STRAIN 
_em_virus_entity.empty                 NO 
_em_virus_entity.enveloped             YES 
_em_virus_entity.details               ? 
# 
_em_vitrification.entry_id              3J05 
_em_vitrification.id                    1 
_em_vitrification.instrument            'FEI VITROBOT MARK I' 
_em_vitrification.details               ? 
_em_vitrification.cryogen_name          ETHANE 
_em_vitrification.humidity              100 
_em_vitrification.temp                  ? 
_em_vitrification.method                '1 second blotting' 
_em_vitrification.time_resolved_state   ? 
_em_vitrification.citation_id           ? 
_em_vitrification.specimen_id           1 
# 
_em_experiment.entry_id                3J05 
_em_experiment.id                      1 
_em_experiment.aggregation_state       PARTICLE 
_em_experiment.entity_assembly_id      1 
_em_experiment.reconstruction_method   'SINGLE PARTICLE' 
# 
_em_single_particle_entity.entry_id              3J05 
_em_single_particle_entity.id                    1 
_em_single_particle_entity.point_symmetry        I 
_em_single_particle_entity.image_processing_id   1 
# 
loop_
_pdbx_unobs_or_zero_occ_residues.id 
_pdbx_unobs_or_zero_occ_residues.PDB_model_num 
_pdbx_unobs_or_zero_occ_residues.polymer_flag 
_pdbx_unobs_or_zero_occ_residues.occupancy_flag 
_pdbx_unobs_or_zero_occ_residues.auth_asym_id 
_pdbx_unobs_or_zero_occ_residues.auth_comp_id 
_pdbx_unobs_or_zero_occ_residues.auth_seq_id 
_pdbx_unobs_or_zero_occ_residues.PDB_ins_code 
_pdbx_unobs_or_zero_occ_residues.label_asym_id 
_pdbx_unobs_or_zero_occ_residues.label_comp_id 
_pdbx_unobs_or_zero_occ_residues.label_seq_id 
1  1 Y 1 A HIS 144 ? A HIS 144 
2  1 Y 1 A THR 145 ? A THR 145 
3  1 Y 1 A GLY 146 ? A GLY 146 
4  1 Y 1 A ASP 147 ? A ASP 147 
5  1 Y 1 A GLN 148 ? A GLN 148 
6  1 Y 1 A HIS 149 ? A HIS 149 
7  1 Y 1 A GLN 150 ? A GLN 150 
8  1 Y 1 A VAL 151 ? A VAL 151 
9  1 Y 1 A GLY 152 ? A GLY 152 
10 1 Y 1 A ASN 153 ? A ASN 153 
11 1 Y 1 A GLU 154 ? A GLU 154 
12 1 Y 1 A ALA 224 ? A ALA 224 
13 1 Y 1 A SER 225 ? A SER 225 
14 1 Y 1 A THR 226 ? A THR 226 
15 1 Y 1 A SER 227 ? A SER 227 
16 1 Y 1 A GLN 228 ? A GLN 228 
17 1 Y 1 A LYS 246 ? A LYS 246 
18 1 Y 1 A LYS 247 ? A LYS 247 
19 1 Y 1 A GLY 395 ? A GLY 395 
20 1 Y 1 A SER 396 ? A SER 396 
21 1 Y 1 A SER 397 ? A SER 397 
22 1 Y 1 A ILE 398 ? A ILE 398 
23 1 Y 1 A GLY 399 ? A GLY 399 
24 1 Y 1 A LYS 400 ? A LYS 400 
25 1 Y 1 B HIS 144 ? B HIS 144 
26 1 Y 1 B THR 145 ? B THR 145 
27 1 Y 1 B GLY 146 ? B GLY 146 
28 1 Y 1 B ASP 147 ? B ASP 147 
29 1 Y 1 B GLN 148 ? B GLN 148 
30 1 Y 1 B HIS 149 ? B HIS 149 
31 1 Y 1 B GLN 150 ? B GLN 150 
32 1 Y 1 B VAL 151 ? B VAL 151 
33 1 Y 1 B GLY 152 ? B GLY 152 
34 1 Y 1 B ASN 153 ? B ASN 153 
35 1 Y 1 B GLU 154 ? B GLU 154 
36 1 Y 1 B ALA 224 ? B ALA 224 
37 1 Y 1 B SER 225 ? B SER 225 
38 1 Y 1 B THR 226 ? B THR 226 
39 1 Y 1 B SER 227 ? B SER 227 
40 1 Y 1 B GLN 228 ? B GLN 228 
41 1 Y 1 B LYS 246 ? B LYS 246 
42 1 Y 1 B LYS 247 ? B LYS 247 
43 1 Y 1 B GLY 395 ? B GLY 395 
44 1 Y 1 B SER 396 ? B SER 396 
45 1 Y 1 B SER 397 ? B SER 397 
46 1 Y 1 B ILE 398 ? B ILE 398 
47 1 Y 1 B GLY 399 ? B GLY 399 
48 1 Y 1 B LYS 400 ? B LYS 400 
49 1 Y 1 C HIS 144 ? C HIS 144 
50 1 Y 1 C THR 145 ? C THR 145 
51 1 Y 1 C GLY 146 ? C GLY 146 
52 1 Y 1 C ASP 147 ? C ASP 147 
53 1 Y 1 C GLN 148 ? C GLN 148 
54 1 Y 1 C HIS 149 ? C HIS 149 
55 1 Y 1 C GLN 150 ? C GLN 150 
56 1 Y 1 C VAL 151 ? C VAL 151 
57 1 Y 1 C GLY 152 ? C GLY 152 
58 1 Y 1 C ASN 153 ? C ASN 153 
59 1 Y 1 C GLU 154 ? C GLU 154 
60 1 Y 1 C ALA 224 ? C ALA 224 
61 1 Y 1 C SER 225 ? C SER 225 
62 1 Y 1 C THR 226 ? C THR 226 
63 1 Y 1 C SER 227 ? C SER 227 
64 1 Y 1 C GLN 228 ? C GLN 228 
65 1 Y 1 C LYS 246 ? C LYS 246 
66 1 Y 1 C LYS 247 ? C LYS 247 
67 1 Y 1 C GLY 395 ? C GLY 395 
68 1 Y 1 C SER 396 ? C SER 396 
69 1 Y 1 C SER 397 ? C SER 397 
70 1 Y 1 C ILE 398 ? C ILE 398 
71 1 Y 1 C GLY 399 ? C GLY 399 
72 1 Y 1 C LYS 400 ? C LYS 400 
# 
loop_
_chem_comp_atom.comp_id 
_chem_comp_atom.atom_id 
_chem_comp_atom.type_symbol 
_chem_comp_atom.pdbx_aromatic_flag 
_chem_comp_atom.pdbx_stereo_config 
_chem_comp_atom.pdbx_ordinal 
ALA N    N N N 1   
ALA CA   C N S 2   
ALA C    C N N 3   
ALA O    O N N 4   
ALA CB   C N N 5   
ALA OXT  O N N 6   
ALA H    H N N 7   
ALA H2   H N N 8   
ALA HA   H N N 9   
ALA HB1  H N N 10  
ALA HB2  H N N 11  
ALA HB3  H N N 12  
ALA HXT  H N N 13  
ARG N    N N N 14  
ARG CA   C N S 15  
ARG C    C N N 16  
ARG O    O N N 17  
ARG CB   C N N 18  
ARG CG   C N N 19  
ARG CD   C N N 20  
ARG NE   N N N 21  
ARG CZ   C N N 22  
ARG NH1  N N N 23  
ARG NH2  N N N 24  
ARG OXT  O N N 25  
ARG H    H N N 26  
ARG H2   H N N 27  
ARG HA   H N N 28  
ARG HB2  H N N 29  
ARG HB3  H N N 30  
ARG HG2  H N N 31  
ARG HG3  H N N 32  
ARG HD2  H N N 33  
ARG HD3  H N N 34  
ARG HE   H N N 35  
ARG HH11 H N N 36  
ARG HH12 H N N 37  
ARG HH21 H N N 38  
ARG HH22 H N N 39  
ARG HXT  H N N 40  
ASN N    N N N 41  
ASN CA   C N S 42  
ASN C    C N N 43  
ASN O    O N N 44  
ASN CB   C N N 45  
ASN CG   C N N 46  
ASN OD1  O N N 47  
ASN ND2  N N N 48  
ASN OXT  O N N 49  
ASN H    H N N 50  
ASN H2   H N N 51  
ASN HA   H N N 52  
ASN HB2  H N N 53  
ASN HB3  H N N 54  
ASN HD21 H N N 55  
ASN HD22 H N N 56  
ASN HXT  H N N 57  
ASP N    N N N 58  
ASP CA   C N S 59  
ASP C    C N N 60  
ASP O    O N N 61  
ASP CB   C N N 62  
ASP CG   C N N 63  
ASP OD1  O N N 64  
ASP OD2  O N N 65  
ASP OXT  O N N 66  
ASP H    H N N 67  
ASP H2   H N N 68  
ASP HA   H N N 69  
ASP HB2  H N N 70  
ASP HB3  H N N 71  
ASP HD2  H N N 72  
ASP HXT  H N N 73  
CYS N    N N N 74  
CYS CA   C N R 75  
CYS C    C N N 76  
CYS O    O N N 77  
CYS CB   C N N 78  
CYS SG   S N N 79  
CYS OXT  O N N 80  
CYS H    H N N 81  
CYS H2   H N N 82  
CYS HA   H N N 83  
CYS HB2  H N N 84  
CYS HB3  H N N 85  
CYS HG   H N N 86  
CYS HXT  H N N 87  
GLN N    N N N 88  
GLN CA   C N S 89  
GLN C    C N N 90  
GLN O    O N N 91  
GLN CB   C N N 92  
GLN CG   C N N 93  
GLN CD   C N N 94  
GLN OE1  O N N 95  
GLN NE2  N N N 96  
GLN OXT  O N N 97  
GLN H    H N N 98  
GLN H2   H N N 99  
GLN HA   H N N 100 
GLN HB2  H N N 101 
GLN HB3  H N N 102 
GLN HG2  H N N 103 
GLN HG3  H N N 104 
GLN HE21 H N N 105 
GLN HE22 H N N 106 
GLN HXT  H N N 107 
GLU N    N N N 108 
GLU CA   C N S 109 
GLU C    C N N 110 
GLU O    O N N 111 
GLU CB   C N N 112 
GLU CG   C N N 113 
GLU CD   C N N 114 
GLU OE1  O N N 115 
GLU OE2  O N N 116 
GLU OXT  O N N 117 
GLU H    H N N 118 
GLU H2   H N N 119 
GLU HA   H N N 120 
GLU HB2  H N N 121 
GLU HB3  H N N 122 
GLU HG2  H N N 123 
GLU HG3  H N N 124 
GLU HE2  H N N 125 
GLU HXT  H N N 126 
GLY N    N N N 127 
GLY CA   C N N 128 
GLY C    C N N 129 
GLY O    O N N 130 
GLY OXT  O N N 131 
GLY H    H N N 132 
GLY H2   H N N 133 
GLY HA2  H N N 134 
GLY HA3  H N N 135 
GLY HXT  H N N 136 
HIS N    N N N 137 
HIS CA   C N S 138 
HIS C    C N N 139 
HIS O    O N N 140 
HIS CB   C N N 141 
HIS CG   C Y N 142 
HIS ND1  N Y N 143 
HIS CD2  C Y N 144 
HIS CE1  C Y N 145 
HIS NE2  N Y N 146 
HIS OXT  O N N 147 
HIS H    H N N 148 
HIS H2   H N N 149 
HIS HA   H N N 150 
HIS HB2  H N N 151 
HIS HB3  H N N 152 
HIS HD1  H N N 153 
HIS HD2  H N N 154 
HIS HE1  H N N 155 
HIS HE2  H N N 156 
HIS HXT  H N N 157 
ILE N    N N N 158 
ILE CA   C N S 159 
ILE C    C N N 160 
ILE O    O N N 161 
ILE CB   C N S 162 
ILE CG1  C N N 163 
ILE CG2  C N N 164 
ILE CD1  C N N 165 
ILE OXT  O N N 166 
ILE H    H N N 167 
ILE H2   H N N 168 
ILE HA   H N N 169 
ILE HB   H N N 170 
ILE HG12 H N N 171 
ILE HG13 H N N 172 
ILE HG21 H N N 173 
ILE HG22 H N N 174 
ILE HG23 H N N 175 
ILE HD11 H N N 176 
ILE HD12 H N N 177 
ILE HD13 H N N 178 
ILE HXT  H N N 179 
LEU N    N N N 180 
LEU CA   C N S 181 
LEU C    C N N 182 
LEU O    O N N 183 
LEU CB   C N N 184 
LEU CG   C N N 185 
LEU CD1  C N N 186 
LEU CD2  C N N 187 
LEU OXT  O N N 188 
LEU H    H N N 189 
LEU H2   H N N 190 
LEU HA   H N N 191 
LEU HB2  H N N 192 
LEU HB3  H N N 193 
LEU HG   H N N 194 
LEU HD11 H N N 195 
LEU HD12 H N N 196 
LEU HD13 H N N 197 
LEU HD21 H N N 198 
LEU HD22 H N N 199 
LEU HD23 H N N 200 
LEU HXT  H N N 201 
LYS N    N N N 202 
LYS CA   C N S 203 
LYS C    C N N 204 
LYS O    O N N 205 
LYS CB   C N N 206 
LYS CG   C N N 207 
LYS CD   C N N 208 
LYS CE   C N N 209 
LYS NZ   N N N 210 
LYS OXT  O N N 211 
LYS H    H N N 212 
LYS H2   H N N 213 
LYS HA   H N N 214 
LYS HB2  H N N 215 
LYS HB3  H N N 216 
LYS HG2  H N N 217 
LYS HG3  H N N 218 
LYS HD2  H N N 219 
LYS HD3  H N N 220 
LYS HE2  H N N 221 
LYS HE3  H N N 222 
LYS HZ1  H N N 223 
LYS HZ2  H N N 224 
LYS HZ3  H N N 225 
LYS HXT  H N N 226 
MET N    N N N 227 
MET CA   C N S 228 
MET C    C N N 229 
MET O    O N N 230 
MET CB   C N N 231 
MET CG   C N N 232 
MET SD   S N N 233 
MET CE   C N N 234 
MET OXT  O N N 235 
MET H    H N N 236 
MET H2   H N N 237 
MET HA   H N N 238 
MET HB2  H N N 239 
MET HB3  H N N 240 
MET HG2  H N N 241 
MET HG3  H N N 242 
MET HE1  H N N 243 
MET HE2  H N N 244 
MET HE3  H N N 245 
MET HXT  H N N 246 
PHE N    N N N 247 
PHE CA   C N S 248 
PHE C    C N N 249 
PHE O    O N N 250 
PHE CB   C N N 251 
PHE CG   C Y N 252 
PHE CD1  C Y N 253 
PHE CD2  C Y N 254 
PHE CE1  C Y N 255 
PHE CE2  C Y N 256 
PHE CZ   C Y N 257 
PHE OXT  O N N 258 
PHE H    H N N 259 
PHE H2   H N N 260 
PHE HA   H N N 261 
PHE HB2  H N N 262 
PHE HB3  H N N 263 
PHE HD1  H N N 264 
PHE HD2  H N N 265 
PHE HE1  H N N 266 
PHE HE2  H N N 267 
PHE HZ   H N N 268 
PHE HXT  H N N 269 
PRO N    N N N 270 
PRO CA   C N S 271 
PRO C    C N N 272 
PRO O    O N N 273 
PRO CB   C N N 274 
PRO CG   C N N 275 
PRO CD   C N N 276 
PRO OXT  O N N 277 
PRO H    H N N 278 
PRO HA   H N N 279 
PRO HB2  H N N 280 
PRO HB3  H N N 281 
PRO HG2  H N N 282 
PRO HG3  H N N 283 
PRO HD2  H N N 284 
PRO HD3  H N N 285 
PRO HXT  H N N 286 
SER N    N N N 287 
SER CA   C N S 288 
SER C    C N N 289 
SER O    O N N 290 
SER CB   C N N 291 
SER OG   O N N 292 
SER OXT  O N N 293 
SER H    H N N 294 
SER H2   H N N 295 
SER HA   H N N 296 
SER HB2  H N N 297 
SER HB3  H N N 298 
SER HG   H N N 299 
SER HXT  H N N 300 
THR N    N N N 301 
THR CA   C N S 302 
THR C    C N N 303 
THR O    O N N 304 
THR CB   C N R 305 
THR OG1  O N N 306 
THR CG2  C N N 307 
THR OXT  O N N 308 
THR H    H N N 309 
THR H2   H N N 310 
THR HA   H N N 311 
THR HB   H N N 312 
THR HG1  H N N 313 
THR HG21 H N N 314 
THR HG22 H N N 315 
THR HG23 H N N 316 
THR HXT  H N N 317 
TRP N    N N N 318 
TRP CA   C N S 319 
TRP C    C N N 320 
TRP O    O N N 321 
TRP CB   C N N 322 
TRP CG   C Y N 323 
TRP CD1  C Y N 324 
TRP CD2  C Y N 325 
TRP NE1  N Y N 326 
TRP CE2  C Y N 327 
TRP CE3  C Y N 328 
TRP CZ2  C Y N 329 
TRP CZ3  C Y N 330 
TRP CH2  C Y N 331 
TRP OXT  O N N 332 
TRP H    H N N 333 
TRP H2   H N N 334 
TRP HA   H N N 335 
TRP HB2  H N N 336 
TRP HB3  H N N 337 
TRP HD1  H N N 338 
TRP HE1  H N N 339 
TRP HE3  H N N 340 
TRP HZ2  H N N 341 
TRP HZ3  H N N 342 
TRP HH2  H N N 343 
TRP HXT  H N N 344 
TYR N    N N N 345 
TYR CA   C N S 346 
TYR C    C N N 347 
TYR O    O N N 348 
TYR CB   C N N 349 
TYR CG   C Y N 350 
TYR CD1  C Y N 351 
TYR CD2  C Y N 352 
TYR CE1  C Y N 353 
TYR CE2  C Y N 354 
TYR CZ   C Y N 355 
TYR OH   O N N 356 
TYR OXT  O N N 357 
TYR H    H N N 358 
TYR H2   H N N 359 
TYR HA   H N N 360 
TYR HB2  H N N 361 
TYR HB3  H N N 362 
TYR HD1  H N N 363 
TYR HD2  H N N 364 
TYR HE1  H N N 365 
TYR HE2  H N N 366 
TYR HH   H N N 367 
TYR HXT  H N N 368 
VAL N    N N N 369 
VAL CA   C N S 370 
VAL C    C N N 371 
VAL O    O N N 372 
VAL CB   C N N 373 
VAL CG1  C N N 374 
VAL CG2  C N N 375 
VAL OXT  O N N 376 
VAL H    H N N 377 
VAL H2   H N N 378 
VAL HA   H N N 379 
VAL HB   H N N 380 
VAL HG11 H N N 381 
VAL HG12 H N N 382 
VAL HG13 H N N 383 
VAL HG21 H N N 384 
VAL HG22 H N N 385 
VAL HG23 H N N 386 
VAL HXT  H N N 387 
# 
loop_
_chem_comp_bond.comp_id 
_chem_comp_bond.atom_id_1 
_chem_comp_bond.atom_id_2 
_chem_comp_bond.value_order 
_chem_comp_bond.pdbx_aromatic_flag 
_chem_comp_bond.pdbx_stereo_config 
_chem_comp_bond.pdbx_ordinal 
ALA N   CA   sing N N 1   
ALA N   H    sing N N 2   
ALA N   H2   sing N N 3   
ALA CA  C    sing N N 4   
ALA CA  CB   sing N N 5   
ALA CA  HA   sing N N 6   
ALA C   O    doub N N 7   
ALA C   OXT  sing N N 8   
ALA CB  HB1  sing N N 9   
ALA CB  HB2  sing N N 10  
ALA CB  HB3  sing N N 11  
ALA OXT HXT  sing N N 12  
ARG N   CA   sing N N 13  
ARG N   H    sing N N 14  
ARG N   H2   sing N N 15  
ARG CA  C    sing N N 16  
ARG CA  CB   sing N N 17  
ARG CA  HA   sing N N 18  
ARG C   O    doub N N 19  
ARG C   OXT  sing N N 20  
ARG CB  CG   sing N N 21  
ARG CB  HB2  sing N N 22  
ARG CB  HB3  sing N N 23  
ARG CG  CD   sing N N 24  
ARG CG  HG2  sing N N 25  
ARG CG  HG3  sing N N 26  
ARG CD  NE   sing N N 27  
ARG CD  HD2  sing N N 28  
ARG CD  HD3  sing N N 29  
ARG NE  CZ   sing N N 30  
ARG NE  HE   sing N N 31  
ARG CZ  NH1  sing N N 32  
ARG CZ  NH2  doub N N 33  
ARG NH1 HH11 sing N N 34  
ARG NH1 HH12 sing N N 35  
ARG NH2 HH21 sing N N 36  
ARG NH2 HH22 sing N N 37  
ARG OXT HXT  sing N N 38  
ASN N   CA   sing N N 39  
ASN N   H    sing N N 40  
ASN N   H2   sing N N 41  
ASN CA  C    sing N N 42  
ASN CA  CB   sing N N 43  
ASN CA  HA   sing N N 44  
ASN C   O    doub N N 45  
ASN C   OXT  sing N N 46  
ASN CB  CG   sing N N 47  
ASN CB  HB2  sing N N 48  
ASN CB  HB3  sing N N 49  
ASN CG  OD1  doub N N 50  
ASN CG  ND2  sing N N 51  
ASN ND2 HD21 sing N N 52  
ASN ND2 HD22 sing N N 53  
ASN OXT HXT  sing N N 54  
ASP N   CA   sing N N 55  
ASP N   H    sing N N 56  
ASP N   H2   sing N N 57  
ASP CA  C    sing N N 58  
ASP CA  CB   sing N N 59  
ASP CA  HA   sing N N 60  
ASP C   O    doub N N 61  
ASP C   OXT  sing N N 62  
ASP CB  CG   sing N N 63  
ASP CB  HB2  sing N N 64  
ASP CB  HB3  sing N N 65  
ASP CG  OD1  doub N N 66  
ASP CG  OD2  sing N N 67  
ASP OD2 HD2  sing N N 68  
ASP OXT HXT  sing N N 69  
CYS N   CA   sing N N 70  
CYS N   H    sing N N 71  
CYS N   H2   sing N N 72  
CYS CA  C    sing N N 73  
CYS CA  CB   sing N N 74  
CYS CA  HA   sing N N 75  
CYS C   O    doub N N 76  
CYS C   OXT  sing N N 77  
CYS CB  SG   sing N N 78  
CYS CB  HB2  sing N N 79  
CYS CB  HB3  sing N N 80  
CYS SG  HG   sing N N 81  
CYS OXT HXT  sing N N 82  
GLN N   CA   sing N N 83  
GLN N   H    sing N N 84  
GLN N   H2   sing N N 85  
GLN CA  C    sing N N 86  
GLN CA  CB   sing N N 87  
GLN CA  HA   sing N N 88  
GLN C   O    doub N N 89  
GLN C   OXT  sing N N 90  
GLN CB  CG   sing N N 91  
GLN CB  HB2  sing N N 92  
GLN CB  HB3  sing N N 93  
GLN CG  CD   sing N N 94  
GLN CG  HG2  sing N N 95  
GLN CG  HG3  sing N N 96  
GLN CD  OE1  doub N N 97  
GLN CD  NE2  sing N N 98  
GLN NE2 HE21 sing N N 99  
GLN NE2 HE22 sing N N 100 
GLN OXT HXT  sing N N 101 
GLU N   CA   sing N N 102 
GLU N   H    sing N N 103 
GLU N   H2   sing N N 104 
GLU CA  C    sing N N 105 
GLU CA  CB   sing N N 106 
GLU CA  HA   sing N N 107 
GLU C   O    doub N N 108 
GLU C   OXT  sing N N 109 
GLU CB  CG   sing N N 110 
GLU CB  HB2  sing N N 111 
GLU CB  HB3  sing N N 112 
GLU CG  CD   sing N N 113 
GLU CG  HG2  sing N N 114 
GLU CG  HG3  sing N N 115 
GLU CD  OE1  doub N N 116 
GLU CD  OE2  sing N N 117 
GLU OE2 HE2  sing N N 118 
GLU OXT HXT  sing N N 119 
GLY N   CA   sing N N 120 
GLY N   H    sing N N 121 
GLY N   H2   sing N N 122 
GLY CA  C    sing N N 123 
GLY CA  HA2  sing N N 124 
GLY CA  HA3  sing N N 125 
GLY C   O    doub N N 126 
GLY C   OXT  sing N N 127 
GLY OXT HXT  sing N N 128 
HIS N   CA   sing N N 129 
HIS N   H    sing N N 130 
HIS N   H2   sing N N 131 
HIS CA  C    sing N N 132 
HIS CA  CB   sing N N 133 
HIS CA  HA   sing N N 134 
HIS C   O    doub N N 135 
HIS C   OXT  sing N N 136 
HIS CB  CG   sing N N 137 
HIS CB  HB2  sing N N 138 
HIS CB  HB3  sing N N 139 
HIS CG  ND1  sing Y N 140 
HIS CG  CD2  doub Y N 141 
HIS ND1 CE1  doub Y N 142 
HIS ND1 HD1  sing N N 143 
HIS CD2 NE2  sing Y N 144 
HIS CD2 HD2  sing N N 145 
HIS CE1 NE2  sing Y N 146 
HIS CE1 HE1  sing N N 147 
HIS NE2 HE2  sing N N 148 
HIS OXT HXT  sing N N 149 
ILE N   CA   sing N N 150 
ILE N   H    sing N N 151 
ILE N   H2   sing N N 152 
ILE CA  C    sing N N 153 
ILE CA  CB   sing N N 154 
ILE CA  HA   sing N N 155 
ILE C   O    doub N N 156 
ILE C   OXT  sing N N 157 
ILE CB  CG1  sing N N 158 
ILE CB  CG2  sing N N 159 
ILE CB  HB   sing N N 160 
ILE CG1 CD1  sing N N 161 
ILE CG1 HG12 sing N N 162 
ILE CG1 HG13 sing N N 163 
ILE CG2 HG21 sing N N 164 
ILE CG2 HG22 sing N N 165 
ILE CG2 HG23 sing N N 166 
ILE CD1 HD11 sing N N 167 
ILE CD1 HD12 sing N N 168 
ILE CD1 HD13 sing N N 169 
ILE OXT HXT  sing N N 170 
LEU N   CA   sing N N 171 
LEU N   H    sing N N 172 
LEU N   H2   sing N N 173 
LEU CA  C    sing N N 174 
LEU CA  CB   sing N N 175 
LEU CA  HA   sing N N 176 
LEU C   O    doub N N 177 
LEU C   OXT  sing N N 178 
LEU CB  CG   sing N N 179 
LEU CB  HB2  sing N N 180 
LEU CB  HB3  sing N N 181 
LEU CG  CD1  sing N N 182 
LEU CG  CD2  sing N N 183 
LEU CG  HG   sing N N 184 
LEU CD1 HD11 sing N N 185 
LEU CD1 HD12 sing N N 186 
LEU CD1 HD13 sing N N 187 
LEU CD2 HD21 sing N N 188 
LEU CD2 HD22 sing N N 189 
LEU CD2 HD23 sing N N 190 
LEU OXT HXT  sing N N 191 
LYS N   CA   sing N N 192 
LYS N   H    sing N N 193 
LYS N   H2   sing N N 194 
LYS CA  C    sing N N 195 
LYS CA  CB   sing N N 196 
LYS CA  HA   sing N N 197 
LYS C   O    doub N N 198 
LYS C   OXT  sing N N 199 
LYS CB  CG   sing N N 200 
LYS CB  HB2  sing N N 201 
LYS CB  HB3  sing N N 202 
LYS CG  CD   sing N N 203 
LYS CG  HG2  sing N N 204 
LYS CG  HG3  sing N N 205 
LYS CD  CE   sing N N 206 
LYS CD  HD2  sing N N 207 
LYS CD  HD3  sing N N 208 
LYS CE  NZ   sing N N 209 
LYS CE  HE2  sing N N 210 
LYS CE  HE3  sing N N 211 
LYS NZ  HZ1  sing N N 212 
LYS NZ  HZ2  sing N N 213 
LYS NZ  HZ3  sing N N 214 
LYS OXT HXT  sing N N 215 
MET N   CA   sing N N 216 
MET N   H    sing N N 217 
MET N   H2   sing N N 218 
MET CA  C    sing N N 219 
MET CA  CB   sing N N 220 
MET CA  HA   sing N N 221 
MET C   O    doub N N 222 
MET C   OXT  sing N N 223 
MET CB  CG   sing N N 224 
MET CB  HB2  sing N N 225 
MET CB  HB3  sing N N 226 
MET CG  SD   sing N N 227 
MET CG  HG2  sing N N 228 
MET CG  HG3  sing N N 229 
MET SD  CE   sing N N 230 
MET CE  HE1  sing N N 231 
MET CE  HE2  sing N N 232 
MET CE  HE3  sing N N 233 
MET OXT HXT  sing N N 234 
PHE N   CA   sing N N 235 
PHE N   H    sing N N 236 
PHE N   H2   sing N N 237 
PHE CA  C    sing N N 238 
PHE CA  CB   sing N N 239 
PHE CA  HA   sing N N 240 
PHE C   O    doub N N 241 
PHE C   OXT  sing N N 242 
PHE CB  CG   sing N N 243 
PHE CB  HB2  sing N N 244 
PHE CB  HB3  sing N N 245 
PHE CG  CD1  doub Y N 246 
PHE CG  CD2  sing Y N 247 
PHE CD1 CE1  sing Y N 248 
PHE CD1 HD1  sing N N 249 
PHE CD2 CE2  doub Y N 250 
PHE CD2 HD2  sing N N 251 
PHE CE1 CZ   doub Y N 252 
PHE CE1 HE1  sing N N 253 
PHE CE2 CZ   sing Y N 254 
PHE CE2 HE2  sing N N 255 
PHE CZ  HZ   sing N N 256 
PHE OXT HXT  sing N N 257 
PRO N   CA   sing N N 258 
PRO N   CD   sing N N 259 
PRO N   H    sing N N 260 
PRO CA  C    sing N N 261 
PRO CA  CB   sing N N 262 
PRO CA  HA   sing N N 263 
PRO C   O    doub N N 264 
PRO C   OXT  sing N N 265 
PRO CB  CG   sing N N 266 
PRO CB  HB2  sing N N 267 
PRO CB  HB3  sing N N 268 
PRO CG  CD   sing N N 269 
PRO CG  HG2  sing N N 270 
PRO CG  HG3  sing N N 271 
PRO CD  HD2  sing N N 272 
PRO CD  HD3  sing N N 273 
PRO OXT HXT  sing N N 274 
SER N   CA   sing N N 275 
SER N   H    sing N N 276 
SER N   H2   sing N N 277 
SER CA  C    sing N N 278 
SER CA  CB   sing N N 279 
SER CA  HA   sing N N 280 
SER C   O    doub N N 281 
SER C   OXT  sing N N 282 
SER CB  OG   sing N N 283 
SER CB  HB2  sing N N 284 
SER CB  HB3  sing N N 285 
SER OG  HG   sing N N 286 
SER OXT HXT  sing N N 287 
THR N   CA   sing N N 288 
THR N   H    sing N N 289 
THR N   H2   sing N N 290 
THR CA  C    sing N N 291 
THR CA  CB   sing N N 292 
THR CA  HA   sing N N 293 
THR C   O    doub N N 294 
THR C   OXT  sing N N 295 
THR CB  OG1  sing N N 296 
THR CB  CG2  sing N N 297 
THR CB  HB   sing N N 298 
THR OG1 HG1  sing N N 299 
THR CG2 HG21 sing N N 300 
THR CG2 HG22 sing N N 301 
THR CG2 HG23 sing N N 302 
THR OXT HXT  sing N N 303 
TRP N   CA   sing N N 304 
TRP N   H    sing N N 305 
TRP N   H2   sing N N 306 
TRP CA  C    sing N N 307 
TRP CA  CB   sing N N 308 
TRP CA  HA   sing N N 309 
TRP C   O    doub N N 310 
TRP C   OXT  sing N N 311 
TRP CB  CG   sing N N 312 
TRP CB  HB2  sing N N 313 
TRP CB  HB3  sing N N 314 
TRP CG  CD1  doub Y N 315 
TRP CG  CD2  sing Y N 316 
TRP CD1 NE1  sing Y N 317 
TRP CD1 HD1  sing N N 318 
TRP CD2 CE2  doub Y N 319 
TRP CD2 CE3  sing Y N 320 
TRP NE1 CE2  sing Y N 321 
TRP NE1 HE1  sing N N 322 
TRP CE2 CZ2  sing Y N 323 
TRP CE3 CZ3  doub Y N 324 
TRP CE3 HE3  sing N N 325 
TRP CZ2 CH2  doub Y N 326 
TRP CZ2 HZ2  sing N N 327 
TRP CZ3 CH2  sing Y N 328 
TRP CZ3 HZ3  sing N N 329 
TRP CH2 HH2  sing N N 330 
TRP OXT HXT  sing N N 331 
TYR N   CA   sing N N 332 
TYR N   H    sing N N 333 
TYR N   H2   sing N N 334 
TYR CA  C    sing N N 335 
TYR CA  CB   sing N N 336 
TYR CA  HA   sing N N 337 
TYR C   O    doub N N 338 
TYR C   OXT  sing N N 339 
TYR CB  CG   sing N N 340 
TYR CB  HB2  sing N N 341 
TYR CB  HB3  sing N N 342 
TYR CG  CD1  doub Y N 343 
TYR CG  CD2  sing Y N 344 
TYR CD1 CE1  sing Y N 345 
TYR CD1 HD1  sing N N 346 
TYR CD2 CE2  doub Y N 347 
TYR CD2 HD2  sing N N 348 
TYR CE1 CZ   doub Y N 349 
TYR CE1 HE1  sing N N 350 
TYR CE2 CZ   sing Y N 351 
TYR CE2 HE2  sing N N 352 
TYR CZ  OH   sing N N 353 
TYR OH  HH   sing N N 354 
TYR OXT HXT  sing N N 355 
VAL N   CA   sing N N 356 
VAL N   H    sing N N 357 
VAL N   H2   sing N N 358 
VAL CA  C    sing N N 359 
VAL CA  CB   sing N N 360 
VAL CA  HA   sing N N 361 
VAL C   O    doub N N 362 
VAL C   OXT  sing N N 363 
VAL CB  CG1  sing N N 364 
VAL CB  CG2  sing N N 365 
VAL CB  HB   sing N N 366 
VAL CG1 HG11 sing N N 367 
VAL CG1 HG12 sing N N 368 
VAL CG1 HG13 sing N N 369 
VAL CG2 HG21 sing N N 370 
VAL CG2 HG22 sing N N 371 
VAL CG2 HG23 sing N N 372 
VAL OXT HXT  sing N N 373 
# 
_em_ctf_correction.id        1 
_em_ctf_correction.details   'each particle' 
_em_ctf_correction.type      . 
# 
_em_image_processing.id                   1 
_em_image_processing.image_recording_id   1 
_em_image_processing.details              ? 
# 
_em_image_recording.avg_electron_dose_per_image   16 
_em_image_recording.details                       ? 
_em_image_recording.id                            1 
_em_image_recording.film_or_detector_model        'GENERIC GATAN' 
_em_image_recording.imaging_id                    1 
_em_image_recording.detector_mode                 ? 
_em_image_recording.average_exposure_time         ? 
_em_image_recording.num_diffraction_images        ? 
_em_image_recording.num_grids_imaged              ? 
_em_image_recording.num_real_images               ? 
# 
loop_
_em_software.id 
_em_software.name 
_em_software.version 
_em_software.category 
_em_software.details 
_em_software.image_processing_id 
1 'UCSF Chimera' ? 'MODEL FITTING' ? ? 
2 EMAN           ? RECONSTRUCTION  ? 1 
3 MPSA           ? RECONSTRUCTION  ? 1 
# 
_em_specimen.experiment_id           1 
_em_specimen.id                      1 
_em_specimen.concentration           ? 
_em_specimen.vitrification_applied   YES 
_em_specimen.staining_applied        NO 
_em_specimen.embedding_applied       NO 
_em_specimen.shadowing_applied       NO 
_em_specimen.details                 '120 mM NaCl, 12 mM Tris-HCl, pH 8.0, 1 mM EDTA' 
# 
_em_virus_natural_host.entity_assembly_id   1 
_em_virus_natural_host.id                   1 
_em_virus_natural_host.ncbi_tax_id          7160 
_em_virus_natural_host.organism             'Aedes albopictus' 
_em_virus_natural_host.strain               ? 
# 
loop_
_pdbx_coordinate_model.asym_id 
_pdbx_coordinate_model.type 
A 'CA ATOMS ONLY' 
B 'CA ATOMS ONLY' 
C 'CA ATOMS ONLY' 
# 
_pdbx_initial_refinement_model.id               1 
_pdbx_initial_refinement_model.type             'experimental model' 
_pdbx_initial_refinement_model.source_name      PDB 
_pdbx_initial_refinement_model.accession_code   3G7T 
# 
_atom_sites.entry_id                    3J05 
_atom_sites.fract_transf_matrix[1][1]   1.000000 
_atom_sites.fract_transf_matrix[1][2]   0.000000 
_atom_sites.fract_transf_matrix[1][3]   0.000000 
_atom_sites.fract_transf_matrix[2][1]   0.000000 
_atom_sites.fract_transf_matrix[2][2]   1.000000 
_atom_sites.fract_transf_matrix[2][3]   0.000000 
_atom_sites.fract_transf_matrix[3][1]   0.000000 
_atom_sites.fract_transf_matrix[3][2]   0.000000 
_atom_sites.fract_transf_matrix[3][3]   1.000000 
_atom_sites.fract_transf_vector[1]      0.00000 
_atom_sites.fract_transf_vector[2]      0.00000 
_atom_sites.fract_transf_vector[3]      0.00000 
# 
_atom_type.symbol   C 
# 
loop_
_atom_site.group_PDB 
_atom_site.id 
_atom_site.type_symbol 
_atom_site.label_atom_id 
_atom_site.label_alt_id 
_atom_site.label_comp_id 
_atom_site.label_asym_id 
_atom_site.label_entity_id 
_atom_site.label_seq_id 
_atom_site.pdbx_PDB_ins_code 
_atom_site.Cartn_x 
_atom_site.Cartn_y 
_atom_site.Cartn_z 
_atom_site.occupancy 
_atom_site.B_iso_or_equiv 
_atom_site.pdbx_formal_charge 
_atom_site.auth_seq_id 
_atom_site.auth_comp_id 
_atom_site.auth_asym_id 
_atom_site.auth_atom_id 
_atom_site.pdbx_PDB_model_num 
ATOM 1    C CA . MET A 1 1   ? 47.408  -8.756  46.195  1.00 105.03 ? 1   MET A CA 1 
ATOM 2    C CA . ARG A 1 2   ? 44.934  -7.797  43.482  1.00 77.97  ? 2   ARG A CA 1 
ATOM 3    C CA . CYS A 1 3   ? 43.669  -4.196  42.886  1.00 67.19  ? 3   CYS A CA 1 
ATOM 4    C CA . VAL A 1 4   ? 44.975  -1.260  40.732  1.00 43.84  ? 4   VAL A CA 1 
ATOM 5    C CA . GLY A 1 5   ? 45.734  2.224   42.206  1.00 57.03  ? 5   GLY A CA 1 
ATOM 6    C CA . ILE A 1 6   ? 44.914  5.629   40.657  1.00 41.45  ? 6   ILE A CA 1 
ATOM 7    C CA . GLY A 1 7   ? 47.273  7.672   38.512  1.00 67.61  ? 7   GLY A CA 1 
ATOM 8    C CA . ASN A 1 8   ? 48.374  11.207  39.107  1.00 80.07  ? 8   ASN A CA 1 
ATOM 9    C CA . ARG A 1 9   ? 46.106  12.814  36.597  1.00 67.08  ? 9   ARG A CA 1 
ATOM 10   C CA . ASP A 1 10  ? 42.650  11.733  37.689  1.00 61.26  ? 10  ASP A CA 1 
ATOM 11   C CA . PHE A 1 11  ? 41.677  13.469  40.807  1.00 37.85  ? 11  PHE A CA 1 
ATOM 12   C CA . VAL A 1 12  ? 41.926  17.032  41.922  1.00 46.89  ? 12  VAL A CA 1 
ATOM 13   C CA . GLU A 1 13  ? 42.317  18.583  45.340  1.00 58.06  ? 13  GLU A CA 1 
ATOM 14   C CA . GLY A 1 14  ? 40.988  22.139  45.780  1.00 46.20  ? 14  GLY A CA 1 
ATOM 15   C CA . LEU A 1 15  ? 42.335  24.624  48.280  1.00 34.26  ? 15  LEU A CA 1 
ATOM 16   C CA . SER A 1 16  ? 38.759  24.458  49.450  1.00 65.00  ? 16  SER A CA 1 
ATOM 17   C CA . GLY A 1 17  ? 35.873  22.247  48.615  1.00 59.32  ? 17  GLY A CA 1 
ATOM 18   C CA . ALA A 1 18  ? 37.114  18.764  48.130  1.00 47.27  ? 18  ALA A CA 1 
ATOM 19   C CA . THR A 1 19  ? 38.610  15.913  46.329  1.00 54.16  ? 19  THR A CA 1 
ATOM 20   C CA . TRP A 1 20  ? 37.019  14.882  43.113  1.00 45.91  ? 20  TRP A CA 1 
ATOM 21   C CA . VAL A 1 21  ? 38.441  11.831  41.519  1.00 50.12  ? 21  VAL A CA 1 
ATOM 22   C CA . ASP A 1 22  ? 37.678  10.099  38.261  1.00 46.26  ? 22  ASP A CA 1 
ATOM 23   C CA . VAL A 1 23  ? 37.133  6.350   38.024  1.00 53.08  ? 23  VAL A CA 1 
ATOM 24   C CA . VAL A 1 24  ? 36.230  3.828   35.379  1.00 47.36  ? 24  VAL A CA 1 
ATOM 25   C CA . LEU A 1 25  ? 35.439  0.575   37.136  1.00 59.15  ? 25  LEU A CA 1 
ATOM 26   C CA . GLU A 1 26  ? 35.153  -2.197  34.575  1.00 70.97  ? 26  GLU A CA 1 
ATOM 27   C CA . HIS A 1 27  ? 33.650  -5.682  34.472  1.00 43.66  ? 27  HIS A CA 1 
ATOM 28   C CA . GLY A 1 28  ? 36.298  -7.650  36.299  1.00 49.92  ? 28  GLY A CA 1 
ATOM 29   C CA . SER A 1 29  ? 38.596  -4.939  37.663  1.00 60.80  ? 29  SER A CA 1 
ATOM 30   C CA . CYS A 1 30  ? 38.886  -3.110  40.939  1.00 60.98  ? 30  CYS A CA 1 
ATOM 31   C CA . VAL A 1 31  ? 40.463  0.353   41.479  1.00 45.55  ? 31  VAL A CA 1 
ATOM 32   C CA . THR A 1 32  ? 42.533  1.364   44.520  1.00 55.03  ? 32  THR A CA 1 
ATOM 33   C CA . THR A 1 33  ? 43.921  4.404   46.509  1.00 69.91  ? 33  THR A CA 1 
ATOM 34   C CA . MET A 1 34  ? 44.788  6.008   49.872  1.00 71.44  ? 34  MET A CA 1 
ATOM 35   C CA . ALA A 1 35  ? 46.215  9.054   51.626  1.00 68.42  ? 35  ALA A CA 1 
ATOM 36   C CA . LYS A 1 36  ? 48.679  9.484   54.478  1.00 60.06  ? 36  LYS A CA 1 
ATOM 37   C CA . ASP A 1 37  ? 48.151  7.260   57.504  1.00 90.07  ? 37  ASP A CA 1 
ATOM 38   C CA . LYS A 1 38  ? 44.722  6.512   56.108  1.00 73.89  ? 38  LYS A CA 1 
ATOM 39   C CA . PRO A 1 39  ? 43.776  2.926   55.354  1.00 54.96  ? 39  PRO A CA 1 
ATOM 40   C CA . THR A 1 40  ? 43.600  1.788   51.724  1.00 46.29  ? 40  THR A CA 1 
ATOM 41   C CA . LEU A 1 41  ? 40.578  2.040   49.384  1.00 52.97  ? 41  LEU A CA 1 
ATOM 42   C CA . ASP A 1 42  ? 39.083  -0.513  47.026  1.00 50.51  ? 42  ASP A CA 1 
ATOM 43   C CA . ILE A 1 43  ? 36.457  0.187   44.479  1.00 56.29  ? 43  ILE A CA 1 
ATOM 44   C CA . GLU A 1 44  ? 34.947  -2.640  42.671  1.00 36.40  ? 44  GLU A CA 1 
ATOM 45   C CA . LEU A 1 45  ? 32.144  -3.152  40.282  1.00 50.46  ? 45  LEU A CA 1 
ATOM 46   C CA . LEU A 1 46  ? 29.996  -5.799  41.834  1.00 55.53  ? 46  LEU A CA 1 
ATOM 47   C CA . LYS A 1 47  ? 27.911  -6.543  38.816  1.00 53.54  ? 47  LYS A CA 1 
ATOM 48   C CA . THR A 1 48  ? 25.627  -5.326  36.169  1.00 60.28  ? 48  THR A CA 1 
ATOM 49   C CA . GLU A 1 49  ? 22.251  -6.111  35.553  1.00 47.03  ? 49  GLU A CA 1 
ATOM 50   C CA . VAL A 1 50  ? 18.773  -6.020  34.313  1.00 45.83  ? 50  VAL A CA 1 
ATOM 51   C CA . THR A 1 51  ? 15.999  -6.943  36.493  1.00 54.46  ? 51  THR A CA 1 
ATOM 52   C CA . ASN A 1 52  ? 9.768   -8.193  36.701  1.00 49.87  ? 52  ASN A CA 1 
ATOM 53   C CA . PRO A 1 53  ? 9.662   -6.331  30.234  1.00 36.91  ? 53  PRO A CA 1 
ATOM 54   C CA . ALA A 1 54  ? 7.369   -5.921  26.738  1.00 49.93  ? 54  ALA A CA 1 
ATOM 55   C CA . VAL A 1 55  ? 7.025   -8.823  24.313  1.00 53.35  ? 55  VAL A CA 1 
ATOM 56   C CA . LEU A 1 56  ? 8.412   -7.658  21.005  1.00 50.81  ? 56  LEU A CA 1 
ATOM 57   C CA . ARG A 1 57  ? 8.003   -10.565 18.673  1.00 58.08  ? 57  ARG A CA 1 
ATOM 58   C CA . LYS A 1 58  ? 6.972   -14.106 19.383  1.00 50.81  ? 58  LYS A CA 1 
ATOM 59   C CA . LEU A 1 59  ? 8.469   -16.682 17.079  1.00 39.27  ? 59  LEU A CA 1 
ATOM 60   C CA . CYS A 1 60  ? 7.442   -20.214 16.390  1.00 61.51  ? 60  CYS A CA 1 
ATOM 61   C CA . ILE A 1 61  ? 10.430  -22.547 16.275  1.00 60.02  ? 61  ILE A CA 1 
ATOM 62   C CA . GLU A 1 62  ? 8.323   -25.668 16.191  1.00 65.65  ? 62  GLU A CA 1 
ATOM 63   C CA . ALA A 1 63  ? 4.655   -26.267 15.146  1.00 57.55  ? 63  ALA A CA 1 
ATOM 64   C CA . LYS A 1 64  ? 2.283   -29.174 14.252  1.00 64.17  ? 64  LYS A CA 1 
ATOM 65   C CA . ILE A 1 65  ? -0.364  -29.542 11.477  1.00 62.13  ? 65  ILE A CA 1 
ATOM 66   C CA . SER A 1 66  ? -3.994  -30.491 11.905  1.00 79.73  ? 66  SER A CA 1 
ATOM 67   C CA . ASN A 1 67  ? -7.252  -31.150 10.108  1.00 91.81  ? 67  ASN A CA 1 
ATOM 68   C CA . THR A 1 68  ? -5.776  -31.431 6.638   1.00 84.93  ? 68  THR A CA 1 
ATOM 69   C CA . THR A 1 69  ? -8.152  -30.985 3.710   1.00 87.31  ? 69  THR A CA 1 
ATOM 70   C CA . THR A 1 70  ? -7.968  -30.726 -0.057  1.00 69.59  ? 70  THR A CA 1 
ATOM 71   C CA . ASP A 1 71  ? -10.325 -30.174 -2.995  1.00 83.00  ? 71  ASP A CA 1 
ATOM 72   C CA . SER A 1 72  ? -9.116  -30.696 -6.564  1.00 85.88  ? 72  SER A CA 1 
ATOM 73   C CA . ARG A 1 73  ? -10.945 -30.409 -9.912  1.00 80.15  ? 73  ARG A CA 1 
ATOM 74   C CA . CYS A 1 74  ? -10.749 -31.913 -13.333 1.00 80.10  ? 74  CYS A CA 1 
ATOM 75   C CA . PRO A 1 75  ? -9.861  -29.845 -16.352 1.00 67.13  ? 75  PRO A CA 1 
ATOM 76   C CA . THR A 1 76  ? -12.791 -27.593 -17.337 1.00 94.69  ? 76  THR A CA 1 
ATOM 77   C CA . GLN A 1 77  ? -13.872 -27.560 -13.777 1.00 85.66  ? 77  GLN A CA 1 
ATOM 78   C CA . GLY A 1 78  ? -12.087 -24.377 -12.809 1.00 83.33  ? 78  GLY A CA 1 
ATOM 79   C CA . GLU A 1 79  ? -10.051 -23.658 -9.667  1.00 65.76  ? 79  GLU A CA 1 
ATOM 80   C CA . ALA A 1 80  ? -10.443 -25.895 -6.662  1.00 60.70  ? 80  ALA A CA 1 
ATOM 81   C CA . THR A 1 81  ? -11.657 -24.074 -3.587  1.00 59.18  ? 81  THR A CA 1 
ATOM 82   C CA . LEU A 1 82  ? -11.869 -24.063 0.172   1.00 79.65  ? 82  LEU A CA 1 
ATOM 83   C CA . VAL A 1 83  ? -13.329 -21.543 2.639   1.00 90.18  ? 83  VAL A CA 1 
ATOM 84   C CA . GLU A 1 84  ? -10.179 -22.007 4.644   1.00 75.67  ? 84  GLU A CA 1 
ATOM 85   C CA . GLU A 1 85  ? -8.313  -19.859 2.164   1.00 94.62  ? 85  GLU A CA 1 
ATOM 86   C CA . GLN A 1 86  ? -9.559  -16.991 4.334   1.00 106.23 ? 86  GLN A CA 1 
ATOM 87   C CA . ASP A 1 87  ? -8.503  -18.200 7.834   1.00 83.54  ? 87  ASP A CA 1 
ATOM 88   C CA . ALA A 1 88  ? -4.943  -17.470 8.784   1.00 78.54  ? 88  ALA A CA 1 
ATOM 89   C CA . ASN A 1 89  ? -4.902  -20.680 10.767  1.00 66.77  ? 89  ASN A CA 1 
ATOM 90   C CA . PHE A 1 90  ? -4.206  -22.805 7.760   1.00 50.89  ? 90  PHE A CA 1 
ATOM 91   C CA . VAL A 1 91  ? -1.372  -22.803 5.345   1.00 42.32  ? 91  VAL A CA 1 
ATOM 92   C CA . CYS A 1 92  ? -2.699  -23.863 1.961   1.00 63.37  ? 92  CYS A CA 1 
ATOM 93   C CA . ARG A 1 93  ? -1.087  -24.478 -1.334  1.00 67.58  ? 93  ARG A CA 1 
ATOM 94   C CA . ARG A 1 94  ? -2.714  -24.192 -4.771  1.00 46.29  ? 94  ARG A CA 1 
ATOM 95   C CA . THR A 1 95  ? -1.010  -26.057 -7.483  1.00 59.13  ? 95  THR A CA 1 
ATOM 96   C CA . PHE A 1 96  ? -2.097  -27.601 -10.733 1.00 40.62  ? 96  PHE A CA 1 
ATOM 97   C CA . VAL A 1 97  ? -2.096  -31.383 -11.121 1.00 37.76  ? 97  VAL A CA 1 
ATOM 98   C CA . ASP A 1 98  ? -2.696  -34.104 -13.739 1.00 50.11  ? 98  ASP A CA 1 
ATOM 99   C CA . ARG A 1 99  ? -6.009  -36.012 -14.051 1.00 42.46  ? 99  ARG A CA 1 
ATOM 100  C CA . GLY A 1 100 ? -6.477  -39.113 -16.270 1.00 65.98  ? 100 GLY A CA 1 
ATOM 101  C CA . TRP A 1 101 ? -8.723  -42.130 -16.072 1.00 87.56  ? 101 TRP A CA 1 
ATOM 102  C CA . GLY A 1 102 ? -6.139  -42.587 -13.383 1.00 97.51  ? 102 GLY A CA 1 
ATOM 103  C CA . ASN A 1 103 ? -8.402  -41.008 -10.770 1.00 89.59  ? 103 ASN A CA 1 
ATOM 104  C CA . GLY A 1 104 ? -11.982 -40.861 -12.067 1.00 91.12  ? 104 GLY A CA 1 
ATOM 105  C CA . CYS A 1 105 ? -11.407 -38.081 -14.622 1.00 101.18 ? 105 CYS A CA 1 
ATOM 106  C CA . GLY A 1 106 ? -12.830 -38.604 -18.127 1.00 83.83  ? 106 GLY A CA 1 
ATOM 107  C CA . LEU A 1 107 ? -10.413 -36.446 -20.068 1.00 75.08  ? 107 LEU A CA 1 
ATOM 108  C CA . PHE A 1 108 ? -6.689  -35.829 -20.209 1.00 81.77  ? 108 PHE A CA 1 
ATOM 109  C CA . GLY A 1 109 ? -5.200  -32.629 -18.899 1.00 61.39  ? 109 GLY A CA 1 
ATOM 110  C CA . LYS A 1 110 ? -4.161  -30.687 -15.841 1.00 45.41  ? 110 LYS A CA 1 
ATOM 111  C CA . GLY A 1 111 ? -6.646  -30.012 -13.023 1.00 52.56  ? 111 GLY A CA 1 
ATOM 112  C CA . SER A 1 112 ? -6.715  -27.211 -10.454 1.00 60.98  ? 112 SER A CA 1 
ATOM 113  C CA . LEU A 1 113 ? -6.229  -28.429 -6.964  1.00 49.45  ? 113 LEU A CA 1 
ATOM 114  C CA . LEU A 1 114 ? -5.746  -26.706 -3.583  1.00 51.91  ? 114 LEU A CA 1 
ATOM 115  C CA . THR A 1 115 ? -4.982  -28.148 -0.128  1.00 32.76  ? 115 THR A CA 1 
ATOM 116  C CA . CYS A 1 116 ? -4.801  -26.827 3.494   1.00 47.35  ? 116 CYS A CA 1 
ATOM 117  C CA . ALA A 1 117 ? -3.945  -27.658 7.066   1.00 55.88  ? 117 ALA A CA 1 
ATOM 118  C CA . LYS A 1 118 ? -4.316  -26.034 10.483  1.00 64.25  ? 118 LYS A CA 1 
ATOM 119  C CA . PHE A 1 119 ? -0.997  -24.585 11.571  1.00 55.76  ? 119 PHE A CA 1 
ATOM 120  C CA . LYS A 1 120 ? -0.458  -24.882 15.305  1.00 63.46  ? 120 LYS A CA 1 
ATOM 121  C CA . CYS A 1 121 ? 2.758   -23.848 16.885  1.00 68.45  ? 121 CYS A CA 1 
ATOM 122  C CA . VAL A 1 122 ? 3.904   -25.842 19.900  1.00 74.16  ? 122 VAL A CA 1 
ATOM 123  C CA . THR A 1 123 ? 7.248   -24.285 20.888  1.00 64.70  ? 123 THR A CA 1 
ATOM 124  C CA . LYS A 1 124 ? 7.501   -20.454 20.818  1.00 69.39  ? 124 LYS A CA 1 
ATOM 125  C CA . LEU A 1 125 ? 10.584  -18.378 21.583  1.00 52.20  ? 125 LEU A CA 1 
ATOM 126  C CA . GLU A 1 126 ? 10.274  -14.742 22.705  1.00 54.93  ? 126 GLU A CA 1 
ATOM 127  C CA . GLY A 1 127 ? 12.100  -11.567 21.870  1.00 54.62  ? 127 GLY A CA 1 
ATOM 128  C CA . LYS A 1 128 ? 11.516  -8.833  24.476  1.00 53.70  ? 128 LYS A CA 1 
ATOM 129  C CA . ILE A 1 129 ? 12.431  -5.229  24.956  1.00 44.69  ? 129 ILE A CA 1 
ATOM 130  C CA . VAL A 1 130 ? 13.443  -3.025  27.809  1.00 47.58  ? 130 VAL A CA 1 
ATOM 131  C CA . GLN A 1 131 ? 11.689  1.394   28.637  1.00 51.45  ? 131 GLN A CA 1 
ATOM 132  C CA . TYR A 1 132 ? 11.985  -0.920  30.578  1.00 36.80  ? 132 TYR A CA 1 
ATOM 133  C CA . GLU A 1 133 ? 14.572  8.199   32.434  1.00 48.88  ? 133 GLU A CA 1 
ATOM 134  C CA . ASN A 1 134 ? 15.821  -2.240  35.070  1.00 36.18  ? 134 ASN A CA 1 
ATOM 135  C CA . LEU A 1 135 ? 19.116  -1.483  35.017  1.00 51.01  ? 135 LEU A CA 1 
ATOM 136  C CA . LYS A 1 136 ? 21.213  -1.697  38.148  1.00 30.86  ? 136 LYS A CA 1 
ATOM 137  C CA . TYR A 1 137 ? 24.894  -1.766  38.874  1.00 37.31  ? 137 TYR A CA 1 
ATOM 138  C CA . SER A 1 138 ? 26.101  -3.206  42.180  1.00 44.57  ? 138 SER A CA 1 
ATOM 139  C CA . VAL A 1 139 ? 29.250  -1.552  43.418  1.00 33.27  ? 139 VAL A CA 1 
ATOM 140  C CA . ILE A 1 140 ? 31.655  -2.298  46.243  1.00 41.20  ? 140 ILE A CA 1 
ATOM 141  C CA . VAL A 1 141 ? 33.499  0.159   48.391  1.00 42.05  ? 141 VAL A CA 1 
ATOM 142  C CA . THR A 1 142 ? 35.864  -1.748  50.616  1.00 56.51  ? 142 THR A CA 1 
ATOM 143  C CA . VAL A 1 143 ? 38.344  0.018   53.027  1.00 60.03  ? 143 VAL A CA 1 
ATOM 144  C CA . THR A 1 155 ? 44.847  -7.763  52.832  1.00 127.35 ? 155 THR A CA 1 
ATOM 145  C CA . THR A 1 156 ? 41.290  -6.422  52.750  1.00 101.77 ? 156 THR A CA 1 
ATOM 146  C CA . GLU A 1 157 ? 38.297  -6.158  55.045  1.00 106.86 ? 157 GLU A CA 1 
ATOM 147  C CA . HIS A 1 158 ? 34.584  -5.291  55.430  1.00 120.16 ? 158 HIS A CA 1 
ATOM 148  C CA . GLY A 1 159 ? 33.015  -3.766  52.286  1.00 83.18  ? 159 GLY A CA 1 
ATOM 149  C CA . THR A 1 160 ? 29.905  -1.664  51.614  1.00 75.48  ? 160 THR A CA 1 
ATOM 150  C CA . ILE A 1 161 ? 27.715  -2.236  48.534  1.00 46.04  ? 161 ILE A CA 1 
ATOM 151  C CA . ALA A 1 162 ? 26.336  0.735   46.730  1.00 31.50  ? 162 ALA A CA 1 
ATOM 152  C CA . THR A 1 163 ? 23.707  -0.090  44.191  1.00 36.08  ? 163 THR A CA 1 
ATOM 153  C CA . ILE A 1 164 ? 23.479  2.447   41.351  1.00 47.35  ? 164 ILE A CA 1 
ATOM 154  C CA . THR A 1 165 ? 20.977  2.928   38.534  1.00 38.84  ? 165 THR A CA 1 
ATOM 155  C CA . PRO A 1 166 ? 20.196  4.977   35.419  1.00 44.52  ? 166 PRO A CA 1 
ATOM 156  C CA . GLN A 1 167 ? 17.547  6.830   37.392  1.00 58.29  ? 167 GLN A CA 1 
ATOM 157  C CA . ALA A 1 168 ? 19.410  7.430   40.632  1.00 47.85  ? 168 ALA A CA 1 
ATOM 158  C CA . PRO A 1 169 ? 23.160  7.278   40.028  1.00 55.56  ? 169 PRO A CA 1 
ATOM 159  C CA . THR A 1 170 ? 24.226  9.237   43.163  1.00 50.81  ? 170 THR A CA 1 
ATOM 160  C CA . SER A 1 171 ? 25.120  7.289   46.242  1.00 56.88  ? 171 SER A CA 1 
ATOM 161  C CA . GLU A 1 172 ? 26.740  8.624   49.324  1.00 68.09  ? 172 GLU A CA 1 
ATOM 162  C CA . ILE A 1 173 ? 28.390  6.364   51.739  1.00 63.21  ? 173 ILE A CA 1 
ATOM 163  C CA . GLN A 1 174 ? 29.866  6.748   55.153  1.00 65.15  ? 174 GLN A CA 1 
ATOM 164  C CA . LEU A 1 175 ? 33.413  5.409   55.208  1.00 63.72  ? 175 LEU A CA 1 
ATOM 165  C CA . THR A 1 176 ? 35.355  5.327   58.500  1.00 79.15  ? 176 THR A CA 1 
ATOM 166  C CA . ASP A 1 177 ? 38.759  7.036   58.396  1.00 59.01  ? 177 ASP A CA 1 
ATOM 167  C CA . TYR A 1 178 ? 37.666  8.822   55.221  1.00 55.37  ? 178 TYR A CA 1 
ATOM 168  C CA . GLY A 1 179 ? 34.254  10.267  56.080  1.00 65.31  ? 179 GLY A CA 1 
ATOM 169  C CA . ALA A 1 180 ? 31.381  10.950  53.708  1.00 59.82  ? 180 ALA A CA 1 
ATOM 170  C CA . LEU A 1 181 ? 31.893  9.977   50.081  1.00 49.49  ? 181 LEU A CA 1 
ATOM 171  C CA . THR A 1 182 ? 29.462  10.461  47.288  1.00 42.49  ? 182 THR A CA 1 
ATOM 172  C CA . LEU A 1 183 ? 29.672  8.235   44.284  1.00 44.89  ? 183 LEU A CA 1 
ATOM 173  C CA . ASP A 1 184 ? 28.412  9.360   40.969  1.00 70.39  ? 184 ASP A CA 1 
ATOM 174  C CA . CYS A 1 185 ? 28.258  6.904   38.131  1.00 63.47  ? 185 CYS A CA 1 
ATOM 175  C CA . SER A 1 186 ? 27.305  6.299   34.524  1.00 44.48  ? 186 SER A CA 1 
ATOM 176  C CA . PRO A 1 187 ? 27.626  3.356   32.160  1.00 60.34  ? 187 PRO A CA 1 
ATOM 177  C CA . ARG A 1 188 ? 30.315  3.750   29.649  1.00 62.33  ? 188 ARG A CA 1 
ATOM 178  C CA . THR A 1 189 ? 23.184  8.506   32.048  1.00 65.49  ? 189 THR A CA 1 
ATOM 179  C CA . GLY A 1 190 ? 21.352  5.458   31.002  1.00 81.15  ? 190 GLY A CA 1 
ATOM 180  C CA . LEU A 1 191 ? 23.889  7.699   30.784  1.00 64.14  ? 191 LEU A CA 1 
ATOM 181  C CA . ASP A 1 192 ? 16.200  -2.929  27.601  1.00 66.96  ? 192 ASP A CA 1 
ATOM 182  C CA . PHE A 1 193 ? 19.740  0.133   26.092  1.00 55.22  ? 193 PHE A CA 1 
ATOM 183  C CA . ASN A 1 194 ? 21.156  1.013   19.820  1.00 42.45  ? 194 ASN A CA 1 
ATOM 184  C CA . GLU A 1 195 ? 21.459  -2.378  18.964  1.00 52.98  ? 195 GLU A CA 1 
ATOM 185  C CA . MET A 1 196 ? 19.454  -5.275  22.232  1.00 52.59  ? 196 MET A CA 1 
ATOM 186  C CA . VAL A 1 197 ? 16.641  -7.724  22.681  1.00 53.04  ? 197 VAL A CA 1 
ATOM 187  C CA . LEU A 1 198 ? 16.251  -10.172 25.472  1.00 46.65  ? 198 LEU A CA 1 
ATOM 188  C CA . LEU A 1 199 ? 15.728  -13.620 23.988  1.00 39.35  ? 199 LEU A CA 1 
ATOM 189  C CA . THR A 1 200 ? 13.980  -16.479 25.728  1.00 50.93  ? 200 THR A CA 1 
ATOM 190  C CA . MET A 1 201 ? 13.925  -20.071 24.527  1.00 61.64  ? 201 MET A CA 1 
ATOM 191  C CA . LYS A 1 202 ? 12.462  -22.473 27.114  1.00 61.60  ? 202 LYS A CA 1 
ATOM 192  C CA . GLU A 1 203 ? 14.731  -22.231 30.161  1.00 83.31  ? 203 GLU A CA 1 
ATOM 193  C CA . LYS A 1 204 ? 17.506  -19.913 28.877  1.00 55.65  ? 204 LYS A CA 1 
ATOM 194  C CA . SER A 1 205 ? 17.758  -16.169 28.209  1.00 66.06  ? 205 SER A CA 1 
ATOM 195  C CA . TRP A 1 206 ? 20.193  -14.868 25.731  1.00 44.75  ? 206 TRP A CA 1 
ATOM 196  C CA . LEU A 1 207 ? 20.736  -11.244 24.789  1.00 49.95  ? 207 LEU A CA 1 
ATOM 197  C CA . VAL A 1 208 ? 21.045  -10.326 21.047  1.00 25.61  ? 208 VAL A CA 1 
ATOM 198  C CA . HIS A 1 209 ? 21.107  -7.375  18.657  1.00 41.88  ? 209 HIS A CA 1 
ATOM 199  C CA . LYS A 1 210 ? 17.543  -6.438  17.612  1.00 33.67  ? 210 LYS A CA 1 
ATOM 200  C CA . GLN A 1 211 ? 18.119  -6.401  13.903  1.00 49.97  ? 211 GLN A CA 1 
ATOM 201  C CA . TRP A 1 212 ? 19.659  -9.889  13.968  1.00 47.38  ? 212 TRP A CA 1 
ATOM 202  C CA . PHE A 1 213 ? 16.727  -11.085 16.004  1.00 37.87  ? 213 PHE A CA 1 
ATOM 203  C CA . LEU A 1 214 ? 14.227  -9.608  13.625  1.00 48.28  ? 214 LEU A CA 1 
ATOM 204  C CA . ASP A 1 215 ? 15.687  -11.441 10.744  1.00 57.51  ? 215 ASP A CA 1 
ATOM 205  C CA . LEU A 1 216 ? 15.555  -15.045 11.813  1.00 48.03  ? 216 LEU A CA 1 
ATOM 206  C CA . PRO A 1 217 ? 13.733  -17.331 9.261   1.00 47.70  ? 217 PRO A CA 1 
ATOM 207  C CA . LEU A 1 218 ? 10.517  -18.306 11.066  1.00 40.93  ? 218 LEU A CA 1 
ATOM 208  C CA . PRO A 1 219 ? 6.814   -17.928 11.486  1.00 50.29  ? 219 PRO A CA 1 
ATOM 209  C CA . TRP A 1 220 ? 6.226   -14.941 13.983  1.00 37.89  ? 220 TRP A CA 1 
ATOM 210  C CA . THR A 1 221 ? 3.505   -12.753 15.604  1.00 43.90  ? 221 THR A CA 1 
ATOM 211  C CA . SER A 1 222 ? 3.324   -9.277  17.056  1.00 36.80  ? 222 SER A CA 1 
ATOM 212  C CA . GLY A 1 223 ? 3.540   -10.032 20.777  1.00 54.10  ? 223 GLY A CA 1 
ATOM 213  C CA . GLU A 1 229 ? -3.748  -15.803 17.562  1.00 77.64  ? 229 GLU A CA 1 
ATOM 214  C CA . THR A 1 230 ? -2.100  -15.421 14.191  1.00 70.18  ? 230 THR A CA 1 
ATOM 215  C CA . TRP A 1 231 ? 1.153   -16.811 12.675  1.00 59.60  ? 231 TRP A CA 1 
ATOM 216  C CA . ASN A 1 232 ? 3.109   -15.242 9.778   1.00 51.90  ? 232 ASN A CA 1 
ATOM 217  C CA . ARG A 1 233 ? 5.057   -16.828 6.969   1.00 60.91  ? 233 ARG A CA 1 
ATOM 218  C CA . GLN A 1 234 ? 3.857   -20.036 8.495   1.00 68.98  ? 234 GLN A CA 1 
ATOM 219  C CA . ASP A 1 235 ? 5.167   -21.649 5.379   1.00 72.62  ? 235 ASP A CA 1 
ATOM 220  C CA . LEU A 1 236 ? 8.728   -21.329 6.539   1.00 49.03  ? 236 LEU A CA 1 
ATOM 221  C CA . LEU A 1 237 ? 8.171   -24.587 8.357   1.00 49.29  ? 237 LEU A CA 1 
ATOM 222  C CA . VAL A 1 238 ? 5.329   -26.183 6.468   1.00 37.62  ? 238 VAL A CA 1 
ATOM 223  C CA . THR A 1 239 ? 5.644   -27.060 2.865   1.00 68.46  ? 239 THR A CA 1 
ATOM 224  C CA . PHE A 1 240 ? 3.910   -28.935 0.114   1.00 87.98  ? 240 PHE A CA 1 
ATOM 225  C CA . LYS A 1 241 ? 5.509   -31.460 -2.190  1.00 110.77 ? 241 LYS A CA 1 
ATOM 226  C CA . THR A 1 242 ? 4.466   -33.120 -5.446  1.00 138.00 ? 242 THR A CA 1 
ATOM 227  C CA . ALA A 1 243 ? 0.694   -33.471 -5.410  1.00 123.99 ? 243 ALA A CA 1 
ATOM 228  C CA . HIS A 1 244 ? -0.805  -36.825 -6.458  1.00 115.29 ? 244 HIS A CA 1 
ATOM 229  C CA . ALA A 1 245 ? -3.976  -37.727 -8.364  1.00 116.96 ? 245 ALA A CA 1 
ATOM 230  C CA . GLN A 1 248 ? -1.167  -33.332 -2.099  1.00 90.28  ? 248 GLN A CA 1 
ATOM 231  C CA . GLU A 1 249 ? 1.221   -33.826 0.930   1.00 97.67  ? 249 GLU A CA 1 
ATOM 232  C CA . ALA A 1 250 ? 2.809   -31.300 3.273   1.00 80.53  ? 250 ALA A CA 1 
ATOM 233  C CA . VAL A 1 251 ? 6.276   -31.527 4.764   1.00 72.11  ? 251 VAL A CA 1 
ATOM 234  C CA . VAL A 1 252 ? 7.897   -29.778 7.721   1.00 63.72  ? 252 VAL A CA 1 
ATOM 235  C CA . LEU A 1 253 ? 11.299  -29.245 9.358   1.00 66.22  ? 253 LEU A CA 1 
ATOM 236  C CA . GLY A 1 254 ? 11.793  -30.365 12.958  1.00 57.00  ? 254 GLY A CA 1 
ATOM 237  C CA . SER A 1 255 ? 12.074  -28.990 16.499  1.00 70.66  ? 255 SER A CA 1 
ATOM 238  C CA . GLN A 1 256 ? 14.219  -25.869 16.399  1.00 62.07  ? 256 GLN A CA 1 
ATOM 239  C CA . GLU A 1 257 ? 15.891  -25.971 19.851  1.00 55.45  ? 257 GLU A CA 1 
ATOM 240  C CA . GLY A 1 258 ? 19.011  -27.327 18.203  1.00 67.56  ? 258 GLY A CA 1 
ATOM 241  C CA . ALA A 1 259 ? 19.054  -25.314 14.993  1.00 66.79  ? 259 ALA A CA 1 
ATOM 242  C CA . MET A 1 260 ? 19.138  -22.259 17.204  1.00 53.42  ? 260 MET A CA 1 
ATOM 243  C CA . HIS A 1 261 ? 21.470  -23.239 19.972  1.00 51.27  ? 261 HIS A CA 1 
ATOM 244  C CA . THR A 1 262 ? 24.138  -23.474 17.288  1.00 60.66  ? 262 THR A CA 1 
ATOM 245  C CA . ALA A 1 263 ? 22.941  -20.043 15.976  1.00 55.34  ? 263 ALA A CA 1 
ATOM 246  C CA . LEU A 1 264 ? 22.910  -18.257 19.377  1.00 56.30  ? 264 LEU A CA 1 
ATOM 247  C CA . THR A 1 265 ? 26.579  -19.183 19.579  1.00 49.39  ? 265 THR A CA 1 
ATOM 248  C CA . GLY A 1 266 ? 28.447  -15.840 19.982  1.00 63.22  ? 266 GLY A CA 1 
ATOM 249  C CA . ALA A 1 267 ? 25.499  -14.553 22.139  1.00 57.04  ? 267 ALA A CA 1 
ATOM 250  C CA . THR A 1 268 ? 25.931  -13.049 25.589  1.00 60.47  ? 268 THR A CA 1 
ATOM 251  C CA . GLU A 1 269 ? 24.161  -15.541 27.882  1.00 62.08  ? 269 GLU A CA 1 
ATOM 252  C CA . ILE A 1 270 ? 22.081  -14.305 30.946  1.00 63.63  ? 270 ILE A CA 1 
ATOM 253  C CA . GLN A 1 271 ? 20.775  -15.624 34.268  1.00 84.12  ? 271 GLN A CA 1 
ATOM 254  C CA . THR A 1 272 ? 17.058  -14.744 34.456  1.00 84.57  ? 272 THR A CA 1 
ATOM 255  C CA . SER A 1 273 ? 14.111  -15.790 36.707  1.00 76.19  ? 273 SER A CA 1 
ATOM 256  C CA . GLY A 1 274 ? 10.545  -15.343 35.546  1.00 51.01  ? 274 GLY A CA 1 
ATOM 257  C CA . THR A 1 275 ? 10.350  -11.718 34.645  1.00 42.39  ? 275 THR A CA 1 
ATOM 258  C CA . THR A 1 276 ? 13.174  -10.402 36.657  1.00 56.02  ? 276 THR A CA 1 
ATOM 259  C CA . THR A 1 277 ? 16.549  -10.292 35.102  1.00 43.40  ? 277 THR A CA 1 
ATOM 260  C CA . ILE A 1 278 ? 19.613  -9.171  36.940  1.00 43.90  ? 278 ILE A CA 1 
ATOM 261  C CA . PHE A 1 279 ? 22.705  -8.076  35.025  1.00 40.07  ? 279 PHE A CA 1 
ATOM 262  C CA . ALA A 1 280 ? 28.352  -5.856  34.622  1.00 29.61  ? 280 ALA A CA 1 
ATOM 263  C CA . GLY A 1 281 ? 28.722  -3.663  32.681  1.00 39.17  ? 281 GLY A CA 1 
ATOM 264  C CA . HIS A 1 282 ? 31.520  -0.870  32.390  1.00 40.57  ? 282 HIS A CA 1 
ATOM 265  C CA . LEU A 1 283 ? 30.755  2.017   34.701  1.00 39.57  ? 283 LEU A CA 1 
ATOM 266  C CA . LYS A 1 284 ? 32.372  5.389   35.036  1.00 28.35  ? 284 LYS A CA 1 
ATOM 267  C CA . CYS A 1 285 ? 32.286  7.378   38.306  1.00 48.95  ? 285 CYS A CA 1 
ATOM 268  C CA . ARG A 1 286 ? 33.559  10.314  40.122  1.00 40.85  ? 286 ARG A CA 1 
ATOM 269  C CA . LEU A 1 287 ? 33.997  10.229  43.884  1.00 28.18  ? 287 LEU A CA 1 
ATOM 270  C CA . LYS A 1 288 ? 33.398  13.342  45.870  1.00 33.20  ? 288 LYS A CA 1 
ATOM 271  C CA . MET A 1 289 ? 34.900  13.293  49.273  1.00 56.04  ? 289 MET A CA 1 
ATOM 272  C CA . ASP A 1 290 ? 36.138  15.680  51.837  1.00 69.82  ? 290 ASP A CA 1 
ATOM 273  C CA . LYS A 1 291 ? 36.341  11.953  49.788  1.00 44.01  ? 291 LYS A CA 1 
ATOM 274  C CA . LEU A 1 292 ? 38.921  9.583   51.901  1.00 55.36  ? 292 LEU A CA 1 
ATOM 275  C CA . THR A 1 293 ? 38.518  12.659  55.576  1.00 55.38  ? 293 THR A CA 1 
ATOM 276  C CA . LEU A 1 294 ? 39.666  12.389  56.099  1.00 54.55  ? 294 LEU A CA 1 
ATOM 277  C CA . LYS A 1 295 ? 41.529  11.828  60.529  1.00 49.50  ? 295 LYS A CA 1 
ATOM 278  C CA . GLY A 1 296 ? 43.863  9.751   57.808  1.00 63.94  ? 296 GLY A CA 1 
ATOM 279  C CA . ILE A 1 297 ? 42.934  5.213   60.512  1.00 65.10  ? 297 ILE A CA 1 
ATOM 280  C CA . SER A 1 298 ? 48.412  11.498  64.774  1.00 83.23  ? 298 SER A CA 1 
ATOM 281  C CA . TYR A 1 299 ? 44.289  5.119   65.973  1.00 64.87  ? 299 TYR A CA 1 
ATOM 282  C CA . VAL A 1 300 ? 50.271  5.113   68.532  1.00 75.24  ? 300 VAL A CA 1 
ATOM 283  C CA . MET A 1 301 ? 53.269  3.271   66.905  1.00 65.98  ? 301 MET A CA 1 
ATOM 284  C CA . CYS A 1 302 ? 53.357  -0.438  68.034  1.00 71.64  ? 302 CYS A CA 1 
ATOM 285  C CA . THR A 1 303 ? 55.947  -1.928  70.526  1.00 54.72  ? 303 THR A CA 1 
ATOM 286  C CA . GLY A 1 304 ? 54.769  -5.469  71.034  1.00 61.20  ? 304 GLY A CA 1 
ATOM 287  C CA . SER A 1 305 ? 56.468  -7.895  68.649  1.00 69.28  ? 305 SER A CA 1 
ATOM 288  C CA . PHE A 1 306 ? 54.937  -9.735  65.697  1.00 55.48  ? 306 PHE A CA 1 
ATOM 289  C CA . LYS A 1 307 ? 54.511  -13.471 65.179  1.00 47.28  ? 307 LYS A CA 1 
ATOM 290  C CA . LEU A 1 308 ? 54.223  -14.606 61.557  1.00 49.03  ? 308 LEU A CA 1 
ATOM 291  C CA . GLU A 1 309 ? 50.806  -16.353 61.358  1.00 54.29  ? 309 GLU A CA 1 
ATOM 292  C CA . LYS A 1 310 ? 50.911  -17.851 57.845  1.00 71.18  ? 310 LYS A CA 1 
ATOM 293  C CA . GLU A 1 311 ? 53.737  -17.764 55.365  1.00 75.32  ? 311 GLU A CA 1 
ATOM 294  C CA . VAL A 1 312 ? 54.287  -14.911 52.926  1.00 54.43  ? 312 VAL A CA 1 
ATOM 295  C CA . ALA A 1 313 ? 52.080  -15.495 49.871  1.00 63.77  ? 313 ALA A CA 1 
ATOM 296  C CA . GLU A 1 314 ? 52.153  -13.805 46.453  1.00 72.90  ? 314 GLU A CA 1 
ATOM 297  C CA . THR A 1 315 ? 48.890  -12.173 45.270  1.00 71.34  ? 315 THR A CA 1 
ATOM 298  C CA . GLN A 1 316 ? 47.200  -12.071 41.908  1.00 77.70  ? 316 GLN A CA 1 
ATOM 299  C CA . HIS A 1 317 ? 47.051  -8.249  41.870  1.00 58.87  ? 317 HIS A CA 1 
ATOM 300  C CA . GLY A 1 318 ? 50.915  -8.542  41.933  1.00 62.47  ? 318 GLY A CA 1 
ATOM 301  C CA . THR A 1 319 ? 51.705  -7.698  45.592  1.00 69.52  ? 319 THR A CA 1 
ATOM 302  C CA . VAL A 1 320 ? 53.034  -9.941  48.441  1.00 56.27  ? 320 VAL A CA 1 
ATOM 303  C CA . LEU A 1 321 ? 50.730  -10.627 51.421  1.00 52.80  ? 321 LEU A CA 1 
ATOM 304  C CA . VAL A 1 322 ? 52.133  -11.335 54.876  1.00 44.01  ? 322 VAL A CA 1 
ATOM 305  C CA . GLN A 1 323 ? 49.917  -12.088 57.849  1.00 53.89  ? 323 GLN A CA 1 
ATOM 306  C CA . VAL A 1 324 ? 51.238  -11.039 61.217  1.00 49.68  ? 324 VAL A CA 1 
ATOM 307  C CA . LYS A 1 325 ? 49.998  -11.378 64.769  1.00 52.68  ? 325 LYS A CA 1 
ATOM 308  C CA . TYR A 1 326 ? 50.575  -8.901  67.505  1.00 65.54  ? 326 TYR A CA 1 
ATOM 309  C CA . GLU A 1 327 ? 51.636  -9.962  71.021  1.00 96.00  ? 327 GLU A CA 1 
ATOM 310  C CA . GLY A 1 328 ? 51.433  -6.622  72.997  1.00 93.13  ? 328 GLY A CA 1 
ATOM 311  C CA . THR A 1 329 ? 48.989  -4.461  75.060  1.00 80.62  ? 329 THR A CA 1 
ATOM 312  C CA . ASP A 1 330 ? 48.674  -1.598  72.560  1.00 79.66  ? 330 ASP A CA 1 
ATOM 313  C CA . ALA A 1 331 ? 45.437  -2.140  70.558  1.00 99.06  ? 331 ALA A CA 1 
ATOM 314  C CA . PRO A 1 332 ? 45.103  0.220   68.728  1.00 92.09  ? 332 PRO A CA 1 
ATOM 315  C CA . CYS A 1 333 ? 48.446  1.044   67.120  1.00 69.90  ? 333 CYS A CA 1 
ATOM 316  C CA . LYS A 1 334 ? 50.266  1.712   63.778  1.00 49.19  ? 334 LYS A CA 1 
ATOM 317  C CA . ILE A 1 335 ? 52.467  -1.244  62.647  1.00 55.72  ? 335 ILE A CA 1 
ATOM 318  C CA . PRO A 1 336 ? 56.148  -0.261  62.135  1.00 58.06  ? 336 PRO A CA 1 
ATOM 319  C CA . PHE A 1 337 ? 57.238  -1.859  58.813  1.00 55.87  ? 337 PHE A CA 1 
ATOM 320  C CA . SER A 1 338 ? 60.321  -1.495  56.581  1.00 57.08  ? 338 SER A CA 1 
ATOM 321  C CA . SER A 1 339 ? 61.771  -2.841  53.276  1.00 56.50  ? 339 SER A CA 1 
ATOM 322  C CA . GLN A 1 340 ? 65.369  -3.368  52.151  1.00 58.32  ? 340 GLN A CA 1 
ATOM 323  C CA . ASP A 1 341 ? 66.723  -4.559  48.746  1.00 77.78  ? 341 ASP A CA 1 
ATOM 324  C CA . GLU A 1 342 ? 69.644  -7.013  48.144  1.00 93.96  ? 342 GLU A CA 1 
ATOM 325  C CA . LYS A 1 343 ? 72.151  -4.207  48.701  1.00 91.44  ? 343 LYS A CA 1 
ATOM 326  C CA . GLY A 1 344 ? 70.443  -3.509  52.063  1.00 82.32  ? 344 GLY A CA 1 
ATOM 327  C CA . VAL A 1 345 ? 68.889  -0.033  51.404  1.00 67.33  ? 345 VAL A CA 1 
ATOM 328  C CA . THR A 1 346 ? 65.745  1.088   53.193  1.00 79.16  ? 346 THR A CA 1 
ATOM 329  C CA . GLN A 1 347 ? 63.377  2.054   50.366  1.00 66.83  ? 347 GLN A CA 1 
ATOM 330  C CA . ASN A 1 348 ? 60.597  4.148   51.891  1.00 74.03  ? 348 ASN A CA 1 
ATOM 331  C CA . GLY A 1 349 ? 57.524  2.824   50.103  1.00 70.33  ? 349 GLY A CA 1 
ATOM 332  C CA . ARG A 1 350 ? 56.675  -0.579  48.551  1.00 60.61  ? 350 ARG A CA 1 
ATOM 333  C CA . LEU A 1 351 ? 53.698  -0.820  50.980  1.00 59.24  ? 351 LEU A CA 1 
ATOM 334  C CA . VAL A 1 352 ? 50.294  -1.421  49.326  1.00 45.78  ? 352 VAL A CA 1 
ATOM 335  C CA . THR A 1 353 ? 48.457  -1.583  52.705  1.00 56.64  ? 353 THR A CA 1 
ATOM 336  C CA . ALA A 1 354 ? 48.733  2.155   53.270  1.00 73.40  ? 354 ALA A CA 1 
ATOM 337  C CA . ASN A 1 355 ? 48.046  2.377   57.032  1.00 79.99  ? 355 ASN A CA 1 
ATOM 338  C CA . PRO A 1 356 ? 48.320  -1.171  58.605  1.00 66.35  ? 356 PRO A CA 1 
ATOM 339  C CA . ILE A 1 357 ? 47.055  -0.883  62.226  1.00 52.66  ? 357 ILE A CA 1 
ATOM 340  C CA . VAL A 1 358 ? 46.356  -3.311  65.081  1.00 56.15  ? 358 VAL A CA 1 
ATOM 341  C CA . THR A 1 359 ? 42.625  -2.843  65.787  1.00 73.92  ? 359 THR A CA 1 
ATOM 342  C CA . ASP A 1 360 ? 42.765  -5.582  68.393  1.00 75.94  ? 360 ASP A CA 1 
ATOM 343  C CA . LYS A 1 361 ? 45.172  -8.443  69.063  1.00 77.22  ? 361 LYS A CA 1 
ATOM 344  C CA . GLU A 1 362 ? 43.577  -11.901 68.283  1.00 75.26  ? 362 GLU A CA 1 
ATOM 345  C CA . LYS A 1 363 ? 42.791  -10.559 64.780  1.00 61.28  ? 363 LYS A CA 1 
ATOM 346  C CA . PRO A 1 364 ? 45.872  -11.264 62.737  1.00 68.14  ? 364 PRO A CA 1 
ATOM 347  C CA . VAL A 1 365 ? 46.680  -8.407  60.411  1.00 57.41  ? 365 VAL A CA 1 
ATOM 348  C CA . ASN A 1 366 ? 47.483  -8.497  56.740  1.00 68.81  ? 366 ASN A CA 1 
ATOM 349  C CA . ILE A 1 367 ? 50.153  -6.488  55.033  1.00 56.93  ? 367 ILE A CA 1 
ATOM 350  C CA . GLU A 1 368 ? 50.189  -6.127  51.327  1.00 37.94  ? 368 GLU A CA 1 
ATOM 351  C CA . ALA A 1 369 ? 53.594  -4.956  50.059  1.00 46.42  ? 369 ALA A CA 1 
ATOM 352  C CA . GLU A 1 370 ? 55.111  -4.829  46.522  1.00 47.04  ? 370 GLU A CA 1 
ATOM 353  C CA . PRO A 1 371 ? 58.727  -6.042  47.194  1.00 44.59  ? 371 PRO A CA 1 
ATOM 354  C CA . PRO A 1 372 ? 61.642  -5.192  44.768  1.00 55.70  ? 372 PRO A CA 1 
ATOM 355  C CA . PHE A 1 373 ? 63.247  -7.469  42.192  1.00 60.48  ? 373 PHE A CA 1 
ATOM 356  C CA . GLY A 1 374 ? 65.919  -9.790  43.571  1.00 76.78  ? 374 GLY A CA 1 
ATOM 357  C CA . GLU A 1 375 ? 66.498  -10.587 47.256  1.00 83.17  ? 375 GLU A CA 1 
ATOM 358  C CA . SER A 1 376 ? 64.255  -8.380  49.446  1.00 70.75  ? 376 SER A CA 1 
ATOM 359  C CA . TYR A 1 377 ? 64.364  -7.998  53.236  1.00 63.28  ? 377 TYR A CA 1 
ATOM 360  C CA . ILE A 1 378 ? 61.017  -7.105  54.825  1.00 55.09  ? 378 ILE A CA 1 
ATOM 361  C CA . VAL A 1 379 ? 61.037  -5.982  58.456  1.00 47.34  ? 379 VAL A CA 1 
ATOM 362  C CA . VAL A 1 380 ? 57.985  -5.785  60.683  1.00 46.75  ? 380 VAL A CA 1 
ATOM 363  C CA . GLY A 1 381 ? 58.135  -4.429  64.233  1.00 72.93  ? 381 GLY A CA 1 
ATOM 364  C CA . ALA A 1 382 ? 60.055  -1.908  66.313  1.00 77.41  ? 382 ALA A CA 1 
ATOM 365  C CA . GLY A 1 383 ? 63.340  -2.740  68.141  1.00 78.90  ? 383 GLY A CA 1 
ATOM 366  C CA . GLU A 1 384 ? 64.691  -6.280  68.652  1.00 70.36  ? 384 GLU A CA 1 
ATOM 367  C CA . LYS A 1 385 ? 62.066  -9.121  68.211  1.00 74.15  ? 385 LYS A CA 1 
ATOM 368  C CA . ALA A 1 386 ? 61.048  -7.538  64.860  1.00 49.74  ? 386 ALA A CA 1 
ATOM 369  C CA . LEU A 1 387 ? 60.421  -10.123 62.072  1.00 43.52  ? 387 LEU A CA 1 
ATOM 370  C CA . LYS A 1 388 ? 62.974  -10.046 59.174  1.00 49.67  ? 388 LYS A CA 1 
ATOM 371  C CA . LEU A 1 389 ? 61.703  -11.995 56.145  1.00 60.44  ? 389 LEU A CA 1 
ATOM 372  C CA . SER A 1 390 ? 63.693  -12.732 53.081  1.00 54.37  ? 390 SER A CA 1 
ATOM 373  C CA . TRP A 1 391 ? 61.750  -12.681 49.796  1.00 66.84  ? 391 TRP A CA 1 
ATOM 374  C CA . PHE A 1 392 ? 62.612  -13.428 46.152  1.00 59.35  ? 392 PHE A CA 1 
ATOM 375  C CA . LYS A 1 393 ? 61.408  -11.777 42.894  1.00 59.49  ? 393 LYS A CA 1 
ATOM 376  C CA . LYS A 1 394 ? 62.119  -12.293 39.143  1.00 57.32  ? 394 LYS A CA 1 
ATOM 377  C CA . MET B 1 1   ? 5.146   17.892  21.242  1.00 105.03 ? 1   MET B CA 1 
ATOM 378  C CA . ARG B 1 2   ? 4.235   19.284  17.832  1.00 77.97  ? 2   ARG B CA 1 
ATOM 379  C CA . CYS B 1 3   ? 5.008   22.894  16.694  1.00 67.19  ? 3   CYS B CA 1 
ATOM 380  C CA . VAL B 1 4   ? 8.055   24.520  14.952  1.00 43.84  ? 4   VAL B CA 1 
ATOM 381  C CA . GLY B 1 5   ? 9.924   27.553  16.434  1.00 57.03  ? 5   GLY B CA 1 
ATOM 382  C CA . ILE B 1 6   ? 11.235  30.618  14.549  1.00 41.45  ? 6   ILE B CA 1 
ATOM 383  C CA . GLY B 1 7   ? 14.752  31.007  13.199  1.00 67.61  ? 7   GLY B CA 1 
ATOM 384  C CA . ASN B 1 8   ? 17.168  33.771  13.961  1.00 80.07  ? 8   ASN B CA 1 
ATOM 385  C CA . ARG B 1 9   ? 16.678  35.685  10.778  1.00 67.08  ? 9   ARG B CA 1 
ATOM 386  C CA . ASP B 1 10  ? 12.967  36.416  10.734  1.00 61.26  ? 10  ASP B CA 1 
ATOM 387  C CA . PHE B 1 11  ? 12.120  38.959  13.283  1.00 37.85  ? 11  PHE B CA 1 
ATOM 388  C CA . VAL B 1 12  ? 13.692  42.214  14.256  1.00 46.89  ? 12  VAL B CA 1 
ATOM 389  C CA . GLU B 1 13  ? 13.828  44.065  17.541  1.00 58.06  ? 13  GLU B CA 1 
ATOM 390  C CA . GLY B 1 14  ? 14.247  47.859  17.363  1.00 46.20  ? 14  GLY B CA 1 
ATOM 391  C CA . LEU B 1 15  ? 15.869  49.953  20.051  1.00 34.26  ? 15  LEU B CA 1 
ATOM 392  C CA . SER B 1 16  ? 12.464  51.560  19.998  1.00 65.00  ? 16  SER B CA 1 
ATOM 393  C CA . GLY B 1 17  ? 9.224   50.684  18.371  1.00 59.32  ? 17  GLY B CA 1 
ATOM 394  C CA . ALA B 1 18  ? 8.776   46.983  18.474  1.00 47.27  ? 18  ALA B CA 1 
ATOM 395  C CA . THR B 1 19  ? 9.193   43.480  17.389  1.00 54.16  ? 19  THR B CA 1 
ATOM 396  C CA . TRP B 1 20  ? 8.234   42.639  13.880  1.00 45.91  ? 20  TRP B CA 1 
ATOM 397  C CA . VAL B 1 21  ? 8.438   39.033  12.976  1.00 50.12  ? 21  VAL B CA 1 
ATOM 398  C CA . ASP B 1 22  ? 7.861   37.211  9.728   1.00 46.26  ? 22  ASP B CA 1 
ATOM 399  C CA . VAL B 1 23  ? 5.718   34.086  9.497   1.00 53.08  ? 23  VAL B CA 1 
ATOM 400  C CA . VAL B 1 24  ? 4.491   31.742  6.819   1.00 47.36  ? 24  VAL B CA 1 
ATOM 401  C CA . LEU B 1 25  ? 1.836   29.541  8.368   1.00 59.15  ? 25  LEU B CA 1 
ATOM 402  C CA . GLU B 1 26  ? 0.990   26.728  5.981   1.00 70.97  ? 26  GLU B CA 1 
ATOM 403  C CA . HIS B 1 27  ? -1.874  24.272  5.553   1.00 43.66  ? 27  HIS B CA 1 
ATOM 404  C CA . GLY B 1 28  ? -1.049  21.747  8.229   1.00 49.92  ? 28  GLY B CA 1 
ATOM 405  C CA . SER B 1 29  ? 1.786   23.417  10.144  1.00 60.80  ? 29  SER B CA 1 
ATOM 406  C CA . CYS B 1 30  ? 2.003   25.530  13.250  1.00 60.98  ? 30  CYS B CA 1 
ATOM 407  C CA . VAL B 1 31  ? 4.803   28.018  14.116  1.00 45.55  ? 31  VAL B CA 1 
ATOM 408  C CA . THR B 1 32  ? 6.203   28.604  17.616  1.00 55.03  ? 32  THR B CA 1 
ATOM 409  C CA . THR B 1 33  ? 8.257   31.073  19.808  1.00 69.91  ? 33  THR B CA 1 
ATOM 410  C CA . MET B 1 34  ? 8.832   32.757  23.194  1.00 71.44  ? 34  MET B CA 1 
ATOM 411  C CA . ALA B 1 35  ? 10.985  35.171  25.178  1.00 68.42  ? 35  ALA B CA 1 
ATOM 412  C CA . LYS B 1 36  ? 12.497  35.038  28.653  1.00 60.06  ? 36  LYS B CA 1 
ATOM 413  C CA . ASP B 1 37  ? 10.203  33.874  31.441  1.00 90.07  ? 37  ASP B CA 1 
ATOM 414  C CA . LYS B 1 38  ? 7.339   34.415  29.039  1.00 73.89  ? 38  LYS B CA 1 
ATOM 415  C CA . PRO B 1 39  ? 5.072   31.508  28.182  1.00 54.96  ? 39  PRO B CA 1 
ATOM 416  C CA . THR B 1 40  ? 5.367   29.889  24.748  1.00 46.29  ? 40  THR B CA 1 
ATOM 417  C CA . LEU B 1 41  ? 3.564   30.961  21.542  1.00 52.97  ? 41  LEU B CA 1 
ATOM 418  C CA . ASP B 1 42  ? 1.748   28.897  18.944  1.00 50.51  ? 42  ASP B CA 1 
ATOM 419  C CA . ILE B 1 43  ? 0.543   30.157  15.653  1.00 56.29  ? 43  ILE B CA 1 
ATOM 420  C CA . GLU B 1 44  ? -1.563  27.962  13.581  1.00 36.40  ? 44  GLU B CA 1 
ATOM 421  C CA . LEU B 1 45  ? -3.524  28.256  10.435  1.00 50.46  ? 45  LEU B CA 1 
ATOM 422  C CA . LEU B 1 46  ? -6.985  27.131  11.321  1.00 55.53  ? 46  LEU B CA 1 
ATOM 423  C CA . LYS B 1 47  ? -8.280  26.792  7.825   1.00 53.54  ? 47  LYS B CA 1 
ATOM 424  C CA . THR B 1 48  ? -8.927  28.343  4.527   1.00 60.28  ? 48  THR B CA 1 
ATOM 425  C CA . GLU B 1 49  ? -12.216 28.371  2.804   1.00 47.03  ? 49  GLU B CA 1 
ATOM 426  C CA . VAL B 1 50  ? -14.530 30.311  0.574   1.00 45.83  ? 50  VAL B CA 1 
ATOM 427  C CA . THR B 1 51  ? -17.885 31.098  1.771   1.00 54.46  ? 51  THR B CA 1 
ATOM 428  C CA . ASN B 1 52  ? -22.932 28.604  1.921   1.00 49.87  ? 52  ASN B CA 1 
ATOM 429  C CA . PRO B 1 53  ? -20.703 29.455  -4.372  1.00 36.91  ? 53  PRO B CA 1 
ATOM 430  C CA . ALA B 1 54  ? -21.720 29.943  -8.418  1.00 49.93  ? 54  ALA B CA 1 
ATOM 431  C CA . VAL B 1 55  ? -22.233 26.914  -10.649 1.00 53.35  ? 55  VAL B CA 1 
ATOM 432  C CA . LEU B 1 56  ? -19.713 27.168  -13.442 1.00 50.81  ? 56  LEU B CA 1 
ATOM 433  C CA . ARG B 1 57  ? -20.313 24.165  -15.605 1.00 58.08  ? 57  ARG B CA 1 
ATOM 434  C CA . LYS B 1 58  ? -22.506 21.170  -15.026 1.00 50.81  ? 58  LYS B CA 1 
ATOM 435  C CA . LEU B 1 59  ? -21.272 17.979  -16.603 1.00 39.27  ? 59  LEU B CA 1 
ATOM 436  C CA . CYS B 1 60  ? -23.074 14.786  -17.354 1.00 61.51  ? 60  CYS B CA 1 
ATOM 437  C CA . ILE B 1 61  ? -21.005 11.753  -16.409 1.00 60.02  ? 61  ILE B CA 1 
ATOM 438  C CA . GLU B 1 62  ? -23.839 9.327   -16.939 1.00 65.65  ? 62  GLU B CA 1 
ATOM 439  C CA . ALA B 1 63  ? -27.085 9.580   -19.013 1.00 57.55  ? 63  ALA B CA 1 
ATOM 440  C CA . LYS B 1 64  ? -29.875 7.311   -20.406 1.00 64.17  ? 64  LYS B CA 1 
ATOM 441  C CA . ILE B 1 65  ? -31.644 7.257   -23.828 1.00 62.13  ? 65  ILE B CA 1 
ATOM 442  C CA . SER B 1 66  ? -35.365 7.383   -24.470 1.00 79.73  ? 66  SER B CA 1 
ATOM 443  C CA . ASN B 1 67  ? -38.048 7.357   -27.130 1.00 91.81  ? 67  ASN B CA 1 
ATOM 444  C CA . THR B 1 68  ? -35.831 6.187   -29.962 1.00 84.93  ? 68  THR B CA 1 
ATOM 445  C CA . THR B 1 69  ? -37.069 6.814   -33.495 1.00 87.31  ? 69  THR B CA 1 
ATOM 446  C CA . THR B 1 70  ? -35.791 6.458   -37.035 1.00 69.59  ? 70  THR B CA 1 
ATOM 447  C CA . ASP B 1 71  ? -36.977 7.179   -40.579 1.00 83.00  ? 71  ASP B CA 1 
ATOM 448  C CA . SER B 1 72  ? -35.050 5.836   -43.571 1.00 85.88  ? 72  SER B CA 1 
ATOM 449  C CA . ARG B 1 73  ? -35.720 6.105   -47.329 1.00 80.15  ? 73  ARG B CA 1 
ATOM 450  C CA . CYS B 1 74  ? -35.051 4.117   -50.427 1.00 80.10  ? 74  CYS B CA 1 
ATOM 451  C CA . PRO B 1 75  ? -32.796 5.406   -53.154 1.00 67.13  ? 75  PRO B CA 1 
ATOM 452  C CA . THR B 1 76  ? -34.536 8.186   -55.121 1.00 94.69  ? 76  THR B CA 1 
ATOM 453  C CA . GLN B 1 77  ? -36.489 9.030   -52.069 1.00 85.66  ? 77  GLN B CA 1 
ATOM 454  C CA . GLY B 1 78  ? -34.174 11.730  -50.800 1.00 83.33  ? 78  GLY B CA 1 
ATOM 455  C CA . GLU B 1 79  ? -32.958 12.333  -47.238 1.00 65.76  ? 79  GLU B CA 1 
ATOM 456  C CA . ALA B 1 80  ? -34.807 10.748  -44.364 1.00 60.70  ? 80  ALA B CA 1 
ATOM 457  C CA . THR B 1 81  ? -36.216 13.259  -41.923 1.00 59.18  ? 81  THR B CA 1 
ATOM 458  C CA . LEU B 1 82  ? -37.436 13.878  -38.416 1.00 79.65  ? 82  LEU B CA 1 
ATOM 459  C CA . VAL B 1 83  ? -38.698 17.029  -36.671 1.00 90.18  ? 83  VAL B CA 1 
ATOM 460  C CA . GLU B 1 84  ? -36.505 16.044  -33.776 1.00 75.67  ? 84  GLU B CA 1 
ATOM 461  C CA . GLU B 1 85  ? -33.478 17.229  -35.698 1.00 94.62  ? 85  GLU B CA 1 
ATOM 462  C CA . GLN B 1 86  ? -34.359 20.611  -34.191 1.00 106.23 ? 86  GLN B CA 1 
ATOM 463  C CA . ASP B 1 87  ? -34.712 19.694  -30.468 1.00 83.54  ? 87  ASP B CA 1 
ATOM 464  C CA . ALA B 1 88  ? -31.500 19.581  -28.524 1.00 78.54  ? 88  ALA B CA 1 
ATOM 465  C CA . ASN B 1 89  ? -32.961 16.803  -26.431 1.00 66.77  ? 89  ASN B CA 1 
ATOM 466  C CA . PHE B 1 90  ? -32.133 14.151  -28.945 1.00 50.89  ? 90  PHE B CA 1 
ATOM 467  C CA . VAL B 1 91  ? -28.879 13.044  -30.377 1.00 42.32  ? 91  VAL B CA 1 
ATOM 468  C CA . CYS B 1 92  ? -29.482 11.890  -33.933 1.00 63.37  ? 92  CYS B CA 1 
ATOM 469  C CA . ARG B 1 93  ? -27.288 10.391  -36.535 1.00 67.58  ? 93  ARG B CA 1 
ATOM 470  C CA . ARG B 1 94  ? -27.749 10.592  -40.315 1.00 46.29  ? 94  ARG B CA 1 
ATOM 471  C CA . THR B 1 95  ? -26.004 7.963   -42.260 1.00 59.13  ? 95  THR B CA 1 
ATOM 472  C CA . PHE B 1 96  ? -26.567 6.304   -45.586 1.00 40.62  ? 96  PHE B CA 1 
ATOM 473  C CA . VAL B 1 97  ? -27.586 2.642   -45.722 1.00 37.76  ? 97  VAL B CA 1 
ATOM 474  C CA . ASP B 1 98  ? -28.227 -0.175  -48.225 1.00 50.11  ? 98  ASP B CA 1 
ATOM 475  C CA . ARG B 1 99  ? -31.740 -1.155  -49.414 1.00 42.46  ? 99  ARG B CA 1 
ATOM 476  C CA . GLY B 1 100 ? -32.484 -4.311  -51.474 1.00 65.98  ? 100 GLY B CA 1 
ATOM 477  C CA . TRP B 1 101 ? -35.491 -6.559  -51.785 1.00 87.56  ? 101 TRP B CA 1 
ATOM 478  C CA . GLY B 1 102 ? -33.999 -7.286  -48.414 1.00 97.51  ? 102 GLY B CA 1 
ATOM 479  C CA . ASN B 1 103 ? -36.315 -4.796  -46.718 1.00 89.59  ? 103 ASN B CA 1 
ATOM 480  C CA . GLY B 1 104 ? -39.190 -3.893  -49.051 1.00 91.12  ? 104 GLY B CA 1 
ATOM 481  C CA . CYS B 1 105 ? -37.136 -1.774  -51.474 1.00 101.18 ? 105 CYS B CA 1 
ATOM 482  C CA . GLY B 1 106 ? -37.633 -2.407  -55.207 1.00 83.83  ? 106 GLY B CA 1 
ATOM 483  C CA . LEU B 1 107 ? -34.248 -1.281  -56.447 1.00 75.08  ? 107 LEU B CA 1 
ATOM 484  C CA . PHE B 1 108 ? -30.620 -1.705  -55.485 1.00 81.77  ? 108 PHE B CA 1 
ATOM 485  C CA . GLY B 1 109 ? -28.666 1.139   -53.984 1.00 61.39  ? 109 GLY B CA 1 
ATOM 486  C CA . LYS B 1 110 ? -27.974 3.162   -50.879 1.00 45.41  ? 110 LYS B CA 1 
ATOM 487  C CA . GLY B 1 111 ? -30.817 4.882   -49.001 1.00 52.56  ? 111 GLY B CA 1 
ATOM 488  C CA . SER B 1 112 ? -30.750 7.945   -46.752 1.00 60.98  ? 112 SER B CA 1 
ATOM 489  C CA . LEU B 1 113 ? -31.624 7.168   -43.212 1.00 49.45  ? 113 LEU B CA 1 
ATOM 490  C CA . LEU B 1 114 ? -31.597 9.178   -39.957 1.00 51.91  ? 114 LEU B CA 1 
ATOM 491  C CA . THR B 1 115 ? -32.275 8.108   -36.351 1.00 32.76  ? 115 THR B CA 1 
ATOM 492  C CA . CYS B 1 116 ? -32.707 9.851   -32.933 1.00 47.35  ? 116 CYS B CA 1 
ATOM 493  C CA . ALA B 1 117 ? -33.150 9.357   -29.228 1.00 55.88  ? 117 ALA B CA 1 
ATOM 494  C CA . LYS B 1 118 ? -33.942 11.504  -26.192 1.00 64.25  ? 118 LYS B CA 1 
ATOM 495  C CA . PHE B 1 119 ? -30.773 12.161  -24.237 1.00 55.76  ? 119 PHE B CA 1 
ATOM 496  C CA . LYS B 1 120 ? -31.393 12.284  -20.504 1.00 63.46  ? 120 LYS B CA 1 
ATOM 497  C CA . CYS B 1 121 ? -28.576 12.644  -18.087 1.00 68.45  ? 121 CYS B CA 1 
ATOM 498  C CA . VAL B 1 122 ? -28.948 10.883  -14.749 1.00 74.16  ? 122 VAL B CA 1 
ATOM 499  C CA . THR B 1 123 ? -25.696 11.621  -12.888 1.00 64.70  ? 123 THR B CA 1 
ATOM 500  C CA . LYS B 1 124 ? -24.305 15.194  -13.112 1.00 69.39  ? 124 LYS B CA 1 
ATOM 501  C CA . LEU B 1 125 ? -21.077 16.462  -11.573 1.00 52.20  ? 125 LEU B CA 1 
ATOM 502  C CA . GLU B 1 126 ? -20.585 20.174  -10.825 1.00 54.93  ? 126 GLU B CA 1 
ATOM 503  C CA . GLY B 1 127 ? -17.740 22.589  -11.256 1.00 54.62  ? 127 GLY B CA 1 
ATOM 504  C CA . LYS B 1 128 ? -18.175 25.733  -9.126  1.00 53.70  ? 128 LYS B CA 1 
ATOM 505  C CA . ILE B 1 129 ? -16.396 28.993  -8.612  1.00 44.69  ? 129 ILE B CA 1 
ATOM 506  C CA . VAL B 1 130 ? -15.597 31.242  -5.728  1.00 47.58  ? 130 VAL B CA 1 
ATOM 507  C CA . GLN B 1 131 ? -16.110 36.041  -5.747  1.00 51.45  ? 131 GLN B CA 1 
ATOM 508  C CA . TYR B 1 132 ? -16.874 37.014  -5.395  1.00 36.80  ? 132 TYR B CA 1 
ATOM 509  C CA . GLU B 1 133 ? -10.941 44.317  -3.212  1.00 48.88  ? 133 GLU B CA 1 
ATOM 510  C CA . ASN B 1 134 ? -15.460 35.059  0.157   1.00 36.18  ? 134 ASN B CA 1 
ATOM 511  C CA . LEU B 1 135 ? -12.315 34.307  1.145   1.00 51.01  ? 135 LEU B CA 1 
ATOM 512  C CA . LYS B 1 136 ? -11.487 33.815  4.794   1.00 30.86  ? 136 LYS B CA 1 
ATOM 513  C CA . TYR B 1 137 ? -8.612  32.317  6.681   1.00 37.31  ? 137 TYR B CA 1 
ATOM 514  C CA . SER B 1 138 ? -9.152  31.155  10.262  1.00 44.57  ? 138 SER B CA 1 
ATOM 515  C CA . VAL B 1 139 ? -6.059  31.504  12.382  1.00 33.27  ? 139 VAL B CA 1 
ATOM 516  C CA . ILE B 1 140 ? -5.137  30.351  15.866  1.00 41.20  ? 140 ILE B CA 1 
ATOM 517  C CA . VAL B 1 141 ? -3.012  32.141  18.385  1.00 42.05  ? 141 VAL B CA 1 
ATOM 518  C CA . THR B 1 142 ? -2.504  29.866  21.342  1.00 56.51  ? 142 THR B CA 1 
ATOM 519  C CA . VAL B 1 143 ? -0.239  30.823  24.347  1.00 60.03  ? 143 VAL B CA 1 
ATOM 520  C CA . THR B 1 155 ? 1.669   21.127  26.633  1.00 127.35 ? 155 THR B CA 1 
ATOM 521  C CA . THR B 1 156 ? -0.683  23.819  25.337  1.00 101.77 ? 156 THR B CA 1 
ATOM 522  C CA . GLU B 1 157 ? -3.699  25.770  26.516  1.00 106.86 ? 157 GLU B CA 1 
ATOM 523  C CA . HIS B 1 158 ? -6.528  28.198  25.632  1.00 120.16 ? 158 HIS B CA 1 
ATOM 524  C CA . GLY B 1 159 ? -6.296  29.620  22.083  1.00 83.18  ? 159 GLY B CA 1 
ATOM 525  C CA . THR B 1 160 ? -7.758  32.680  20.340  1.00 75.48  ? 160 THR B CA 1 
ATOM 526  C CA . ILE B 1 161 ? -9.044  32.529  16.744  1.00 46.04  ? 161 ILE B CA 1 
ATOM 527  C CA . ALA B 1 162 ? -8.339  35.401  14.457  1.00 31.50  ? 162 ALA B CA 1 
ATOM 528  C CA . THR B 1 163 ? -10.257 35.315  11.241  1.00 36.08  ? 163 THR B CA 1 
ATOM 529  C CA . ILE B 1 164 ? -8.504  37.115  8.370   1.00 47.35  ? 164 ILE B CA 1 
ATOM 530  C CA . THR B 1 165 ? -9.634  38.075  4.874   1.00 38.84  ? 165 THR B CA 1 
ATOM 531  C CA . PRO B 1 166 ? -8.502  39.628  1.583   1.00 44.52  ? 166 PRO B CA 1 
ATOM 532  C CA . GLN B 1 167 ? -10.401 42.776  2.500   1.00 58.29  ? 167 GLN B CA 1 
ATOM 533  C CA . ALA B 1 168 ? -9.420  43.123  6.140   1.00 47.85  ? 168 ALA B CA 1 
ATOM 534  C CA . PRO B 1 169 ? -6.167  41.268  6.798   1.00 55.56  ? 169 PRO B CA 1 
ATOM 535  C CA . THR B 1 170 ? -5.197  43.138  10.018  1.00 50.81  ? 170 THR B CA 1 
ATOM 536  C CA . SER B 1 171 ? -6.177  41.619  13.305  1.00 56.88  ? 171 SER B CA 1 
ATOM 537  C CA . GLU B 1 172 ? -5.016  42.691  16.682  1.00 68.09  ? 172 GLU B CA 1 
ATOM 538  C CA . ILE B 1 173 ? -5.327  40.446  19.602  1.00 63.21  ? 173 ILE B CA 1 
ATOM 539  C CA . GLN B 1 174 ? -4.819  40.802  23.290  1.00 65.15  ? 174 GLN B CA 1 
ATOM 540  C CA . LEU B 1 175 ? -2.467  38.111  24.557  1.00 63.72  ? 175 LEU B CA 1 
ATOM 541  C CA . THR B 1 176 ? -1.753  37.832  28.301  1.00 79.15  ? 176 THR B CA 1 
ATOM 542  C CA . ASP B 1 177 ? 1.942   37.865  29.235  1.00 59.01  ? 177 ASP B CA 1 
ATOM 543  C CA . TYR B 1 178 ? 2.704   39.308  25.800  1.00 55.37  ? 178 TYR B CA 1 
ATOM 544  C CA . GLY B 1 179 ? 0.272   42.208  25.435  1.00 65.31  ? 179 GLY B CA 1 
ATOM 545  C CA . ALA B 1 180 ? -1.195  43.592  22.229  1.00 59.82  ? 180 ALA B CA 1 
ATOM 546  C CA . LEU B 1 181 ? -0.245  41.824  19.014  1.00 49.49  ? 181 LEU B CA 1 
ATOM 547  C CA . THR B 1 182 ? -1.319  42.761  15.562  1.00 42.49  ? 182 THR B CA 1 
ATOM 548  C CA . LEU B 1 183 ? -1.373  40.134  12.894  1.00 44.89  ? 183 LEU B CA 1 
ATOM 549  C CA . ASP B 1 184 ? -1.021  41.039  9.302   1.00 70.39  ? 184 ASP B CA 1 
ATOM 550  C CA . CYS B 1 185 ? -1.534  38.396  6.684   1.00 63.47  ? 185 CYS B CA 1 
ATOM 551  C CA . SER B 1 186 ? -1.652  37.584  2.993   1.00 44.48  ? 186 SER B CA 1 
ATOM 552  C CA . PRO B 1 187 ? -2.119  34.397  0.999   1.00 60.34  ? 187 PRO B CA 1 
ATOM 553  C CA . ARG B 1 188 ? 1.005   33.117  -0.515  1.00 62.33  ? 188 ARG B CA 1 
ATOM 554  C CA . THR B 1 189 ? -3.434  40.828  -0.786  1.00 65.49  ? 189 THR B CA 1 
ATOM 555  C CA . GLY B 1 190 ? -6.118  38.720  -2.233  1.00 81.15  ? 190 GLY B CA 1 
ATOM 556  C CA . LEU B 1 191 ? -2.876  39.572  -1.713  1.00 64.14  ? 191 LEU B CA 1 
ATOM 557  C CA . ASP B 1 192 ? -13.459 32.870  -6.742  1.00 66.96  ? 192 ASP B CA 1 
ATOM 558  C CA . PHE B 1 193 ? -8.426  32.322  -5.634  1.00 55.22  ? 193 PHE B CA 1 
ATOM 559  C CA . ASN B 1 194 ? -5.151  31.863  -11.218 1.00 42.45  ? 194 ASN B CA 1 
ATOM 560  C CA . GLU B 1 195 ? -5.649  28.425  -11.731 1.00 52.98  ? 195 GLU B CA 1 
ATOM 561  C CA . MET B 1 196 ? -9.241  26.680  -9.058  1.00 52.59  ? 196 MET B CA 1 
ATOM 562  C CA . VAL B 1 197 ? -12.667 25.161  -9.338  1.00 53.04  ? 197 VAL B CA 1 
ATOM 563  C CA . LEU B 1 198 ? -14.518 23.342  -6.654  1.00 46.65  ? 198 LEU B CA 1 
ATOM 564  C CA . LEU B 1 199 ? -15.615 19.979  -8.011  1.00 39.35  ? 199 LEU B CA 1 
ATOM 565  C CA . THR B 1 200 ? -18.541 17.976  -6.714  1.00 50.93  ? 200 THR B CA 1 
ATOM 566  C CA . MET B 1 201 ? -19.333 14.393  -7.653  1.00 61.64  ? 201 MET B CA 1 
ATOM 567  C CA . LYS B 1 202 ? -22.094 12.874  -5.491  1.00 61.60  ? 202 LYS B CA 1 
ATOM 568  C CA . GLU B 1 203 ? -20.782 12.948  -1.921  1.00 83.31  ? 203 GLU B CA 1 
ATOM 569  C CA . LYS B 1 204 ? -17.203 14.229  -2.437  1.00 55.65  ? 204 LYS B CA 1 
ATOM 570  C CA . SER B 1 205 ? -15.674 17.630  -3.224  1.00 66.06  ? 205 SER B CA 1 
ATOM 571  C CA . TRP B 1 206 ? -12.380 17.858  -4.916  1.00 44.75  ? 206 TRP B CA 1 
ATOM 572  C CA . LEU B 1 207 ? -10.546 21.028  -5.871  1.00 49.95  ? 207 LEU B CA 1 
ATOM 573  C CA . VAL B 1 208 ? -8.966  21.270  -9.388  1.00 25.61  ? 208 VAL B CA 1 
ATOM 574  C CA . HIS B 1 209 ? -7.375  23.714  -11.823 1.00 41.88  ? 209 HIS B CA 1 
ATOM 575  C CA . LYS B 1 210 ? -10.069 25.400  -13.960 1.00 33.67  ? 210 LYS B CA 1 
ATOM 576  C CA . GLN B 1 211 ? -8.516  24.738  -17.313 1.00 49.97  ? 211 GLN B CA 1 
ATOM 577  C CA . TRP B 1 212 ? -8.164  21.014  -16.566 1.00 47.38  ? 212 TRP B CA 1 
ATOM 578  C CA . PHE B 1 213 ? -11.760 20.955  -15.452 1.00 37.87  ? 213 PHE B CA 1 
ATOM 579  C CA . LEU B 1 214 ? -12.954 22.678  -18.565 1.00 48.28  ? 214 LEU B CA 1 
ATOM 580  C CA . ASP B 1 215 ? -11.375 20.120  -20.745 1.00 57.51  ? 215 ASP B CA 1 
ATOM 581  C CA . LEU B 1 216 ? -12.862 16.878  -19.549 1.00 48.03  ? 216 LEU B CA 1 
ATOM 582  C CA . PRO B 1 217 ? -14.511 14.811  -22.389 1.00 47.70  ? 217 PRO B CA 1 
ATOM 583  C CA . LEU B 1 218 ? -18.236 15.003  -21.594 1.00 40.93  ? 218 LEU B CA 1 
ATOM 584  C CA . PRO B 1 219 ? -21.625 16.411  -22.346 1.00 50.29  ? 219 PRO B CA 1 
ATOM 585  C CA . TRP B 1 220 ? -21.956 19.780  -20.336 1.00 37.89  ? 220 TRP B CA 1 
ATOM 586  C CA . THR B 1 221 ? -24.238 22.827  -19.759 1.00 43.90  ? 221 THR B CA 1 
ATOM 587  C CA . SER B 1 222 ? -23.766 26.400  -18.646 1.00 36.80  ? 222 SER B CA 1 
ATOM 588  C CA . GLY B 1 223 ? -24.811 26.170  -14.998 1.00 54.10  ? 223 GLY B CA 1 
ATOM 589  C CA . GLU B 1 229 ? -32.315 22.139  -19.920 1.00 77.64  ? 229 GLU B CA 1 
ATOM 590  C CA . THR B 1 230 ? -29.771 21.570  -22.645 1.00 70.18  ? 230 THR B CA 1 
ATOM 591  C CA . TRP B 1 231 ? -26.794 19.158  -23.009 1.00 59.60  ? 231 TRP B CA 1 
ATOM 592  C CA . ASN B 1 232 ? -23.744 19.704  -25.264 1.00 51.90  ? 232 ASN B CA 1 
ATOM 593  C CA . ARG B 1 233 ? -21.667 17.262  -27.242 1.00 60.91  ? 233 ARG B CA 1 
ATOM 594  C CA . GLN B 1 234 ? -24.137 14.751  -25.961 1.00 68.98  ? 234 GLN B CA 1 
ATOM 595  C CA . ASP B 1 235 ? -22.566 12.407  -28.424 1.00 72.62  ? 235 ASP B CA 1 
ATOM 596  C CA . LEU B 1 236 ? -19.532 11.935  -26.255 1.00 49.03  ? 236 LEU B CA 1 
ATOM 597  C CA . LEU B 1 237 ? -21.509 9.247   -24.497 1.00 49.29  ? 237 LEU B CA 1 
ATOM 598  C CA . VAL B 1 238 ? -24.066 8.205   -27.061 1.00 37.62  ? 238 VAL B CA 1 
ATOM 599  C CA . THR B 1 239 ? -23.053 6.757   -30.335 1.00 68.46  ? 239 THR B CA 1 
ATOM 600  C CA . PHE B 1 240 ? -24.443 5.028   -33.363 1.00 87.98  ? 240 PHE B CA 1 
ATOM 601  C CA . LYS B 1 241 ? -23.102 1.858   -34.910 1.00 110.77 ? 241 LYS B CA 1 
ATOM 602  C CA . THR B 1 242 ? -23.657 0.075   -38.220 1.00 138.00 ? 242 THR B CA 1 
ATOM 603  C CA . ALA B 1 243 ? -27.221 0.750   -39.314 1.00 123.99 ? 243 ALA B CA 1 
ATOM 604  C CA . HIS B 1 244 ? -29.303 -2.200  -40.561 1.00 115.29 ? 244 HIS B CA 1 
ATOM 605  C CA . ALA B 1 245 ? -31.951 -2.494  -43.285 1.00 116.96 ? 245 ALA B CA 1 
ATOM 606  C CA . GLN B 1 248 ? -29.789 1.866   -36.743 1.00 90.28  ? 248 GLN B CA 1 
ATOM 607  C CA . GLU B 1 249 ? -28.582 1.203   -33.106 1.00 97.67  ? 249 GLU B CA 1 
ATOM 608  C CA . ALA B 1 250 ? -27.019 3.531   -30.551 1.00 80.53  ? 250 ALA B CA 1 
ATOM 609  C CA . VAL B 1 251 ? -24.325 2.612   -28.062 1.00 72.11  ? 251 VAL B CA 1 
ATOM 610  C CA . VAL B 1 252 ? -23.131 4.281   -24.866 1.00 63.72  ? 252 VAL B CA 1 
ATOM 611  C CA . LEU B 1 253 ? -20.311 4.124   -22.306 1.00 66.22  ? 253 LEU B CA 1 
ATOM 612  C CA . GLY B 1 254 ? -21.179 3.454   -18.665 1.00 57.00  ? 254 GLY B CA 1 
ATOM 613  C CA . SER B 1 255 ? -21.482 5.209   -15.299 1.00 70.66  ? 255 SER B CA 1 
ATOM 614  C CA . GLN B 1 256 ? -18.564 7.596   -14.932 1.00 62.07  ? 256 GLN B CA 1 
ATOM 615  C CA . GLU B 1 257 ? -18.010 7.561   -11.135 1.00 55.45  ? 257 GLU B CA 1 
ATOM 616  C CA . GLY B 1 258 ? -15.110 5.197   -11.667 1.00 67.56  ? 258 GLY B CA 1 
ATOM 617  C CA . ALA B 1 259 ? -13.591 6.632   -14.828 1.00 66.79  ? 259 ALA B CA 1 
ATOM 618  C CA . MET B 1 260 ? -13.210 9.845   -12.889 1.00 53.42  ? 260 MET B CA 1 
ATOM 619  C CA . HIS B 1 261 ? -12.128 8.697   -9.487  1.00 51.27  ? 261 HIS B CA 1 
ATOM 620  C CA . THR B 1 262 ? -9.023  7.369   -11.212 1.00 60.66  ? 262 THR B CA 1 
ATOM 621  C CA . ALA B 1 263 ? -8.737  10.764  -13.034 1.00 55.34  ? 263 ALA B CA 1 
ATOM 622  C CA . LEU B 1 264 ? -9.164  12.972  -9.920  1.00 56.30  ? 264 LEU B CA 1 
ATOM 623  C CA . THR B 1 265 ? -6.141  11.142  -8.554  1.00 49.39  ? 265 THR B CA 1 
ATOM 624  C CA . GLY B 1 266 ? -3.548  13.890  -7.807  1.00 63.22  ? 266 GLY B CA 1 
ATOM 625  C CA . ALA B 1 267 ? -6.450  16.218  -6.733  1.00 57.04  ? 267 ALA B CA 1 
ATOM 626  C CA . THR B 1 268 ? -6.553  18.042  -3.416  1.00 60.47  ? 268 THR B CA 1 
ATOM 627  C CA . GLU B 1 269 ? -9.543  16.477  -1.623  1.00 62.08  ? 269 GLU B CA 1 
ATOM 628  C CA . ILE B 1 270 ? -11.916 18.658  0.580   1.00 63.63  ? 270 ILE B CA 1 
ATOM 629  C CA . GLN B 1 271 ? -14.413 18.237  3.420   1.00 84.12  ? 271 GLN B CA 1 
ATOM 630  C CA . THR B 1 272 ? -17.601 20.093  2.413   1.00 84.57  ? 272 THR B CA 1 
ATOM 631  C CA . SER B 1 273 ? -21.224 20.212  3.717   1.00 76.19  ? 273 SER B CA 1 
ATOM 632  C CA . GLY B 1 274 ? -24.034 21.416  1.500   1.00 51.01  ? 274 GLY B CA 1 
ATOM 633  C CA . THR B 1 275 ? -22.886 24.789  0.362   1.00 42.39  ? 275 THR B CA 1 
ATOM 634  C CA . THR B 1 276 ? -20.462 25.586  3.054   1.00 56.02  ? 276 THR B CA 1 
ATOM 635  C CA . THR B 1 277 ? -16.918 24.564  2.598   1.00 43.40  ? 277 THR B CA 1 
ATOM 636  C CA . ILE B 1 278 ? -14.286 25.087  5.209   1.00 43.90  ? 278 ILE B CA 1 
ATOM 637  C CA . PHE B 1 279 ? -10.622 26.065  4.816   1.00 40.07  ? 279 PHE B CA 1 
ATOM 638  C CA . ALA B 1 280 ? -6.462  26.414  3.978   1.00 29.61  ? 280 ALA B CA 1 
ATOM 639  C CA . GLY B 1 281 ? -4.607  27.826  2.166   1.00 39.17  ? 281 GLY B CA 1 
ATOM 640  C CA . HIS B 1 282 ? -0.867  29.040  2.676   1.00 40.57  ? 282 HIS B CA 1 
ATOM 641  C CA . LEU B 1 283 ? -0.787  32.357  4.478   1.00 39.57  ? 283 LEU B CA 1 
ATOM 642  C CA . LYS B 1 284 ? 2.058   34.707  5.168   1.00 28.35  ? 284 LYS B CA 1 
ATOM 643  C CA . CYS B 1 285 ? 2.035   37.123  8.138   1.00 48.95  ? 285 CYS B CA 1 
ATOM 644  C CA . ARG B 1 286 ? 3.989   39.518  10.135  1.00 40.85  ? 286 ARG B CA 1 
ATOM 645  C CA . LEU B 1 287 ? 3.308   39.969  13.835  1.00 28.18  ? 287 LEU B CA 1 
ATOM 646  C CA . LYS B 1 288 ? 3.722   43.353  15.374  1.00 33.20  ? 288 LYS B CA 1 
ATOM 647  C CA . MET B 1 289 ? 4.053   43.313  19.079  1.00 56.04  ? 289 MET B CA 1 
ATOM 648  C CA . ASP B 1 290 ? 5.522   45.379  21.796  1.00 69.82  ? 290 ASP B CA 1 
ATOM 649  C CA . LYS B 1 291 ? 4.506   41.610  20.095  1.00 44.01  ? 291 LYS B CA 1 
ATOM 650  C CA . LEU B 1 292 ? 5.009   38.813  23.039  1.00 55.36  ? 292 LEU B CA 1 
ATOM 651  C CA . THR B 1 293 ? 5.117   42.400  26.239  1.00 55.38  ? 293 THR B CA 1 
ATOM 652  C CA . LEU B 1 294 ? 5.818   41.770  27.119  1.00 54.55  ? 294 LEU B CA 1 
ATOM 653  C CA . LYS B 1 295 ? 5.938   41.319  31.935  1.00 49.50  ? 295 LYS B CA 1 
ATOM 654  C CA . GLY B 1 296 ? 9.097   40.322  30.312  1.00 63.94  ? 296 GLY B CA 1 
ATOM 655  C CA . ILE B 1 297 ? 6.331   36.634  33.054  1.00 65.10  ? 297 ILE B CA 1 
ATOM 656  C CA . SER B 1 298 ? 12.145  41.989  38.071  1.00 83.23  ? 298 SER B CA 1 
ATOM 657  C CA . TYR B 1 299 ? 6.259   37.079  38.663  1.00 64.87  ? 299 TYR B CA 1 
ATOM 658  C CA . VAL B 1 300 ? 11.212  36.021  42.747  1.00 75.24  ? 300 VAL B CA 1 
ATOM 659  C CA . MET B 1 301 ? 13.884  33.272  42.170  1.00 65.98  ? 301 MET B CA 1 
ATOM 660  C CA . CYS B 1 302 ? 12.670  29.880  43.606  1.00 71.64  ? 302 CYS B CA 1 
ATOM 661  C CA . THR B 1 303 ? 14.072  28.218  46.833  1.00 54.72  ? 303 THR B CA 1 
ATOM 662  C CA . GLY B 1 304 ? 11.876  25.198  47.314  1.00 61.20  ? 304 GLY B CA 1 
ATOM 663  C CA . SER B 1 305 ? 13.358  22.084  45.710  1.00 69.28  ? 305 SER B CA 1 
ATOM 664  C CA . PHE B 1 306 ? 12.130  20.230  42.627  1.00 55.48  ? 306 PHE B CA 1 
ATOM 665  C CA . LYS B 1 307 ? 10.827  16.676  42.348  1.00 47.28  ? 307 LYS B CA 1 
ATOM 666  C CA . LEU B 1 308 ? 11.112  15.085  38.900  1.00 49.03  ? 308 LEU B CA 1 
ATOM 667  C CA . GLU B 1 309 ? 7.496   14.214  37.933  1.00 54.29  ? 309 GLU B CA 1 
ATOM 668  C CA . LYS B 1 310 ? 8.021   12.198  34.731  1.00 71.18  ? 310 LYS B CA 1 
ATOM 669  C CA . GLU B 1 311 ? 11.270  11.203  33.118  1.00 75.32  ? 311 GLU B CA 1 
ATOM 670  C CA . VAL B 1 312 ? 13.154  13.412  30.677  1.00 54.43  ? 312 VAL B CA 1 
ATOM 671  C CA . ALA B 1 313 ? 11.670  12.906  27.200  1.00 63.77  ? 313 ALA B CA 1 
ATOM 672  C CA . GLU B 1 314 ? 13.022  13.964  23.796  1.00 72.90  ? 314 GLU B CA 1 
ATOM 673  C CA . THR B 1 315 ? 10.719  16.133  21.628  1.00 71.34  ? 315 THR B CA 1 
ATOM 674  C CA . GLN B 1 316 ? 9.980   16.109  17.937  1.00 77.70  ? 316 GLN B CA 1 
ATOM 675  C CA . HIS B 1 317 ? 10.907  19.799  17.520  1.00 58.87  ? 317 HIS B CA 1 
ATOM 676  C CA . GLY B 1 318 ? 14.407  18.586  18.660  1.00 62.47  ? 318 GLY B CA 1 
ATOM 677  C CA . THR B 1 319 ? 14.500  19.782  22.306  1.00 69.52  ? 319 THR B CA 1 
ATOM 678  C CA . VAL B 1 320 ? 14.435  17.763  25.597  1.00 56.27  ? 320 VAL B CA 1 
ATOM 679  C CA . LEU B 1 321 ? 11.386  18.139  27.883  1.00 52.80  ? 321 LEU B CA 1 
ATOM 680  C CA . VAL B 1 322 ? 11.671  17.667  31.640  1.00 44.01  ? 322 VAL B CA 1 
ATOM 681  C CA . GLN B 1 323 ? 8.687   17.957  33.949  1.00 53.89  ? 323 GLN B CA 1 
ATOM 682  C CA . VAL B 1 324 ? 9.400   19.172  37.443  1.00 49.68  ? 324 VAL B CA 1 
ATOM 683  C CA . LYS B 1 325 ? 7.303   19.712  40.537  1.00 52.68  ? 325 LYS B CA 1 
ATOM 684  C CA . TYR B 1 326 ? 7.867   22.376  43.095  1.00 65.54  ? 326 TYR B CA 1 
ATOM 685  C CA . GLU B 1 327 ? 7.720   21.658  46.847  1.00 96.00  ? 327 GLU B CA 1 
ATOM 686  C CA . GLY B 1 328 ? 7.982   25.217  48.387  1.00 93.13  ? 328 GLY B CA 1 
ATOM 687  C CA . THR B 1 329 ? 5.810   28.206  49.504  1.00 80.62  ? 329 THR B CA 1 
ATOM 688  C CA . ASP B 1 330 ? 6.908   30.627  46.768  1.00 79.66  ? 330 ASP B CA 1 
ATOM 689  C CA . ALA B 1 331 ? 4.224   30.578  44.015  1.00 99.06  ? 331 ALA B CA 1 
ATOM 690  C CA . PRO B 1 332 ? 5.004   32.628  41.961  1.00 92.09  ? 332 PRO B CA 1 
ATOM 691  C CA . CYS B 1 333 ? 8.727   32.350  41.258  1.00 69.90  ? 333 CYS B CA 1 
ATOM 692  C CA . LYS B 1 334 ? 11.406  32.015  38.494  1.00 49.19  ? 334 LYS B CA 1 
ATOM 693  C CA . ILE B 1 335 ? 12.908  28.472  38.276  1.00 55.72  ? 335 ILE B CA 1 
ATOM 694  C CA . PRO B 1 336 ? 16.728  28.436  38.702  1.00 58.06  ? 336 PRO B CA 1 
ATOM 695  C CA . PHE B 1 337 ? 18.098  26.116  35.960  1.00 55.87  ? 337 PHE B CA 1 
ATOM 696  C CA . SER B 1 338 ? 21.602  25.360  34.629  1.00 57.08  ? 338 SER B CA 1 
ATOM 697  C CA . SER B 1 339 ? 23.372  23.196  31.980  1.00 56.50  ? 339 SER B CA 1 
ATOM 698  C CA . GLN B 1 340 ? 26.842  21.639  31.931  1.00 58.32  ? 340 GLN B CA 1 
ATOM 699  C CA . ASP B 1 341 ? 28.590  19.629  29.145  1.00 77.78  ? 341 ASP B CA 1 
ATOM 700  C CA . GLU B 1 342 ? 30.774  16.474  29.584  1.00 93.96  ? 342 GLU B CA 1 
ATOM 701  C CA . LYS B 1 343 ? 33.750  18.638  30.552  1.00 91.44  ? 343 LYS B CA 1 
ATOM 702  C CA . GLY B 1 344 ? 31.548  20.256  33.244  1.00 82.32  ? 344 GLY B CA 1 
ATOM 703  C CA . VAL B 1 345 ? 31.221  23.854  31.878  1.00 67.33  ? 345 VAL B CA 1 
ATOM 704  C CA . THR B 1 346 ? 28.176  25.976  32.636  1.00 79.16  ? 346 THR B CA 1 
ATOM 705  C CA . GLN B 1 347 ? 26.916  27.029  29.195  1.00 66.83  ? 347 GLN B CA 1 
ATOM 706  C CA . ASN B 1 348 ? 24.541  29.951  29.710  1.00 74.03  ? 348 ASN B CA 1 
ATOM 707  C CA . GLY B 1 349 ? 21.743  29.148  27.277  1.00 70.33  ? 349 GLY B CA 1 
ATOM 708  C CA . ARG B 1 350 ? 20.384  25.852  25.862  1.00 60.61  ? 350 ARG B CA 1 
ATOM 709  C CA . LEU B 1 351 ? 16.965  26.731  27.398  1.00 59.24  ? 351 LEU B CA 1 
ATOM 710  C CA . VAL B 1 352 ? 14.026  26.723  24.938  1.00 45.78  ? 352 VAL B CA 1 
ATOM 711  C CA . THR B 1 353 ? 11.464  27.549  27.687  1.00 56.64  ? 353 THR B CA 1 
ATOM 712  C CA . ALA B 1 354 ? 12.618  31.150  27.971  1.00 73.40  ? 354 ALA B CA 1 
ATOM 713  C CA . ASN B 1 355 ? 11.139  32.124  31.368  1.00 79.99  ? 355 ASN B CA 1 
ATOM 714  C CA . PRO B 1 356 ? 10.036  28.912  33.265  1.00 66.35  ? 356 PRO B CA 1 
ATOM 715  C CA . ILE B 1 357 ? 8.072   30.069  36.363  1.00 52.66  ? 357 ILE B CA 1 
ATOM 716  C CA . VAL B 1 358 ? 6.067   28.367  39.123  1.00 56.15  ? 358 VAL B CA 1 
ATOM 717  C CA . THR B 1 359 ? 2.554   29.835  38.739  1.00 73.92  ? 359 THR B CA 1 
ATOM 718  C CA . ASP B 1 360 ? 1.304   27.592  41.518  1.00 75.94  ? 360 ASP B CA 1 
ATOM 719  C CA . LYS B 1 361 ? 2.594   24.375  43.072  1.00 77.22  ? 361 LYS B CA 1 
ATOM 720  C CA . GLU B 1 362 ? 0.339   21.330  42.198  1.00 75.26  ? 362 GLU B CA 1 
ATOM 721  C CA . LYS B 1 363 ? 0.817   22.253  38.508  1.00 61.28  ? 363 LYS B CA 1 
ATOM 722  C CA . PRO B 1 364 ? 3.980   20.503  37.455  1.00 68.14  ? 364 PRO B CA 1 
ATOM 723  C CA . VAL B 1 365 ? 6.079   22.672  35.193  1.00 57.41  ? 365 VAL B CA 1 
ATOM 724  C CA . ASN B 1 366 ? 7.680   21.809  31.904  1.00 68.81  ? 366 ASN B CA 1 
ATOM 725  C CA . ILE B 1 367 ? 11.128  22.811  30.817  1.00 56.93  ? 367 ILE B CA 1 
ATOM 726  C CA . GLU B 1 368 ? 12.150  22.562  27.244  1.00 37.94  ? 368 GLU B CA 1 
ATOM 727  C CA . ALA B 1 369 ? 15.946  22.653  26.855  1.00 46.42  ? 369 ALA B CA 1 
ATOM 728  C CA . GLU B 1 370 ? 18.241  21.845  23.870  1.00 47.04  ? 370 GLU B CA 1 
ATOM 729  C CA . PRO B 1 371 ? 21.109  19.911  25.608  1.00 44.59  ? 371 PRO B CA 1 
ATOM 730  C CA . PRO B 1 372 ? 24.638  19.631  24.004  1.00 55.70  ? 372 PRO B CA 1 
ATOM 731  C CA . PHE B 1 373 ? 26.120  16.653  22.177  1.00 60.48  ? 373 PHE B CA 1 
ATOM 732  C CA . GLY B 1 374 ? 27.634  14.000  24.434  1.00 76.78  ? 374 GLY B CA 1 
ATOM 733  C CA . GLU B 1 375 ? 27.072  13.680  28.194  1.00 83.17  ? 375 GLU B CA 1 
ATOM 734  C CA . SER B 1 376 ? 25.070  16.686  29.482  1.00 70.75  ? 376 SER B CA 1 
ATOM 735  C CA . TYR B 1 377 ? 24.369  17.624  33.108  1.00 63.28  ? 377 TYR B CA 1 
ATOM 736  C CA . ILE B 1 378 ? 21.120  19.545  33.638  1.00 55.09  ? 378 ILE B CA 1 
ATOM 737  C CA . VAL B 1 379 ? 20.580  21.189  37.021  1.00 47.34  ? 379 VAL B CA 1 
ATOM 738  C CA . VAL B 1 380 ? 17.260  22.472  38.304  1.00 46.75  ? 380 VAL B CA 1 
ATOM 739  C CA . GLY B 1 381 ? 16.925  24.296  41.625  1.00 72.93  ? 381 GLY B CA 1 
ATOM 740  C CA . ALA B 1 382 ? 18.910  26.571  43.917  1.00 77.41  ? 382 ALA B CA 1 
ATOM 741  C CA . GLY B 1 383 ? 21.300  25.264  46.639  1.00 78.90  ? 383 GLY B CA 1 
ATOM 742  C CA . GLU B 1 384 ? 21.457  21.629  47.812  1.00 70.36  ? 384 GLU B CA 1 
ATOM 743  C CA . LYS B 1 385 ? 18.334  19.479  46.927  1.00 74.15  ? 385 LYS B CA 1 
ATOM 744  C CA . ALA B 1 386 ? 18.627  20.712  43.297  1.00 49.74  ? 386 ALA B CA 1 
ATOM 745  C CA . LEU B 1 387 ? 17.996  17.949  40.686  1.00 43.52  ? 387 LEU B CA 1 
ATOM 746  C CA . LYS B 1 388 ? 21.087  16.942  38.601  1.00 49.67  ? 388 LYS B CA 1 
ATOM 747  C CA . LEU B 1 389 ? 20.091  14.907  35.525  1.00 60.44  ? 389 LEU B CA 1 
ATOM 748  C CA . SER B 1 390 ? 22.474  13.232  33.198  1.00 54.37  ? 390 SER B CA 1 
ATOM 749  C CA . TRP B 1 391 ? 21.466  13.234  29.518  1.00 66.84  ? 391 TRP B CA 1 
ATOM 750  C CA . PHE B 1 392 ? 22.933  11.733  26.328  1.00 59.35  ? 392 PHE B CA 1 
ATOM 751  C CA . LYS B 1 393 ? 23.049  13.089  22.733  1.00 59.49  ? 393 LYS B CA 1 
ATOM 752  C CA . LYS B 1 394 ? 24.466  11.829  19.379  1.00 57.32  ? 394 LYS B CA 1 
ATOM 753  C CA . MET C 1 1   ? -29.067 -8.819  -57.997 1.00 105.03 ? 1   MET C CA 1 
ATOM 754  C CA . ARG C 1 2   ? -26.817 -9.708  -55.073 1.00 77.97  ? 2   ARG C CA 1 
ATOM 755  C CA . CYS C 1 3   ? -24.622 -12.884 -54.924 1.00 67.19  ? 3   CYS C CA 1 
ATOM 756  C CA . VAL C 1 4   ? -21.012 -13.656 -56.081 1.00 43.84  ? 4   VAL C CA 1 
ATOM 757  C CA . GLY C 1 5   ? -20.174 -16.561 -58.477 1.00 57.03  ? 5   GLY C CA 1 
ATOM 758  C CA . ILE C 1 6   ? -17.220 -18.988 -58.239 1.00 41.45  ? 6   ILE C CA 1 
ATOM 759  C CA . GLY C 1 7   ? -13.896 -18.554 -60.001 1.00 67.61  ? 7   GLY C CA 1 
ATOM 760  C CA . ASN C 1 8   ? -12.246 -20.982 -62.335 1.00 80.07  ? 8   ASN C CA 1 
ATOM 761  C CA . ARG C 1 9   ? -9.769  -22.351 -59.881 1.00 67.08  ? 9   ARG C CA 1 
ATOM 762  C CA . ASP C 1 10  ? -11.926 -23.653 -57.060 1.00 61.26  ? 10  ASP C CA 1 
ATOM 763  C CA . PHE C 1 11  ? -13.718 -26.713 -58.111 1.00 37.85  ? 11  PHE C CA 1 
ATOM 764  C CA . VAL C 1 12  ? -12.644 -29.790 -59.950 1.00 46.89  ? 12  VAL C CA 1 
ATOM 765  C CA . GLU C 1 13  ? -14.515 -32.152 -62.223 1.00 58.06  ? 13  GLU C CA 1 
ATOM 766  C CA . GLY C 1 14  ? -13.202 -35.736 -62.438 1.00 46.20  ? 14  GLY C CA 1 
ATOM 767  C CA . LEU C 1 15  ? -13.630 -37.983 -65.438 1.00 34.26  ? 15  LEU C CA 1 
ATOM 768  C CA . SER C 1 16  ? -15.375 -40.085 -62.847 1.00 65.00  ? 16  SER C CA 1 
ATOM 769  C CA . GLY C 1 17  ? -16.462 -39.470 -59.332 1.00 59.32  ? 17  GLY C CA 1 
ATOM 770  C CA . ALA C 1 18  ? -17.715 -35.968 -59.046 1.00 47.27  ? 18  ALA C CA 1 
ATOM 771  C CA . THR C 1 19  ? -17.499 -32.309 -58.630 1.00 54.16  ? 19  THR C CA 1 
ATOM 772  C CA . TRP C 1 20  ? -15.746 -31.022 -55.594 1.00 45.91  ? 20  TRP C CA 1 
ATOM 773  C CA . VAL C 1 21  ? -15.824 -27.327 -55.137 1.00 50.12  ? 21  VAL C CA 1 
ATOM 774  C CA . ASP C 1 22  ? -14.256 -25.072 -52.557 1.00 46.26  ? 22  ASP C CA 1 
ATOM 775  C CA . VAL C 1 23  ? -16.205 -22.346 -50.776 1.00 53.08  ? 23  VAL C CA 1 
ATOM 776  C CA . VAL C 1 24  ? -15.593 -19.792 -48.080 1.00 47.36  ? 24  VAL C CA 1 
ATOM 777  C CA . LEU C 1 25  ? -18.950 -18.361 -47.088 1.00 59.15  ? 25  LEU C CA 1 
ATOM 778  C CA . GLU C 1 26  ? -18.421 -15.342 -44.868 1.00 70.97  ? 26  GLU C CA 1 
ATOM 779  C CA . HIS C 1 27  ? -20.526 -13.347 -42.418 1.00 43.66  ? 27  HIS C CA 1 
ATOM 780  C CA . GLY C 1 28  ? -22.567 -11.240 -44.788 1.00 49.92  ? 28  GLY C CA 1 
ATOM 781  C CA . SER C 1 29  ? -21.757 -12.743 -48.191 1.00 60.80  ? 29  SER C CA 1 
ATOM 782  C CA . CYS C 1 30  ? -23.381 -15.314 -50.407 1.00 60.98  ? 30  CYS C CA 1 
ATOM 783  C CA . VAL C 1 31  ? -21.631 -17.430 -53.097 1.00 45.55  ? 31  VAL C CA 1 
ATOM 784  C CA . THR C 1 32  ? -23.158 -18.395 -56.458 1.00 55.03  ? 32  THR C CA 1 
ATOM 785  C CA . THR C 1 33  ? -22.857 -20.851 -59.457 1.00 69.91  ? 33  THR C CA 1 
ATOM 786  C CA . MET C 1 34  ? -24.561 -22.996 -62.127 1.00 71.44  ? 34  MET C CA 1 
ATOM 787  C CA . ALA C 1 35  ? -24.058 -25.344 -65.064 1.00 68.42  ? 35  ALA C CA 1 
ATOM 788  C CA . LYS C 1 36  ? -25.670 -25.591 -68.489 1.00 60.06  ? 36  LYS C CA 1 
ATOM 789  C CA . ASP C 1 37  ? -29.452 -25.329 -68.589 1.00 90.07  ? 37  ASP C CA 1 
ATOM 790  C CA . LYS C 1 38  ? -29.390 -25.891 -64.856 1.00 73.89  ? 38  LYS C CA 1 
ATOM 791  C CA . PRO C 1 39  ? -30.909 -23.284 -62.570 1.00 54.96  ? 39  PRO C CA 1 
ATOM 792  C CA . THR C 1 40  ? -28.599 -21.052 -60.525 1.00 46.29  ? 40  THR C CA 1 
ATOM 793  C CA . LEU C 1 41  ? -27.145 -21.812 -57.065 1.00 52.97  ? 41  LEU C CA 1 
ATOM 794  C CA . ASP C 1 42  ? -26.900 -19.639 -53.977 1.00 50.51  ? 42  ASP C CA 1 
ATOM 795  C CA . ILE C 1 43  ? -24.956 -20.470 -50.910 1.00 56.29  ? 43  ILE C CA 1 
ATOM 796  C CA . GLU C 1 44  ? -25.312 -18.310 -47.952 1.00 36.40  ? 44  GLU C CA 1 
ATOM 797  C CA . LEU C 1 45  ? -24.190 -18.352 -44.406 1.00 50.46  ? 45  LEU C CA 1 
ATOM 798  C CA . LEU C 1 46  ? -27.316 -17.979 -42.377 1.00 55.53  ? 46  LEU C CA 1 
ATOM 799  C CA . LYS C 1 47  ? -25.666 -17.235 -39.101 1.00 53.54  ? 47  LYS C CA 1 
ATOM 800  C CA . THR C 1 48  ? -23.292 -18.256 -36.450 1.00 60.28  ? 48  THR C CA 1 
ATOM 801  C CA . GLU C 1 49  ? -24.121 -18.509 -32.839 1.00 47.03  ? 49  GLU C CA 1 
ATOM 802  C CA . VAL C 1 50  ? -23.499 -20.369 -29.639 1.00 45.83  ? 50  VAL C CA 1 
ATOM 803  C CA . THR C 1 51  ? -26.323 -21.890 -27.904 1.00 54.46  ? 51  THR C CA 1 
ATOM 804  C CA . ASN C 1 52  ? -27.907 -23.077 -22.752 1.00 49.87  ? 52  ASN C CA 1 
ATOM 805  C CA . PRO C 1 53  ? -21.466 -22.644 -20.848 1.00 36.91  ? 53  PRO C CA 1 
ATOM 806  C CA . ALA C 1 54  ? -18.725 -22.871 -17.674 1.00 49.93  ? 54  ALA C CA 1 
ATOM 807  C CA . VAL C 1 55  ? -17.947 -19.799 -15.582 1.00 53.35  ? 55  VAL C CA 1 
ATOM 808  C CA . LEU C 1 56  ? -14.252 -19.137 -15.936 1.00 50.81  ? 56  LEU C CA 1 
ATOM 809  C CA . ARG C 1 57  ? -13.572 -16.118 -13.819 1.00 58.08  ? 57  ARG C CA 1 
ATOM 810  C CA . LYS C 1 58  ? -15.961 -13.796 -12.084 1.00 50.81  ? 58  LYS C CA 1 
ATOM 811  C CA . LEU C 1 59  ? -14.753 -10.244 -11.750 1.00 39.27  ? 59  LEU C CA 1 
ATOM 812  C CA . CYS C 1 60  ? -15.914 -7.484  -9.504  1.00 61.51  ? 60  CYS C CA 1 
ATOM 813  C CA . ILE C 1 61  ? -16.193 -4.190  -11.361 1.00 60.02  ? 61  ILE C CA 1 
ATOM 814  C CA . GLU C 1 62  ? -17.935 -2.434  -8.518  1.00 65.65  ? 62  GLU C CA 1 
ATOM 815  C CA . ALA C 1 63  ? -18.070 -3.179  -4.733  1.00 57.55  ? 63  ALA C CA 1 
ATOM 816  C CA . LYS C 1 64  ? -19.066 -1.463  -1.426  1.00 64.17  ? 64  LYS C CA 1 
ATOM 817  C CA . ILE C 1 65  ? -17.369 -1.413  2.032   1.00 62.13  ? 65  ILE C CA 1 
ATOM 818  C CA . SER C 1 66  ? -18.935 -2.313  5.350   1.00 79.73  ? 66  SER C CA 1 
ATOM 819  C CA . ASN C 1 67  ? -18.348 -2.590  9.072   1.00 91.81  ? 67  ASN C CA 1 
ATOM 820  C CA . THR C 1 68  ? -15.124 -0.617  9.146   1.00 84.93  ? 68  THR C CA 1 
ATOM 821  C CA . THR C 1 69  ? -12.880 -1.089  12.172  1.00 87.31  ? 69  THR C CA 1 
ATOM 822  C CA . THR C 1 70  ? -9.435  -0.034  13.320  1.00 69.59  ? 70  THR C CA 1 
ATOM 823  C CA . ASP C 1 71  ? -7.132  -0.584  16.301  1.00 83.00  ? 71  ASP C CA 1 
ATOM 824  C CA . SER C 1 72  ? -3.984  1.509   16.719  1.00 85.88  ? 72  SER C CA 1 
ATOM 825  C CA . ARG C 1 73  ? -1.325  1.539   19.470  1.00 80.15  ? 73  ARG C CA 1 
ATOM 826  C CA . CYS C 1 74  ? 1.049   3.979   21.024  1.00 80.10  ? 74  CYS C CA 1 
ATOM 827  C CA . PRO C 1 75  ? 4.780   3.572   20.722  1.00 67.13  ? 75  PRO C CA 1 
ATOM 828  C CA . THR C 1 76  ? 5.998   0.719   22.959  1.00 94.69  ? 76  THR C CA 1 
ATOM 829  C CA . GLN C 1 77  ? 2.672   -0.904  22.581  1.00 85.66  ? 77  GLN C CA 1 
ATOM 830  C CA . GLY C 1 78  ? 3.599   -3.131  19.677  1.00 83.33  ? 78  GLY C CA 1 
ATOM 831  C CA . GLU C 1 79  ? 1.604   -3.855  16.510  1.00 65.76  ? 79  GLU C CA 1 
ATOM 832  C CA . ALA C 1 80  ? -2.084  -3.088  16.436  1.00 60.70  ? 80  ALA C CA 1 
ATOM 833  C CA . THR C 1 81  ? -4.234  -6.124  15.802  1.00 59.18  ? 81  THR C CA 1 
ATOM 834  C CA . LEU C 1 82  ? -7.558  -7.417  14.597  1.00 79.65  ? 82  LEU C CA 1 
ATOM 835  C CA . VAL C 1 83  ? -8.924  -10.957 14.189  1.00 90.18  ? 83  VAL C CA 1 
ATOM 836  C CA . GLU C 1 84  ? -10.206 -9.843  10.831  1.00 75.67  ? 84  GLU C CA 1 
ATOM 837  C CA . GLU C 1 85  ? -6.699  -10.067 9.447   1.00 94.62  ? 85  GLU C CA 1 
ATOM 838  C CA . GLN C 1 86  ? -7.610  -13.714 8.853   1.00 106.23 ? 86  GLN C CA 1 
ATOM 839  C CA . ASP C 1 87  ? -10.970 -13.349 7.008   1.00 83.54  ? 87  ASP C CA 1 
ATOM 840  C CA . ALA C 1 88  ? -10.720 -12.731 3.312   1.00 78.54  ? 88  ALA C CA 1 
ATOM 841  C CA . ASN C 1 89  ? -13.846 -10.630 3.535   1.00 66.77  ? 89  ASN C CA 1 
ATOM 842  C CA . PHE C 1 90  ? -11.999 -7.582  4.690   1.00 50.89  ? 90  PHE C CA 1 
ATOM 843  C CA . VAL C 1 91  ? -9.282  -5.596  3.097   1.00 42.32  ? 91  VAL C CA 1 
ATOM 844  C CA . CYS C 1 92  ? -7.073  -4.200  5.837   1.00 63.37  ? 92  CYS C CA 1 
ATOM 845  C CA . ARG C 1 93  ? -4.118  -1.940  5.830   1.00 67.58  ? 93  ARG C CA 1 
ATOM 846  C CA . ARG C 1 94  ? -1.339  -1.794  8.437   1.00 46.29  ? 94  ARG C CA 1 
ATOM 847  C CA . THR C 1 95  ? 0.581   1.375   8.520   1.00 59.13  ? 95  THR C CA 1 
ATOM 848  C CA . PHE C 1 96  ? 2.513   3.242   11.150  1.00 40.62  ? 96  PHE C CA 1 
ATOM 849  C CA . VAL C 1 97  ? 1.199   6.562   12.460  1.00 37.76  ? 97  VAL C CA 1 
ATOM 850  C CA . ASP C 1 98  ? 2.169   9.430   14.792  1.00 50.11  ? 98  ASP C CA 1 
ATOM 851  C CA . ARG C 1 99  ? 0.899   9.712   18.401  1.00 42.46  ? 99  ARG C CA 1 
ATOM 852  C CA . GLY C 1 100 ? 1.382   12.834  20.588  1.00 65.98  ? 100 GLY C CA 1 
ATOM 853  C CA . TRP C 1 101 ? -0.591  14.351  23.416  1.00 87.56  ? 101 TRP C CA 1 
ATOM 854  C CA . GLY C 1 102 ? -2.586  14.998  20.298  1.00 97.51  ? 102 GLY C CA 1 
ATOM 855  C CA . ASN C 1 103 ? -4.663  11.861  20.831  1.00 89.59  ? 103 ASN C CA 1 
ATOM 856  C CA . GLY C 1 104 ? -4.231  10.605  24.403  1.00 91.12  ? 104 GLY C CA 1 
ATOM 857  C CA . CYS C 1 105 ? -0.661  9.315   23.982  1.00 101.18 ? 105 CYS C CA 1 
ATOM 858  C CA . GLY C 1 106 ? 1.868   10.254  26.685  1.00 83.83  ? 106 GLY C CA 1 
ATOM 859  C CA . LEU C 1 107 ? 5.024   10.088  24.616  1.00 75.08  ? 107 LEU C CA 1 
ATOM 860  C CA . PHE C 1 108 ? 6.213   11.217  21.213  1.00 81.77  ? 108 PHE C CA 1 
ATOM 861  C CA . GLY C 1 109 ? 6.786   8.741   18.437  1.00 61.39  ? 109 GLY C CA 1 
ATOM 862  C CA . LYS C 1 110 ? 5.186   6.579   15.797  1.00 45.41  ? 110 LYS C CA 1 
ATOM 863  C CA . GLY C 1 111 ? 2.487   4.043   16.727  1.00 52.56  ? 111 GLY C CA 1 
ATOM 864  C CA . SER C 1 112 ? 1.452   0.834   14.974  1.00 60.98  ? 112 SER C CA 1 
ATOM 865  C CA . LEU C 1 113 ? -2.025  0.965   13.636  1.00 49.45  ? 113 LEU C CA 1 
ATOM 866  C CA . LEU C 1 114 ? -4.123  -1.355  11.433  1.00 51.91  ? 114 LEU C CA 1 
ATOM 867  C CA . THR C 1 115 ? -7.609  -0.902  9.934   1.00 32.76  ? 115 THR C CA 1 
ATOM 868  C CA . CYS C 1 116 ? -10.157 -3.088  8.029   1.00 47.35  ? 116 CYS C CA 1 
ATOM 869  C CA . ALA C 1 117 ? -13.458 -3.150  6.218   1.00 55.88  ? 117 ALA C CA 1 
ATOM 870  C CA . LYS C 1 118 ? -15.813 -5.765  4.780   1.00 64.25  ? 118 LYS C CA 1 
ATOM 871  C CA . PHE C 1 119 ? -15.419 -5.903  1.022   1.00 55.76  ? 119 PHE C CA 1 
ATOM 872  C CA . LYS C 1 120 ? -18.697 -6.605  -0.737  1.00 63.46  ? 120 LYS C CA 1 
ATOM 873  C CA . CYS C 1 121 ? -18.937 -6.591  -4.459  1.00 68.45  ? 121 CYS C CA 1 
ATOM 874  C CA . VAL C 1 122 ? -22.198 -5.368  -5.960  1.00 74.16  ? 122 VAL C CA 1 
ATOM 875  C CA . THR C 1 123 ? -21.664 -5.555  -9.738  1.00 64.70  ? 123 THR C CA 1 
ATOM 876  C CA . LYS C 1 124 ? -19.874 -8.661  -11.116 1.00 69.39  ? 124 LYS C CA 1 
ATOM 877  C CA . LEU C 1 125 ? -18.977 -9.327  -14.742 1.00 52.20  ? 125 LEU C CA 1 
ATOM 878  C CA . GLU C 1 126 ? -18.434 -12.888 -16.008 1.00 54.93  ? 126 GLU C CA 1 
ATOM 879  C CA . GLY C 1 127 ? -15.927 -14.518 -18.281 1.00 54.62  ? 127 GLY C CA 1 
ATOM 880  C CA . LYS C 1 128 ? -17.133 -17.906 -19.576 1.00 53.70  ? 128 LYS C CA 1 
ATOM 881  C CA . ILE C 1 129 ? -15.783 -20.708 -21.668 1.00 44.69  ? 129 ILE C CA 1 
ATOM 882  C CA . VAL C 1 130 ? -17.094 -23.037 -24.288 1.00 47.58  ? 130 VAL C CA 1 
ATOM 883  C CA . GLN C 1 131 ? -16.261 -27.790 -24.421 1.00 51.45  ? 131 GLN C CA 1 
ATOM 884  C CA . TYR C 1 132 ? -19.009 -26.188 -23.979 1.00 36.80  ? 132 TYR C CA 1 
ATOM 885  C CA . GLU C 1 133 ? -15.063 -32.704 -29.918 1.00 48.88  ? 133 GLU C CA 1 
ATOM 886  C CA . ASN C 1 134 ? -22.641 -25.054 -28.687 1.00 36.18  ? 134 ASN C CA 1 
ATOM 887  C CA . LEU C 1 135 ? -21.541 -23.990 -31.702 1.00 51.01  ? 135 LEU C CA 1 
ATOM 888  C CA . LYS C 1 136 ? -23.801 -24.030 -34.724 1.00 30.86  ? 136 LYS C CA 1 
ATOM 889  C CA . TYR C 1 137 ? -23.709 -22.446 -38.124 1.00 37.31  ? 137 TYR C CA 1 
ATOM 890  C CA . SER C 1 138 ? -26.953 -22.046 -40.067 1.00 44.57  ? 138 SER C CA 1 
ATOM 891  C CA . VAL C 1 139 ? -26.448 -22.262 -43.793 1.00 33.27  ? 139 VAL C CA 1 
ATOM 892  C CA . ILE C 1 140 ? -28.688 -21.616 -46.774 1.00 41.20  ? 140 ILE C CA 1 
ATOM 893  C CA . VAL C 1 141 ? -28.744 -23.459 -50.040 1.00 42.05  ? 141 VAL C CA 1 
ATOM 894  C CA . THR C 1 142 ? -31.133 -21.696 -52.356 1.00 56.51  ? 142 THR C CA 1 
ATOM 895  C CA . VAL C 1 143 ? -31.655 -22.794 -56.045 1.00 60.03  ? 143 VAL C CA 1 
ATOM 896  C CA . THR C 1 155 ? -34.448 -13.483 -58.940 1.00 127.35 ? 155 THR C CA 1 
ATOM 897  C CA . THR C 1 156 ? -34.350 -16.245 -56.329 1.00 101.77 ? 156 THR C CA 1 
ATOM 898  C CA . GLU C 1 157 ? -36.666 -18.838 -54.843 1.00 106.86 ? 157 GLU C CA 1 
ATOM 899  C CA . HIS C 1 158 ? -37.239 -21.495 -52.141 1.00 120.16 ? 158 HIS C CA 1 
ATOM 900  C CA . GLY C 1 159 ? -34.152 -22.204 -49.988 1.00 83.18  ? 159 GLY C CA 1 
ATOM 901  C CA . THR C 1 160 ? -33.071 -25.100 -47.754 1.00 75.48  ? 160 THR C CA 1 
ATOM 902  C CA . ILE C 1 161 ? -31.296 -24.519 -44.419 1.00 46.04  ? 161 ILE C CA 1 
ATOM 903  C CA . ALA C 1 162 ? -28.481 -26.784 -43.460 1.00 31.50  ? 162 ALA C CA 1 
ATOM 904  C CA . THR C 1 163 ? -27.371 -26.437 -39.899 1.00 36.08  ? 163 THR C CA 1 
ATOM 905  C CA . ILE C 1 164 ? -23.721 -27.387 -39.338 1.00 47.35  ? 164 ILE C CA 1 
ATOM 906  C CA . THR C 1 165 ? -21.650 -27.879 -36.192 1.00 38.84  ? 165 THR C CA 1 
ATOM 907  C CA . PRO C 1 166 ? -18.147 -28.615 -34.888 1.00 44.52  ? 166 PRO C CA 1 
ATOM 908  C CA . GLN C 1 167 ? -19.270 -32.141 -34.075 1.00 58.29  ? 167 GLN C CA 1 
ATOM 909  C CA . ALA C 1 168 ? -21.223 -32.968 -37.210 1.00 47.85  ? 168 ALA C CA 1 
ATOM 910  C CA . PRO C 1 169 ? -20.078 -30.759 -40.084 1.00 55.56  ? 169 PRO C CA 1 
ATOM 911  C CA . THR C 1 170 ? -21.364 -32.992 -42.942 1.00 50.81  ? 170 THR C CA 1 
ATOM 912  C CA . SER C 1 171 ? -24.760 -32.263 -44.359 1.00 56.88  ? 171 SER C CA 1 
ATOM 913  C CA . GLU C 1 172 ? -26.232 -33.718 -47.459 1.00 68.09  ? 172 GLU C CA 1 
ATOM 914  C CA . ILE C 1 173 ? -29.108 -32.111 -49.137 1.00 63.21  ? 173 ILE C CA 1 
ATOM 915  C CA . GLN C 1 174 ? -31.397 -33.033 -51.946 1.00 65.15  ? 174 GLN C CA 1 
ATOM 916  C CA . LEU C 1 175 ? -31.473 -30.266 -54.539 1.00 63.72  ? 175 LEU C CA 1 
ATOM 917  C CA . THR C 1 176 ? -33.825 -30.548 -57.539 1.00 79.15  ? 176 THR C CA 1 
ATOM 918  C CA . ASP C 1 177 ? -32.145 -30.149 -60.936 1.00 59.01  ? 177 ASP C CA 1 
ATOM 919  C CA . TYR C 1 178 ? -28.796 -30.812 -59.257 1.00 55.37  ? 178 TYR C CA 1 
ATOM 920  C CA . GLY C 1 179 ? -29.381 -33.956 -57.198 1.00 65.31  ? 179 GLY C CA 1 
ATOM 921  C CA . ALA C 1 180 ? -27.638 -34.963 -53.990 1.00 59.82  ? 180 ALA C CA 1 
ATOM 922  C CA . LEU C 1 181 ? -25.105 -32.519 -52.583 1.00 49.49  ? 181 LEU C CA 1 
ATOM 923  C CA . THR C 1 182 ? -23.039 -32.987 -49.508 1.00 42.49  ? 182 THR C CA 1 
ATOM 924  C CA . LEU C 1 183 ? -21.755 -29.970 -47.699 1.00 44.89  ? 183 LEU C CA 1 
ATOM 925  C CA . ASP C 1 184 ? -18.684 -30.150 -45.606 1.00 70.39  ? 184 ASP C CA 1 
ATOM 926  C CA . CYS C 1 185 ? -17.732 -27.200 -43.484 1.00 63.47  ? 185 CYS C CA 1 
ATOM 927  C CA . SER C 1 186 ? -15.303 -25.772 -40.964 1.00 44.48  ? 186 SER C CA 1 
ATOM 928  C CA . PRO C 1 187 ? -14.911 -22.400 -39.285 1.00 60.34  ? 187 PRO C CA 1 
ATOM 929  C CA . ARG C 1 188 ? -12.119 -20.380 -40.636 1.00 62.33  ? 188 ARG C CA 1 
ATOM 930  C CA . THR C 1 189 ? -12.892 -28.535 -37.151 1.00 65.49  ? 189 THR C CA 1 
ATOM 931  C CA . GLY C 1 190 ? -14.053 -26.666 -34.166 1.00 81.15  ? 190 GLY C CA 1 
ATOM 932  C CA . LEU C 1 191 ? -12.161 -27.060 -36.954 1.00 64.14  ? 191 LEU C CA 1 
ATOM 933  C CA . ASP C 1 192 ? -16.844 -21.372 -25.645 1.00 66.96  ? 192 ASP C CA 1 
ATOM 934  C CA . PHE C 1 193 ? -12.868 -22.446 -30.150 1.00 55.22  ? 193 PHE C CA 1 
ATOM 935  C CA . ASN C 1 194 ? -6.701  -20.592 -29.348 1.00 42.45  ? 194 ASN C CA 1 
ATOM 936  C CA . GLU C 1 195 ? -7.370  -17.324 -28.250 1.00 52.98  ? 195 GLU C CA 1 
ATOM 937  C CA . MET C 1 196 ? -11.920 -16.778 -26.804 1.00 52.59  ? 196 MET C CA 1 
ATOM 938  C CA . VAL C 1 197 ? -13.985 -16.064 -23.748 1.00 53.04  ? 197 VAL C CA 1 
ATOM 939  C CA . LEU C 1 198 ? -17.577 -15.049 -23.679 1.00 46.65  ? 198 LEU C CA 1 
ATOM 940  C CA . LEU C 1 199 ? -17.898 -11.891 -21.609 1.00 39.35  ? 199 LEU C CA 1 
ATOM 941  C CA . THR C 1 200 ? -21.043 -10.781 -19.836 1.00 50.93  ? 200 THR C CA 1 
ATOM 942  C CA . MET C 1 201 ? -21.575 -7.389  -18.235 1.00 61.64  ? 201 MET C CA 1 
ATOM 943  C CA . LYS C 1 202 ? -25.197 -6.812  -17.166 1.00 61.60  ? 202 LYS C CA 1 
ATOM 944  C CA . GLU C 1 203 ? -27.267 -7.004  -20.354 1.00 83.31  ? 203 GLU C CA 1 
ATOM 945  C CA . LYS C 1 204 ? -24.540 -7.359  -23.028 1.00 55.65  ? 204 LYS C CA 1 
ATOM 946  C CA . SER C 1 205 ? -22.266 -10.201 -24.159 1.00 66.06  ? 205 SER C CA 1 
ATOM 947  C CA . TRP C 1 206 ? -19.012 -9.465  -25.782 1.00 44.75  ? 206 TRP C CA 1 
ATOM 948  C CA . LEU C 1 207 ? -16.488 -11.993 -27.028 1.00 49.95  ? 207 LEU C CA 1 
ATOM 949  C CA . VAL C 1 208 ? -12.753 -11.450 -26.201 1.00 25.61  ? 208 VAL C CA 1 
ATOM 950  C CA . HIS C 1 209 ? -9.361  -13.158 -26.286 1.00 41.88  ? 209 HIS C CA 1 
ATOM 951  C CA . LYS C 1 210 ? -8.801  -15.154 -23.065 1.00 33.67  ? 210 LYS C CA 1 
ATOM 952  C CA . GLN C 1 211 ? -5.421  -13.761 -22.212 1.00 49.97  ? 211 GLN C CA 1 
ATOM 953  C CA . TRP C 1 212 ? -6.674  -10.171 -22.509 1.00 47.38  ? 212 TRP C CA 1 
ATOM 954  C CA . PHE C 1 213 ? -9.602  -11.071 -20.320 1.00 37.87  ? 213 PHE C CA 1 
ATOM 955  C CA . LEU C 1 214 ? -7.413  -12.642 -17.707 1.00 48.28  ? 214 LEU C CA 1 
ATOM 956  C CA . ASP C 1 215 ? -5.385  -9.551  -17.358 1.00 57.51  ? 215 ASP C CA 1 
ATOM 957  C CA . LEU C 1 216 ? -7.922  -6.902  -16.523 1.00 48.03  ? 216 LEU C CA 1 
ATOM 958  C CA . PRO C 1 217 ? -7.081  -4.948  -13.278 1.00 47.70  ? 217 PRO C CA 1 
ATOM 959  C CA . LEU C 1 218 ? -9.772  -6.082  -10.824 1.00 40.93  ? 218 LEU C CA 1 
ATOM 960  C CA . PRO C 1 219 ? -10.765 -8.132  -7.850  1.00 50.29  ? 219 PRO C CA 1 
ATOM 961  C CA . TRP C 1 220 ? -11.767 -11.700 -9.178  1.00 37.89  ? 220 TRP C CA 1 
ATOM 962  C CA . THR C 1 221 ? -12.808 -15.235 -8.067  1.00 43.90  ? 221 THR C CA 1 
ATOM 963  C CA . SER C 1 222 ? -12.597 -18.710 -9.519  1.00 36.80  ? 222 SER C CA 1 
ATOM 964  C CA . GLY C 1 223 ? -16.132 -19.159 -10.849 1.00 54.10  ? 223 GLY C CA 1 
ATOM 965  C CA . GLU C 1 229 ? -17.405 -16.407 -1.491  1.00 77.64  ? 229 GLU C CA 1 
ATOM 966  C CA . THR C 1 230 ? -13.940 -14.951 -1.809  1.00 70.18  ? 230 THR C CA 1 
ATOM 967  C CA . TRP C 1 231 ? -12.527 -11.894 -3.672  1.00 59.60  ? 231 TRP C CA 1 
ATOM 968  C CA . ASN C 1 232 ? -8.892  -11.456 -4.802  1.00 51.90  ? 232 ASN C CA 1 
ATOM 969  C CA . ARG C 1 233 ? -6.715  -8.387  -4.982  1.00 60.91  ? 233 ARG C CA 1 
ATOM 970  C CA . GLN C 1 234 ? -9.706  -6.678  -3.504  1.00 68.98  ? 234 GLN C CA 1 
ATOM 971  C CA . ASP C 1 235 ? -7.408  -3.762  -3.003  1.00 72.62  ? 235 ASP C CA 1 
ATOM 972  C CA . LEU C 1 236 ? -7.521  -2.866  -6.651  1.00 49.03  ? 236 LEU C CA 1 
ATOM 973  C CA . LEU C 1 237 ? -10.652 -0.929  -5.828  1.00 49.29  ? 237 LEU C CA 1 
ATOM 974  C CA . VAL C 1 238 ? -10.306 -0.207  -2.147  1.00 37.62  ? 238 VAL C CA 1 
ATOM 975  C CA . THR C 1 239 ? -7.476  1.810   -0.822  1.00 68.46  ? 239 THR C CA 1 
ATOM 976  C CA . PHE C 1 240 ? -6.262  3.519   2.292   1.00 87.98  ? 240 PHE C CA 1 
ATOM 977  C CA . LYS C 1 241 ? -5.011  7.073   2.522   1.00 110.77 ? 241 LYS C CA 1 
ATOM 978  C CA . THR C 1 242 ? -3.115  9.058   5.149   1.00 138.00 ? 242 THR C CA 1 
ATOM 979  C CA . ALA C 1 243 ? -4.107  7.716   8.551   1.00 123.99 ? 243 ALA C CA 1 
ATOM 980  C CA . HIS C 1 244 ? -4.977  10.236  11.287  1.00 115.29 ? 244 HIS C CA 1 
ATOM 981  C CA . ALA C 1 245 ? -4.384  10.234  15.050  1.00 116.96 ? 245 ALA C CA 1 
ATOM 982  C CA . GLN C 1 248 ? -7.335  5.746   8.918   1.00 90.28  ? 248 GLN C CA 1 
ATOM 983  C CA . GLU C 1 249 ? -9.688  6.233   5.859   1.00 97.67  ? 249 GLU C CA 1 
ATOM 984  C CA . ALA C 1 250 ? -10.290 4.042   2.821   1.00 80.53  ? 250 ALA C CA 1 
ATOM 985  C CA . VAL C 1 251 ? -10.952 5.255   -0.698  1.00 72.11  ? 251 VAL C CA 1 
ATOM 986  C CA . VAL C 1 252 ? -12.422 3.539   -3.750  1.00 63.72  ? 252 VAL C CA 1 
ATOM 987  C CA . LEU C 1 253 ? -12.893 4.036   -7.501  1.00 66.22  ? 253 LEU C CA 1 
ATOM 988  C CA . GLY C 1 254 ? -16.422 4.055   -8.917  1.00 57.00  ? 254 GLY C CA 1 
ATOM 989  C CA . SER C 1 255 ? -18.854 1.891   -10.895 1.00 70.66  ? 255 SER C CA 1 
ATOM 990  C CA . GLN C 1 256 ? -16.946 0.212   -13.701 1.00 62.07  ? 256 GLN C CA 1 
ATOM 991  C CA . GLU C 1 257 ? -19.647 -0.076  -16.411 1.00 55.45  ? 257 GLU C CA 1 
ATOM 992  C CA . GLY C 1 258 ? -18.133 2.937   -18.118 1.00 67.56  ? 258 GLY C CA 1 
ATOM 993  C CA . ALA C 1 259 ? -14.440 2.273   -17.593 1.00 66.79  ? 259 ALA C CA 1 
ATOM 994  C CA . MET C 1 260 ? -15.019 -0.972  -19.426 1.00 53.42  ? 260 MET C CA 1 
ATOM 995  C CA . HIS C 1 261 ? -17.365 -0.017  -22.189 1.00 51.27  ? 261 HIS C CA 1 
ATOM 996  C CA . THR C 1 262 ? -14.553 2.182   -23.464 1.00 60.66  ? 262 THR C CA 1 
ATOM 997  C CA . ALA C 1 263 ? -12.164 -0.817  -22.991 1.00 55.34  ? 263 ALA C CA 1 
ATOM 998  C CA . LEU C 1 264 ? -14.360 -3.415  -24.770 1.00 56.30  ? 264 LEU C CA 1 
ATOM 999  C CA . THR C 1 265 ? -14.158 -1.116  -27.775 1.00 49.39  ? 265 THR C CA 1 
ATOM 1000 C CA . GLY C 1 266 ? -12.649 -3.263  -30.593 1.00 63.22  ? 266 GLY C CA 1 
ATOM 1001 C CA . ALA C 1 267 ? -14.601 -6.304  -29.205 1.00 57.04  ? 267 ALA C CA 1 
ATOM 1002 C CA . THR C 1 268 ? -16.866 -8.482  -31.320 1.00 60.47  ? 268 THR C CA 1 
ATOM 1003 C CA . GLU C 1 269 ? -20.337 -7.868  -29.844 1.00 62.08  ? 269 GLU C CA 1 
ATOM 1004 C CA . ILE C 1 270 ? -22.918 -10.779 -29.534 1.00 63.63  ? 270 ILE C CA 1 
ATOM 1005 C CA . GLN C 1 271 ? -26.677 -11.282 -29.209 1.00 84.12  ? 271 GLN C CA 1 
ATOM 1006 C CA . THR C 1 272 ? -27.251 -13.687 -26.291 1.00 84.57  ? 272 THR C CA 1 
ATOM 1007 C CA . SER C 1 273 ? -30.305 -14.788 -24.215 1.00 76.19  ? 273 SER C CA 1 
ATOM 1008 C CA . GLY C 1 274 ? -29.858 -16.335 -20.800 1.00 51.01  ? 274 GLY C CA 1 
ATOM 1009 C CA . THR C 1 275 ? -27.528 -19.196 -21.416 1.00 42.39  ? 275 THR C CA 1 
ATOM 1010 C CA . THR C 1 276 ? -28.107 -19.728 -25.041 1.00 56.02  ? 276 THR C CA 1 
ATOM 1011 C CA . THR C 1 277 ? -25.979 -17.872 -27.459 1.00 43.40  ? 277 THR C CA 1 
ATOM 1012 C CA . ILE C 1 278 ? -26.439 -18.081 -31.169 1.00 43.90  ? 278 ILE C CA 1 
ATOM 1013 C CA . PHE C 1 279 ? -23.831 -18.139 -33.949 1.00 40.07  ? 279 PHE C CA 1 
ATOM 1014 C CA . ALA C 1 280 ? -21.783 -15.887 -37.937 1.00 29.61  ? 280 ALA C CA 1 
ATOM 1015 C CA . GLY C 1 281 ? -18.934 -16.633 -38.148 1.00 39.17  ? 281 GLY C CA 1 
ATOM 1016 C CA . HIS C 1 282 ? -16.630 -17.297 -41.305 1.00 40.57  ? 282 HIS C CA 1 
ATOM 1017 C CA . LEU C 1 283 ? -17.098 -20.824 -42.567 1.00 39.57  ? 283 LEU C CA 1 
ATOM 1018 C CA . LYS C 1 284 ? -15.222 -22.768 -45.175 1.00 28.35  ? 284 LYS C CA 1 
ATOM 1019 C CA . CYS C 1 285 ? -16.828 -25.646 -47.123 1.00 48.95  ? 285 CYS C CA 1 
ATOM 1020 C CA . ARG C 1 286 ? -16.466 -28.010 -49.920 1.00 40.85  ? 286 ARG C CA 1 
ATOM 1021 C CA . LEU C 1 287 ? -19.497 -29.219 -51.844 1.00 28.18  ? 287 LEU C CA 1 
ATOM 1022 C CA . LYS C 1 288 ? -19.544 -32.712 -53.183 1.00 33.20  ? 288 LYS C CA 1 
ATOM 1023 C CA . MET C 1 289 ? -22.054 -33.280 -55.870 1.00 56.04  ? 289 MET C CA 1 
ATOM 1024 C CA . ASP C 1 290 ? -22.606 -35.533 -58.773 1.00 69.82  ? 290 ASP C CA 1 
ATOM 1025 C CA . LYS C 1 291 ? -22.919 -31.735 -56.871 1.00 44.01  ? 291 LYS C CA 1 
ATOM 1026 C CA . LEU C 1 292 ? -25.427 -29.466 -59.174 1.00 55.36  ? 292 LEU C CA 1 
ATOM 1027 C CA . THR C 1 293 ? -26.834 -33.501 -61.377 1.00 55.38  ? 293 THR C CA 1 
ATOM 1028 C CA . LEU C 1 294 ? -27.183 -32.933 -62.480 1.00 54.55  ? 294 LEU C CA 1 
ATOM 1029 C CA . LYS C 1 295 ? -30.738 -33.334 -65.737 1.00 49.50  ? 295 LYS C CA 1 
ATOM 1030 C CA . GLY C 1 296 ? -30.391 -30.361 -67.933 1.00 63.94  ? 296 GLY C CA 1 
ATOM 1031 C CA . ILE C 1 297 ? -34.922 -27.948 -66.380 1.00 65.10  ? 297 ILE C CA 1 
ATOM 1032 C CA . SER C 1 298 ? -35.017 -31.774 -74.924 1.00 83.23  ? 298 SER C CA 1 
ATOM 1033 C CA . TYR C 1 299 ? -39.560 -28.928 -69.413 1.00 64.87  ? 299 TYR C CA 1 
ATOM 1034 C CA . VAL C 1 300 ? -40.820 -26.834 -75.444 1.00 75.24  ? 300 VAL C CA 1 
ATOM 1035 C CA . MET C 1 301 ? -39.687 -23.368 -76.763 1.00 65.98  ? 301 MET C CA 1 
ATOM 1036 C CA . CYS C 1 302 ? -42.293 -20.649 -75.844 1.00 71.64  ? 302 CYS C CA 1 
ATOM 1037 C CA . THR C 1 303 ? -44.713 -18.960 -78.379 1.00 54.72  ? 303 THR C CA 1 
ATOM 1038 C CA . GLY C 1 304 ? -46.910 -16.795 -76.219 1.00 61.20  ? 304 GLY C CA 1 
ATOM 1039 C CA . SER C 1 305 ? -45.580 -13.243 -75.940 1.00 69.28  ? 305 SER C CA 1 
ATOM 1040 C CA . PHE C 1 306 ? -44.036 -11.554 -72.905 1.00 55.48  ? 306 PHE C CA 1 
ATOM 1041 C CA . LYS C 1 307 ? -45.285 -8.544  -70.962 1.00 47.28  ? 307 LYS C CA 1 
ATOM 1042 C CA . LEU C 1 308 ? -42.631 -6.618  -69.024 1.00 49.03  ? 308 LEU C CA 1 
ATOM 1043 C CA . GLU C 1 309 ? -43.794 -6.780  -65.365 1.00 54.29  ? 309 GLU C CA 1 
ATOM 1044 C CA . LYS C 1 310 ? -41.330 -4.404  -63.670 1.00 71.18  ? 310 LYS C CA 1 
ATOM 1045 C CA . GLU C 1 311 ? -38.627 -2.332  -65.266 1.00 75.32  ? 311 GLU C CA 1 
ATOM 1046 C CA . VAL C 1 312 ? -35.131 -3.633  -65.956 1.00 54.43  ? 312 VAL C CA 1 
ATOM 1047 C CA . ALA C 1 313 ? -33.058 -3.265  -62.776 1.00 63.77  ? 313 ALA C CA 1 
ATOM 1048 C CA . GLU C 1 314 ? -29.288 -3.540  -62.278 1.00 72.90  ? 314 GLU C CA 1 
ATOM 1049 C CA . THR C 1 315 ? -28.076 -6.079  -59.673 1.00 71.34  ? 315 THR C CA 1 
ATOM 1050 C CA . GLN C 1 316 ? -25.345 -5.925  -57.087 1.00 77.70  ? 316 GLN C CA 1 
ATOM 1051 C CA . HIS C 1 317 ? -23.663 -9.111  -58.377 1.00 58.87  ? 317 HIS C CA 1 
ATOM 1052 C CA . GLY C 1 318 ? -23.199 -7.023  -61.608 1.00 62.47  ? 318 GLY C CA 1 
ATOM 1053 C CA . THR C 1 319 ? -25.928 -8.479  -63.880 1.00 69.52  ? 319 THR C CA 1 
ATOM 1054 C CA . VAL C 1 320 ? -29.204 -6.895  -65.176 1.00 56.27  ? 320 VAL C CA 1 
ATOM 1055 C CA . LEU C 1 321 ? -32.523 -8.383  -63.978 1.00 52.80  ? 321 LEU C CA 1 
ATOM 1056 C CA . VAL C 1 322 ? -35.649 -8.208  -66.125 1.00 44.01  ? 322 VAL C CA 1 
ATOM 1057 C CA . GLN C 1 323 ? -38.975 -9.596  -64.974 1.00 53.89  ? 323 GLN C CA 1 
ATOM 1058 C CA . VAL C 1 324 ? -41.270 -10.871 -67.678 1.00 49.68  ? 324 VAL C CA 1 
ATOM 1059 C CA . LYS C 1 325 ? -44.764 -12.307 -67.724 1.00 52.68  ? 325 LYS C CA 1 
ATOM 1060 C CA . TYR C 1 326 ? -46.000 -14.910 -70.101 1.00 65.54  ? 326 TYR C CA 1 
ATOM 1061 C CA . GLU C 1 327 ? -49.391 -14.633 -71.841 1.00 96.00  ? 327 GLU C CA 1 
ATOM 1062 C CA . GLY C 1 328 ? -49.707 -18.080 -73.606 1.00 93.13  ? 328 GLY C CA 1 
ATOM 1063 C CA . THR C 1 329 ? -50.993 -21.675 -73.034 1.00 80.62  ? 329 THR C CA 1 
ATOM 1064 C CA . ASP C 1 330 ? -47.584 -23.384 -72.965 1.00 79.66  ? 330 ASP C CA 1 
ATOM 1065 C CA . ALA C 1 331 ? -46.597 -23.877 -69.281 1.00 99.06  ? 331 ALA C CA 1 
ATOM 1066 C CA . PRO C 1 332 ? -44.003 -25.394 -69.240 1.00 92.09  ? 332 PRO C CA 1 
ATOM 1067 C CA . CYS C 1 333 ? -41.660 -23.948 -71.860 1.00 69.90  ? 333 CYS C CA 1 
ATOM 1068 C CA . LYS C 1 334 ? -38.111 -22.565 -72.508 1.00 49.19  ? 334 LYS C CA 1 
ATOM 1069 C CA . ILE C 1 335 ? -38.038 -18.731 -72.898 1.00 55.72  ? 335 ILE C CA 1 
ATOM 1070 C CA . PRO C 1 336 ? -36.538 -17.595 -76.250 1.00 58.06  ? 336 PRO C CA 1 
ATOM 1071 C CA . PHE C 1 337 ? -34.121 -14.721 -75.430 1.00 55.87  ? 337 PHE C CA 1 
ATOM 1072 C CA . SER C 1 338 ? -31.472 -12.829 -77.436 1.00 57.08  ? 338 SER C CA 1 
ATOM 1073 C CA . SER C 1 339 ? -28.900 -9.992  -77.027 1.00 56.50  ? 339 SER C CA 1 
ATOM 1074 C CA . GLN C 1 340 ? -27.533 -7.470  -79.527 1.00 58.32  ? 340 GLN C CA 1 
ATOM 1075 C CA . ASP C 1 341 ? -24.821 -4.773  -79.058 1.00 77.78  ? 341 ASP C CA 1 
ATOM 1076 C CA . GLU C 1 342 ? -24.874 -1.167  -80.440 1.00 93.96  ? 342 GLU C CA 1 
ATOM 1077 C CA . LYS C 1 343 ? -23.717 -2.424  -83.838 1.00 91.44  ? 343 LYS C CA 1 
ATOM 1078 C CA . GLY C 1 344 ? -26.667 -4.875  -83.805 1.00 82.32  ? 344 GLY C CA 1 
ATOM 1079 C CA . VAL C 1 345 ? -24.823 -8.259  -83.541 1.00 67.33  ? 345 VAL C CA 1 
ATOM 1080 C CA . THR C 1 346 ? -26.439 -11.257 -81.884 1.00 79.16  ? 346 THR C CA 1 
ATOM 1081 C CA . GLN C 1 347 ? -23.917 -12.304 -79.224 1.00 66.83  ? 347 GLN C CA 1 
ATOM 1082 C CA . ASN C 1 348 ? -24.813 -15.838 -78.151 1.00 74.03  ? 348 ASN C CA 1 
ATOM 1083 C CA . GLY C 1 349 ? -24.328 -15.680 -74.391 1.00 70.33  ? 349 GLY C CA 1 
ATOM 1084 C CA . ARG C 1 350 ? -24.590 -12.822 -71.847 1.00 60.61  ? 350 ARG C CA 1 
ATOM 1085 C CA . LEU C 1 351 ? -27.340 -14.826 -70.046 1.00 59.24  ? 351 LEU C CA 1 
ATOM 1086 C CA . VAL C 1 352 ? -26.714 -15.462 -66.319 1.00 45.78  ? 352 VAL C CA 1 
ATOM 1087 C CA . THR C 1 353 ? -30.077 -17.276 -65.859 1.00 56.64  ? 353 THR C CA 1 
ATOM 1088 C CA . ALA C 1 354 ? -28.893 -20.375 -67.692 1.00 73.40  ? 354 ALA C CA 1 
ATOM 1089 C CA . ASN C 1 355 ? -32.234 -22.068 -68.497 1.00 79.99  ? 355 ASN C CA 1 
ATOM 1090 C CA . PRO C 1 356 ? -35.131 -19.530 -67.953 1.00 66.35  ? 356 PRO C CA 1 
ATOM 1091 C CA . ILE C 1 357 ? -38.416 -21.511 -68.237 1.00 52.66  ? 357 ILE C CA 1 
ATOM 1092 C CA . VAL C 1 358 ? -42.117 -20.758 -67.723 1.00 56.15  ? 358 VAL C CA 1 
ATOM 1093 C CA . THR C 1 359 ? -43.161 -23.165 -64.938 1.00 73.92  ? 359 THR C CA 1 
ATOM 1094 C CA . ASP C 1 360 ? -46.639 -21.677 -64.941 1.00 75.94  ? 360 ASP C CA 1 
ATOM 1095 C CA . LYS C 1 361 ? -48.080 -18.384 -66.173 1.00 77.22  ? 361 LYS C CA 1 
ATOM 1096 C CA . GLU C 1 362 ? -49.173 -16.085 -63.236 1.00 75.26  ? 362 GLU C CA 1 
ATOM 1097 C CA . LYS C 1 363 ? -45.623 -16.464 -61.842 1.00 61.28  ? 363 LYS C CA 1 
ATOM 1098 C CA . PRO C 1 364 ? -43.611 -13.756 -63.512 1.00 68.14  ? 364 PRO C CA 1 
ATOM 1099 C CA . VAL C 1 365 ? -40.170 -14.973 -64.465 1.00 57.41  ? 365 VAL C CA 1 
ATOM 1100 C CA . ASN C 1 366 ? -36.833 -13.360 -63.841 1.00 68.81  ? 366 ASN C CA 1 
ATOM 1101 C CA . ILE C 1 367 ? -33.998 -13.176 -66.291 1.00 56.93  ? 367 ILE C CA 1 
ATOM 1102 C CA . GLU C 1 368 ? -30.559 -12.292 -65.165 1.00 37.94  ? 368 GLU C CA 1 
ATOM 1103 C CA . ALA C 1 369 ? -28.356 -11.206 -68.087 1.00 46.42  ? 369 ALA C CA 1 
ATOM 1104 C CA . GLU C 1 370 ? -24.921 -9.468  -68.205 1.00 47.04  ? 370 GLU C CA 1 
ATOM 1105 C CA . PRO C 1 371 ? -25.440 -6.940  -71.091 1.00 44.59  ? 371 PRO C CA 1 
ATOM 1106 C CA . PRO C 1 372 ? -22.437 -5.466  -73.069 1.00 55.70  ? 372 PRO C CA 1 
ATOM 1107 C CA . PHE C 1 373 ? -20.889 -2.020  -72.696 1.00 60.48  ? 373 PHE C CA 1 
ATOM 1108 C CA . GLY C 1 374 ? -22.675 0.736   -74.603 1.00 76.78  ? 374 GLY C CA 1 
ATOM 1109 C CA . GLU C 1 375 ? -26.182 0.512   -76.089 1.00 83.17  ? 375 GLU C CA 1 
ATOM 1110 C CA . SER C 1 376 ? -27.526 -3.064  -75.752 1.00 70.75  ? 376 SER C CA 1 
ATOM 1111 C CA . TYR C 1 377 ? -30.687 -4.511  -77.310 1.00 63.28  ? 377 TYR C CA 1 
ATOM 1112 C CA . ILE C 1 378 ? -32.262 -7.357  -75.323 1.00 55.09  ? 378 ILE C CA 1 
ATOM 1113 C CA . VAL C 1 379 ? -34.973 -9.403  -77.026 1.00 47.34  ? 379 VAL C CA 1 
ATOM 1114 C CA . VAL C 1 380 ? -37.366 -11.737 -75.254 1.00 46.75  ? 380 VAL C CA 1 
ATOM 1115 C CA . GLY C 1 381 ? -39.882 -13.885 -77.129 1.00 72.93  ? 381 GLY C CA 1 
ATOM 1116 C CA . ALA C 1 382 ? -40.294 -15.671 -80.449 1.00 77.41  ? 382 ALA C CA 1 
ATOM 1117 C CA . GLY C 1 383 ? -41.722 -13.975 -83.597 1.00 78.90  ? 383 GLY C CA 1 
ATOM 1118 C CA . GLU C 1 384 ? -43.496 -10.589 -83.610 1.00 70.36  ? 384 GLU C CA 1 
ATOM 1119 C CA . LYS C 1 385 ? -44.791 -9.397  -80.137 1.00 74.15  ? 385 LYS C CA 1 
ATOM 1120 C CA . ALA C 1 386 ? -41.309 -10.133 -78.687 1.00 49.74  ? 386 ALA C CA 1 
ATOM 1121 C CA . LEU C 1 387 ? -40.084 -7.449  -76.208 1.00 43.52  ? 387 LEU C CA 1 
ATOM 1122 C CA . LYS C 1 388 ? -37.062 -5.369  -77.420 1.00 49.67  ? 388 LYS C CA 1 
ATOM 1123 C CA . LEU C 1 389 ? -35.454 -3.442  -74.542 1.00 60.44  ? 389 LEU C CA 1 
ATOM 1124 C CA . SER C 1 390 ? -32.736 -0.916  -74.908 1.00 54.37  ? 390 SER C CA 1 
ATOM 1125 C CA . TRP C 1 391 ? -30.138 -0.867  -72.112 1.00 66.84  ? 391 TRP C CA 1 
ATOM 1126 C CA . PHE C 1 392 ? -27.102 1.302   -71.301 1.00 59.35  ? 392 PHE C CA 1 
ATOM 1127 C CA . LYS C 1 393 ? -23.705 0.392   -69.749 1.00 59.49  ? 393 LYS C CA 1 
ATOM 1128 C CA . LYS C 1 394 ? -20.498 2.333   -68.858 1.00 57.32  ? 394 LYS C CA 1 
# 
